data_6AHQ
#
_entry.id   6AHQ
#
_cell.length_a   162.139
_cell.length_b   162.139
_cell.length_c   302.134
_cell.angle_alpha   90.000
_cell.angle_beta   90.000
_cell.angle_gamma   90.000
#
_symmetry.space_group_name_H-M   'P 42 21 2'
#
_entity_poly.entity_id   1
_entity_poly.type   'polypeptide(L)'
_entity_poly.pdbx_seq_one_letter_code
;HMGSDEPAQAEASQQVQAKASDASPIAYVNLPQAFVFNVTGDSRDRLVQIKAQLMVRGAENEELARYHSPLIESSLLSTF
ASATVDQLRSPTGRVELRDRASEDIKAALNAAVGKPVIEKVLFTDFVIQ
;
_entity_poly.pdbx_strand_id   A,B,C,D,E,F,G,H,I,J,K,L,M,N,O,P,Q,R,S,T
#
# COMPACT_ATOMS: atom_id res chain seq x y z
N ASP A 22 48.53 14.84 0.84
CA ASP A 22 48.90 15.61 -0.35
C ASP A 22 47.77 15.61 -1.37
N ALA A 23 47.71 14.56 -2.18
CA ALA A 23 46.68 14.41 -3.21
C ALA A 23 45.82 13.20 -2.82
N SER A 24 44.81 13.46 -1.99
CA SER A 24 43.86 12.45 -1.57
C SER A 24 42.68 12.41 -2.53
N PRO A 25 41.94 11.29 -2.56
CA PRO A 25 40.76 11.22 -3.42
C PRO A 25 39.74 12.30 -3.05
N ILE A 26 39.23 12.97 -4.07
CA ILE A 26 38.23 14.01 -3.85
C ILE A 26 36.92 13.38 -3.39
N ALA A 27 36.22 14.08 -2.50
CA ALA A 27 34.91 13.66 -2.02
C ALA A 27 34.01 14.89 -1.92
N TYR A 28 32.72 14.68 -2.15
CA TYR A 28 31.74 15.75 -2.15
C TYR A 28 30.73 15.51 -1.03
N VAL A 29 30.66 16.43 -0.08
CA VAL A 29 29.73 16.36 1.03
C VAL A 29 28.56 17.28 0.73
N ASN A 30 27.34 16.74 0.83
CA ASN A 30 26.14 17.49 0.50
C ASN A 30 25.61 18.20 1.74
N LEU A 31 25.40 19.51 1.61
CA LEU A 31 24.65 20.27 2.61
C LEU A 31 23.20 20.34 2.15
N PRO A 32 22.32 19.49 2.68
CA PRO A 32 20.98 19.36 2.07
C PRO A 32 20.11 20.59 2.25
N GLN A 33 20.35 21.39 3.27
CA GLN A 33 19.54 22.58 3.49
C GLN A 33 19.83 23.63 2.41
N ALA A 34 18.77 24.16 1.82
CA ALA A 34 18.88 25.26 0.86
C ALA A 34 18.95 26.58 1.61
N PHE A 35 19.90 27.42 1.24
CA PHE A 35 20.12 28.70 1.90
C PHE A 35 19.22 29.76 1.25
N VAL A 36 18.18 30.16 1.97
CA VAL A 36 17.33 31.28 1.56
C VAL A 36 17.61 32.45 2.50
N PHE A 37 17.88 33.61 1.92
CA PHE A 37 18.13 34.80 2.72
C PHE A 37 17.81 36.03 1.89
N ASN A 38 17.60 37.15 2.59
CA ASN A 38 17.19 38.40 1.97
C ASN A 38 18.43 39.29 1.80
N VAL A 39 18.81 39.54 0.56
CA VAL A 39 19.87 40.49 0.27
C VAL A 39 19.32 41.90 0.44
N THR A 40 20.18 42.82 0.88
CA THR A 40 19.76 44.19 1.20
C THR A 40 19.50 44.93 -0.10
N GLY A 41 18.35 44.62 -0.71
CA GLY A 41 18.03 45.16 -2.01
C GLY A 41 17.79 46.65 -1.98
N ASP A 42 18.05 47.29 -3.13
CA ASP A 42 17.86 48.73 -3.29
C ASP A 42 16.55 49.04 -4.00
N SER A 43 16.35 48.49 -5.19
CA SER A 43 15.09 48.70 -5.91
C SER A 43 13.92 48.06 -5.17
N ARG A 44 14.07 46.80 -4.79
CA ARG A 44 13.07 46.10 -3.98
C ARG A 44 13.80 45.12 -3.08
N ASP A 45 13.04 44.44 -2.23
CA ASP A 45 13.60 43.44 -1.32
C ASP A 45 13.66 42.11 -2.07
N ARG A 46 14.83 41.80 -2.64
CA ARG A 46 15.02 40.57 -3.41
C ARG A 46 15.56 39.47 -2.52
N LEU A 47 15.08 38.25 -2.76
CA LEU A 47 15.56 37.08 -2.03
C LEU A 47 16.73 36.44 -2.76
N VAL A 48 17.36 35.47 -2.10
CA VAL A 48 18.47 34.71 -2.68
C VAL A 48 18.34 33.26 -2.24
N GLN A 49 18.42 32.34 -3.20
CA GLN A 49 18.38 30.91 -2.94
C GLN A 49 19.71 30.31 -3.37
N ILE A 50 20.50 29.87 -2.39
CA ILE A 50 21.82 29.29 -2.64
C ILE A 50 21.83 27.86 -2.14
N LYS A 51 22.22 26.92 -3.01
CA LYS A 51 22.38 25.52 -2.66
C LYS A 51 23.86 25.17 -2.79
N ALA A 52 24.45 24.66 -1.72
CA ALA A 52 25.89 24.49 -1.64
C ALA A 52 26.27 23.03 -1.40
N GLN A 53 27.49 22.70 -1.84
CA GLN A 53 28.11 21.40 -1.57
C GLN A 53 29.59 21.63 -1.27
N LEU A 54 30.15 20.73 -0.46
CA LEU A 54 31.53 20.84 -0.02
C LEU A 54 32.42 19.88 -0.77
N MET A 55 33.59 20.37 -1.21
CA MET A 55 34.59 19.57 -1.90
C MET A 55 35.76 19.35 -0.96
N VAL A 56 35.97 18.09 -0.55
CA VAL A 56 37.02 17.74 0.39
C VAL A 56 37.89 16.64 -0.20
N ARG A 57 39.11 16.55 0.31
CA ARG A 57 40.06 15.50 -0.05
C ARG A 57 40.46 14.75 1.21
N GLY A 58 40.32 13.42 1.18
CA GLY A 58 40.66 12.60 2.32
C GLY A 58 39.43 12.06 3.03
N ALA A 59 39.46 10.76 3.35
CA ALA A 59 38.31 10.13 3.99
C ALA A 59 38.06 10.69 5.39
N GLU A 60 39.11 11.14 6.08
CA GLU A 60 38.91 11.72 7.40
C GLU A 60 38.24 13.09 7.30
N ASN A 61 38.61 13.88 6.29
CA ASN A 61 37.96 15.17 6.09
C ASN A 61 36.51 15.02 5.66
N GLU A 62 36.18 13.92 4.98
CA GLU A 62 34.82 13.73 4.50
C GLU A 62 33.84 13.57 5.66
N GLU A 63 34.18 12.70 6.62
CA GLU A 63 33.29 12.51 7.77
C GLU A 63 33.41 13.63 8.79
N LEU A 64 34.52 14.38 8.78
CA LEU A 64 34.59 15.59 9.60
C LEU A 64 33.62 16.65 9.10
N ALA A 65 33.55 16.83 7.77
CA ALA A 65 32.64 17.82 7.20
C ALA A 65 31.19 17.43 7.46
N ARG A 66 30.88 16.13 7.42
CA ARG A 66 29.52 15.68 7.68
C ARG A 66 29.14 15.89 9.14
N TYR A 67 30.04 15.50 10.06
CA TYR A 67 29.73 15.61 11.49
C TYR A 67 29.58 17.07 11.91
N HIS A 68 30.33 17.97 11.29
CA HIS A 68 30.27 19.40 11.60
C HIS A 68 29.47 20.20 10.57
N SER A 69 28.59 19.52 9.82
CA SER A 69 27.75 20.23 8.87
C SER A 69 26.91 21.34 9.51
N PRO A 70 26.33 21.18 10.70
CA PRO A 70 25.65 22.33 11.32
C PRO A 70 26.57 23.52 11.53
N LEU A 71 27.82 23.29 11.95
CA LEU A 71 28.76 24.39 12.11
C LEU A 71 29.15 25.00 10.78
N ILE A 72 29.24 24.18 9.72
CA ILE A 72 29.63 24.69 8.41
C ILE A 72 28.49 25.49 7.80
N GLU A 73 27.25 25.03 7.98
CA GLU A 73 26.10 25.81 7.52
C GLU A 73 26.03 27.15 8.23
N SER A 74 26.39 27.18 9.51
CA SER A 74 26.39 28.43 10.26
C SER A 74 27.41 29.40 9.70
N SER A 75 28.57 28.90 9.28
CA SER A 75 29.59 29.75 8.69
C SER A 75 29.19 30.26 7.31
N LEU A 76 28.29 29.56 6.62
CA LEU A 76 27.81 30.04 5.33
C LEU A 76 26.78 31.14 5.48
N LEU A 77 25.94 31.06 6.52
CA LEU A 77 24.98 32.13 6.77
C LEU A 77 25.68 33.39 7.28
N SER A 78 26.80 33.23 7.97
CA SER A 78 27.51 34.39 8.50
C SER A 78 28.15 35.22 7.37
N THR A 79 28.65 34.55 6.34
CA THR A 79 29.25 35.29 5.22
C THR A 79 28.20 35.82 4.25
N PHE A 80 27.08 35.11 4.10
CA PHE A 80 26.00 35.62 3.26
C PHE A 80 25.32 36.83 3.85
N ALA A 81 25.46 37.06 5.16
CA ALA A 81 24.80 38.19 5.80
C ALA A 81 25.36 39.53 5.32
N SER A 82 26.60 39.55 4.87
CA SER A 82 27.25 40.77 4.40
C SER A 82 27.14 40.95 2.89
N ALA A 83 26.49 40.03 2.19
CA ALA A 83 26.40 40.10 0.74
C ALA A 83 25.48 41.23 0.31
N THR A 84 25.99 42.15 -0.50
CA THR A 84 25.19 43.22 -1.07
C THR A 84 24.56 42.74 -2.38
N VAL A 85 23.75 43.61 -2.99
CA VAL A 85 23.12 43.26 -4.26
C VAL A 85 24.17 43.20 -5.36
N ASP A 86 25.05 44.21 -5.42
CA ASP A 86 26.12 44.22 -6.40
C ASP A 86 27.11 43.08 -6.18
N GLN A 87 27.16 42.53 -4.96
CA GLN A 87 28.00 41.36 -4.71
C GLN A 87 27.50 40.14 -5.48
N LEU A 88 26.19 39.90 -5.44
CA LEU A 88 25.60 38.69 -5.99
C LEU A 88 25.25 38.79 -7.46
N ARG A 89 25.51 39.92 -8.11
CA ARG A 89 25.17 40.09 -9.52
C ARG A 89 26.38 40.17 -10.43
N SER A 90 27.54 40.59 -9.92
CA SER A 90 28.67 40.54 -10.86
C SER A 90 29.37 39.19 -10.73
N PRO A 91 29.78 38.59 -11.87
CA PRO A 91 30.50 37.32 -11.79
C PRO A 91 31.82 37.42 -11.06
N THR A 92 32.49 38.59 -11.12
CA THR A 92 33.68 38.81 -10.32
C THR A 92 33.34 38.87 -8.84
N GLY A 93 32.18 39.42 -8.49
CA GLY A 93 31.77 39.48 -7.10
C GLY A 93 31.28 38.16 -6.55
N ARG A 94 30.75 37.29 -7.41
CA ARG A 94 30.34 35.96 -6.97
C ARG A 94 31.55 35.10 -6.63
N VAL A 95 32.56 35.09 -7.52
CA VAL A 95 33.80 34.38 -7.22
C VAL A 95 34.47 34.96 -5.99
N GLU A 96 34.42 36.30 -5.86
CA GLU A 96 34.91 36.93 -4.63
C GLU A 96 34.14 36.43 -3.42
N LEU A 97 32.82 36.28 -3.54
CA LEU A 97 32.03 35.77 -2.43
C LEU A 97 32.29 34.29 -2.18
N ARG A 98 32.34 33.49 -3.26
CA ARG A 98 32.56 32.06 -3.12
C ARG A 98 33.89 31.76 -2.44
N ASP A 99 34.91 32.55 -2.74
CA ASP A 99 36.21 32.37 -2.08
C ASP A 99 36.13 32.75 -0.60
N ARG A 100 35.40 33.83 -0.30
CA ARG A 100 35.22 34.21 1.10
C ARG A 100 34.46 33.15 1.88
N ALA A 101 33.54 32.44 1.22
CA ALA A 101 32.81 31.37 1.89
C ALA A 101 33.74 30.20 2.22
N SER A 102 34.67 29.87 1.32
CA SER A 102 35.58 28.76 1.57
C SER A 102 36.54 29.09 2.71
N GLU A 103 37.16 30.28 2.67
CA GLU A 103 38.15 30.63 3.68
C GLU A 103 37.51 30.86 5.05
N ASP A 104 36.24 31.27 5.08
CA ASP A 104 35.57 31.45 6.36
C ASP A 104 35.18 30.13 6.99
N ILE A 105 34.72 29.17 6.18
CA ILE A 105 34.41 27.84 6.70
C ILE A 105 35.67 27.20 7.28
N LYS A 106 36.81 27.38 6.62
CA LYS A 106 38.06 26.86 7.15
C LYS A 106 38.39 27.49 8.50
N ALA A 107 38.41 28.83 8.56
CA ALA A 107 38.75 29.52 9.80
C ALA A 107 37.84 29.10 10.94
N ALA A 108 36.55 28.89 10.66
CA ALA A 108 35.64 28.39 11.69
C ALA A 108 36.05 27.01 12.16
N LEU A 109 36.23 26.08 11.22
CA LEU A 109 36.65 24.73 11.58
C LEU A 109 38.09 24.70 12.07
N ASN A 110 38.93 25.62 11.60
CA ASN A 110 40.32 25.65 12.04
C ASN A 110 40.43 26.01 13.51
N ALA A 111 39.52 26.85 14.01
CA ALA A 111 39.51 27.25 15.42
C ALA A 111 38.59 26.39 16.26
N ALA A 112 37.86 25.45 15.65
CA ALA A 112 36.94 24.58 16.36
C ALA A 112 37.47 23.17 16.54
N VAL A 113 38.00 22.57 15.47
CA VAL A 113 38.58 21.23 15.54
C VAL A 113 40.06 21.22 15.21
N GLY A 114 40.68 22.38 15.01
CA GLY A 114 42.10 22.45 14.74
C GLY A 114 42.52 22.08 13.35
N LYS A 115 41.58 21.83 12.44
CA LYS A 115 41.90 21.41 11.09
C LYS A 115 41.03 22.15 10.08
N PRO A 116 41.61 22.73 9.03
CA PRO A 116 40.80 23.20 7.90
C PRO A 116 40.27 22.01 7.12
N VAL A 117 38.98 21.73 7.25
CA VAL A 117 38.44 20.45 6.80
C VAL A 117 38.25 20.41 5.30
N ILE A 118 37.73 21.49 4.71
CA ILE A 118 37.30 21.48 3.33
C ILE A 118 38.39 22.07 2.44
N GLU A 119 38.25 21.86 1.14
CA GLU A 119 39.09 22.49 0.12
C GLU A 119 38.38 23.67 -0.55
N LYS A 120 37.16 23.44 -1.03
CA LYS A 120 36.35 24.49 -1.64
C LYS A 120 34.89 24.28 -1.22
N VAL A 121 34.09 25.32 -1.43
CA VAL A 121 32.64 25.22 -1.32
C VAL A 121 32.04 25.47 -2.70
N LEU A 122 31.15 24.59 -3.13
CA LEU A 122 30.56 24.66 -4.46
C LEU A 122 29.12 25.14 -4.36
N PHE A 123 28.70 25.91 -5.37
CA PHE A 123 27.33 26.40 -5.48
C PHE A 123 26.70 25.73 -6.70
N THR A 124 25.72 24.87 -6.47
CA THR A 124 25.04 24.14 -7.55
C THR A 124 23.68 24.73 -7.90
N ASP A 125 23.21 25.73 -7.16
CA ASP A 125 21.93 26.37 -7.46
C ASP A 125 21.97 27.78 -6.89
N PHE A 126 21.76 28.78 -7.73
CA PHE A 126 21.95 30.18 -7.34
C PHE A 126 20.98 31.03 -8.15
N VAL A 127 19.84 31.37 -7.53
CA VAL A 127 18.87 32.28 -8.14
C VAL A 127 18.64 33.45 -7.19
N ILE A 128 18.17 34.56 -7.76
CA ILE A 128 17.85 35.76 -7.00
C ILE A 128 16.40 36.17 -7.16
N GLN A 129 15.88 36.13 -8.39
CA GLN A 129 14.50 36.53 -8.67
C GLN A 129 14.25 37.98 -8.27
N ASP B 22 39.74 12.53 27.42
CA ASP B 22 39.10 12.95 26.18
C ASP B 22 39.33 14.44 25.92
N ALA B 23 38.53 15.02 25.03
CA ALA B 23 38.62 16.44 24.71
C ALA B 23 37.24 17.10 24.72
N SER B 24 36.24 16.46 25.35
CA SER B 24 34.85 16.92 25.32
C SER B 24 34.42 17.11 23.88
N PRO B 25 34.18 16.03 23.14
CA PRO B 25 33.96 16.16 21.69
C PRO B 25 32.75 17.02 21.36
N ILE B 26 32.84 17.71 20.24
CA ILE B 26 31.74 18.56 19.79
C ILE B 26 30.52 17.70 19.49
N ALA B 27 29.34 18.26 19.78
CA ALA B 27 28.08 17.60 19.46
C ALA B 27 27.05 18.66 19.12
N TYR B 28 26.15 18.33 18.20
CA TYR B 28 25.13 19.26 17.73
C TYR B 28 23.76 18.68 17.98
N VAL B 29 22.94 19.43 18.74
CA VAL B 29 21.55 19.08 18.99
C VAL B 29 20.68 19.94 18.10
N ASN B 30 19.83 19.30 17.31
CA ASN B 30 19.02 20.00 16.32
C ASN B 30 17.71 20.47 16.94
N LEU B 31 17.34 21.71 16.61
CA LEU B 31 16.00 22.23 16.88
C LEU B 31 15.23 22.20 15.58
N PRO B 32 14.40 21.19 15.32
CA PRO B 32 13.91 20.98 13.95
C PRO B 32 12.95 22.06 13.46
N GLN B 33 12.09 22.58 14.33
CA GLN B 33 11.11 23.58 13.91
C GLN B 33 11.75 24.97 13.94
N ALA B 34 11.63 25.70 12.84
CA ALA B 34 12.19 27.04 12.77
C ALA B 34 11.37 28.00 13.63
N PHE B 35 12.04 29.07 14.05
CA PHE B 35 11.40 30.10 14.88
C PHE B 35 10.87 31.21 13.99
N VAL B 36 9.55 31.42 14.04
CA VAL B 36 8.89 32.49 13.30
C VAL B 36 8.32 33.47 14.32
N PHE B 37 8.69 34.74 14.17
CA PHE B 37 8.24 35.78 15.08
C PHE B 37 8.28 37.12 14.35
N ASN B 38 7.65 38.12 14.96
CA ASN B 38 7.60 39.47 14.40
C ASN B 38 8.63 40.35 15.08
N VAL B 39 9.27 41.22 14.29
CA VAL B 39 10.19 42.20 14.83
C VAL B 39 9.42 43.23 15.65
N THR B 40 10.02 43.69 16.74
CA THR B 40 9.40 44.72 17.58
C THR B 40 9.42 46.06 16.84
N GLY B 41 8.50 46.92 17.17
CA GLY B 41 8.36 48.11 16.39
C GLY B 41 7.89 47.59 15.06
N ASP B 42 8.53 48.17 14.08
CA ASP B 42 8.38 47.94 12.68
C ASP B 42 7.25 48.79 12.17
N SER B 43 7.40 49.35 10.97
CA SER B 43 6.37 50.21 10.40
C SER B 43 5.18 49.34 10.19
N ARG B 44 5.45 48.21 9.56
CA ARG B 44 4.48 47.20 9.31
C ARG B 44 4.71 46.13 10.39
N ASP B 45 4.25 44.93 10.17
CA ASP B 45 4.53 43.87 11.13
C ASP B 45 5.32 42.80 10.38
N ARG B 46 6.64 43.01 10.34
CA ARG B 46 7.52 42.18 9.53
C ARG B 46 7.74 40.83 10.18
N LEU B 47 7.72 39.78 9.37
CA LEU B 47 7.95 38.42 9.83
C LEU B 47 9.38 38.00 9.52
N VAL B 48 10.00 37.29 10.46
CA VAL B 48 11.33 36.72 10.26
C VAL B 48 11.28 35.27 10.69
N GLN B 49 12.18 34.47 10.10
CA GLN B 49 12.21 33.03 10.33
C GLN B 49 13.65 32.60 10.52
N ILE B 50 13.97 32.08 11.70
CA ILE B 50 15.31 31.66 12.05
C ILE B 50 15.28 30.16 12.33
N LYS B 51 16.13 29.41 11.63
CA LYS B 51 16.30 27.98 11.88
C LYS B 51 17.59 27.80 12.67
N ALA B 52 17.46 27.28 13.90
CA ALA B 52 18.56 27.25 14.85
C ALA B 52 18.92 25.82 15.22
N GLN B 53 20.19 25.64 15.59
CA GLN B 53 20.68 24.38 16.15
C GLN B 53 21.56 24.70 17.35
N LEU B 54 21.74 23.70 18.20
CA LEU B 54 22.58 23.82 19.39
C LEU B 54 23.90 23.10 19.14
N MET B 55 24.98 23.70 19.63
CA MET B 55 26.32 23.09 19.56
C MET B 55 26.79 22.86 20.99
N VAL B 56 26.62 21.64 21.49
CA VAL B 56 26.97 21.31 22.86
C VAL B 56 28.31 20.59 22.87
N ARG B 57 28.88 20.43 24.07
CA ARG B 57 30.16 19.77 24.25
C ARG B 57 30.02 18.73 25.34
N GLY B 58 30.26 17.47 24.98
CA GLY B 58 30.19 16.38 25.94
C GLY B 58 28.98 15.50 25.69
N ALA B 59 29.07 14.27 26.21
CA ALA B 59 27.99 13.30 26.05
C ALA B 59 26.83 13.57 27.01
N GLU B 60 27.12 14.11 28.20
CA GLU B 60 26.05 14.38 29.15
C GLU B 60 25.30 15.66 28.79
N ASN B 61 26.02 16.70 28.36
CA ASN B 61 25.35 17.93 27.95
C ASN B 61 24.46 17.71 26.74
N GLU B 62 24.81 16.76 25.87
CA GLU B 62 23.94 16.45 24.74
C GLU B 62 22.61 15.86 25.21
N GLU B 63 22.66 14.97 26.21
CA GLU B 63 21.43 14.41 26.75
C GLU B 63 20.60 15.48 27.43
N LEU B 64 21.24 16.39 28.16
CA LEU B 64 20.51 17.47 28.83
C LEU B 64 19.92 18.44 27.82
N ALA B 65 20.67 18.77 26.77
CA ALA B 65 20.20 19.73 25.78
C ALA B 65 18.98 19.21 25.01
N ARG B 66 18.92 17.89 24.79
CA ARG B 66 17.77 17.33 24.08
C ARG B 66 16.55 17.27 24.99
N TYR B 67 16.73 16.75 26.21
CA TYR B 67 15.59 16.57 27.12
C TYR B 67 15.00 17.91 27.56
N HIS B 68 15.83 18.93 27.69
CA HIS B 68 15.37 20.27 28.10
C HIS B 68 15.15 21.19 26.91
N SER B 69 14.94 20.63 25.72
CA SER B 69 14.71 21.46 24.54
C SER B 69 13.47 22.34 24.66
N PRO B 70 12.31 21.88 25.15
CA PRO B 70 11.17 22.79 25.29
C PRO B 70 11.48 24.05 26.07
N LEU B 71 12.31 23.95 27.11
CA LEU B 71 12.74 25.16 27.82
C LEU B 71 13.74 25.96 26.99
N ILE B 72 14.61 25.27 26.26
CA ILE B 72 15.58 25.96 25.41
C ILE B 72 14.86 26.67 24.28
N GLU B 73 13.82 26.06 23.71
CA GLU B 73 13.01 26.74 22.71
C GLU B 73 12.32 27.96 23.31
N SER B 74 11.92 27.86 24.58
CA SER B 74 11.31 29.00 25.26
C SER B 74 12.30 30.14 25.43
N SER B 75 13.55 29.82 25.80
CA SER B 75 14.57 30.84 25.99
C SER B 75 14.94 31.54 24.68
N LEU B 76 14.75 30.89 23.54
CA LEU B 76 15.08 31.51 22.26
C LEU B 76 13.98 32.45 21.79
N LEU B 77 12.72 32.10 22.03
CA LEU B 77 11.62 32.99 21.68
C LEU B 77 11.72 34.31 22.44
N SER B 78 12.13 34.26 23.70
CA SER B 78 12.32 35.48 24.48
C SER B 78 13.40 36.36 23.88
N THR B 79 14.58 35.78 23.62
CA THR B 79 15.68 36.55 23.06
C THR B 79 15.37 37.04 21.66
N PHE B 80 14.67 36.23 20.87
CA PHE B 80 14.37 36.61 19.49
C PHE B 80 13.35 37.75 19.45
N ALA B 81 12.25 37.61 20.18
CA ALA B 81 11.18 38.61 20.16
C ALA B 81 11.56 39.93 20.82
N SER B 82 12.80 40.09 21.26
CA SER B 82 13.27 41.34 21.85
C SER B 82 14.27 42.07 20.98
N ALA B 83 14.61 41.52 19.82
CA ALA B 83 15.59 42.15 18.94
C ALA B 83 14.94 43.22 18.08
N THR B 84 15.67 44.30 17.86
CA THR B 84 15.20 45.39 17.01
C THR B 84 15.49 45.09 15.54
N VAL B 85 14.72 45.73 14.67
CA VAL B 85 15.00 45.63 13.23
C VAL B 85 16.36 46.21 12.91
N ASP B 86 16.86 47.12 13.74
CA ASP B 86 18.25 47.55 13.64
C ASP B 86 19.19 46.36 13.85
N GLN B 87 18.91 45.54 14.87
CA GLN B 87 19.80 44.45 15.23
C GLN B 87 19.70 43.26 14.28
N LEU B 88 18.54 43.06 13.65
CA LEU B 88 18.33 41.89 12.81
C LEU B 88 18.80 42.08 11.38
N ARG B 89 19.16 43.31 10.98
CA ARG B 89 19.63 43.55 9.62
C ARG B 89 21.13 43.85 9.55
N SER B 90 21.75 44.27 10.64
CA SER B 90 23.19 44.47 10.64
C SER B 90 23.90 43.13 10.85
N PRO B 91 24.90 42.80 10.03
CA PRO B 91 25.58 41.52 10.19
C PRO B 91 26.23 41.34 11.55
N THR B 92 26.69 42.41 12.19
CA THR B 92 27.22 42.30 13.55
C THR B 92 26.11 42.21 14.58
N GLY B 93 24.94 42.78 14.29
CA GLY B 93 23.80 42.65 15.18
C GLY B 93 23.37 41.20 15.35
N ARG B 94 23.54 40.38 14.32
CA ARG B 94 23.28 38.95 14.46
C ARG B 94 24.25 38.31 15.43
N VAL B 95 25.53 38.70 15.36
CA VAL B 95 26.53 38.17 16.29
C VAL B 95 26.17 38.52 17.73
N GLU B 96 25.76 39.77 17.96
CA GLU B 96 25.29 40.15 19.29
C GLU B 96 24.00 39.43 19.67
N LEU B 97 23.31 38.83 18.72
CA LEU B 97 22.10 38.08 19.00
C LEU B 97 22.38 36.61 19.27
N ARG B 98 23.26 35.99 18.47
CA ARG B 98 23.65 34.61 18.75
C ARG B 98 24.27 34.48 20.13
N ASP B 99 25.05 35.48 20.54
CA ASP B 99 25.66 35.45 21.87
C ASP B 99 24.61 35.71 22.95
N ARG B 100 23.67 36.61 22.67
CA ARG B 100 22.60 36.88 23.64
C ARG B 100 21.69 35.66 23.79
N ALA B 101 21.42 34.97 22.69
CA ALA B 101 20.64 33.74 22.77
C ALA B 101 21.38 32.66 23.54
N SER B 102 22.71 32.62 23.44
CA SER B 102 23.47 31.60 24.16
C SER B 102 23.56 31.93 25.65
N GLU B 103 23.80 33.19 25.99
CA GLU B 103 23.91 33.56 27.39
C GLU B 103 22.57 33.44 28.11
N ASP B 104 21.46 33.60 27.38
CA ASP B 104 20.15 33.47 28.01
C ASP B 104 19.80 32.02 28.29
N ILE B 105 20.17 31.11 27.38
CA ILE B 105 19.93 29.68 27.62
C ILE B 105 20.75 29.20 28.81
N LYS B 106 22.01 29.61 28.88
CA LYS B 106 22.86 29.20 30.00
C LYS B 106 22.28 29.68 31.32
N ALA B 107 21.87 30.96 31.37
CA ALA B 107 21.26 31.49 32.59
C ALA B 107 19.98 30.74 32.95
N ALA B 108 19.19 30.36 31.93
CA ALA B 108 17.96 29.63 32.19
C ALA B 108 18.25 28.23 32.70
N LEU B 109 19.15 27.51 32.03
CA LEU B 109 19.48 26.15 32.46
C LEU B 109 20.31 26.14 33.73
N ASN B 110 21.01 27.23 34.06
CA ASN B 110 21.70 27.30 35.34
C ASN B 110 20.74 27.31 36.51
N ALA B 111 19.55 27.89 36.33
CA ALA B 111 18.52 27.86 37.35
C ALA B 111 17.64 26.62 37.27
N ALA B 112 17.62 25.93 36.12
CA ALA B 112 16.77 24.76 35.98
C ALA B 112 17.47 23.50 36.48
N VAL B 113 18.69 23.25 35.99
CA VAL B 113 19.44 22.04 36.34
C VAL B 113 20.79 22.36 36.96
N GLY B 114 21.16 23.63 37.06
CA GLY B 114 22.42 24.00 37.70
C GLY B 114 23.65 23.89 36.84
N LYS B 115 23.49 23.71 35.52
CA LYS B 115 24.63 23.58 34.62
C LYS B 115 24.40 24.38 33.36
N PRO B 116 25.38 25.15 32.89
CA PRO B 116 25.33 25.69 31.52
C PRO B 116 25.64 24.56 30.54
N VAL B 117 24.72 24.33 29.61
CA VAL B 117 24.71 23.08 28.84
C VAL B 117 25.19 23.30 27.41
N ILE B 118 24.77 24.37 26.76
CA ILE B 118 24.95 24.47 25.31
C ILE B 118 26.37 24.89 24.95
N GLU B 119 26.85 25.99 25.52
CA GLU B 119 28.11 26.69 25.24
C GLU B 119 28.02 27.56 23.97
N LYS B 120 26.99 27.43 23.15
CA LYS B 120 26.66 28.39 22.09
C LYS B 120 25.45 27.88 21.32
N VAL B 121 24.85 28.77 20.53
CA VAL B 121 23.74 28.46 19.64
C VAL B 121 24.16 28.83 18.23
N LEU B 122 23.63 28.09 17.24
CA LEU B 122 24.00 28.26 15.85
C LEU B 122 22.78 28.58 15.00
N PHE B 123 22.96 29.47 14.03
CA PHE B 123 21.94 29.79 13.04
C PHE B 123 22.31 29.16 11.71
N THR B 124 21.33 28.52 11.06
CA THR B 124 21.54 27.94 9.75
C THR B 124 20.70 28.58 8.66
N ASP B 125 19.65 29.31 9.01
CA ASP B 125 18.84 30.02 8.04
C ASP B 125 18.25 31.26 8.71
N PHE B 126 18.14 32.34 7.94
CA PHE B 126 17.70 33.62 8.49
C PHE B 126 17.10 34.45 7.36
N VAL B 127 15.81 34.72 7.45
CA VAL B 127 15.11 35.55 6.46
C VAL B 127 14.29 36.61 7.19
N ILE B 128 14.10 37.74 6.52
CA ILE B 128 13.21 38.80 7.00
C ILE B 128 12.20 39.05 5.89
N GLN B 129 11.07 38.37 5.96
CA GLN B 129 10.05 38.46 4.91
C GLN B 129 9.36 39.82 4.93
N ALA C 23 12.89 19.63 44.43
CA ALA C 23 13.94 19.30 43.47
C ALA C 23 13.60 18.02 42.72
N SER C 24 12.31 17.78 42.51
CA SER C 24 11.87 16.63 41.74
C SER C 24 12.28 16.78 40.28
N PRO C 25 12.37 15.67 39.54
CA PRO C 25 12.76 15.76 38.14
C PRO C 25 11.83 16.63 37.33
N ILE C 26 12.40 17.33 36.35
CA ILE C 26 11.65 18.21 35.46
C ILE C 26 11.11 17.41 34.29
N ALA C 27 9.88 17.72 33.88
CA ALA C 27 9.26 17.08 32.73
C ALA C 27 8.51 18.14 31.94
N TYR C 28 8.36 17.89 30.64
CA TYR C 28 7.71 18.83 29.72
C TYR C 28 6.51 18.14 29.09
N VAL C 29 5.32 18.64 29.40
CA VAL C 29 4.09 18.15 28.79
C VAL C 29 3.77 19.04 27.58
N ASN C 30 3.67 18.42 26.41
CA ASN C 30 3.46 19.16 25.17
C ASN C 30 1.97 19.33 24.87
N LEU C 31 1.61 20.51 24.38
CA LEU C 31 0.27 20.79 23.89
C LEU C 31 0.33 20.96 22.38
N PRO C 32 -0.06 19.94 21.61
CA PRO C 32 0.22 19.96 20.16
C PRO C 32 -0.48 21.09 19.41
N GLN C 33 -1.80 21.21 19.54
CA GLN C 33 -2.55 22.18 18.76
C GLN C 33 -2.24 23.59 19.26
N ALA C 34 -1.73 24.43 18.36
CA ALA C 34 -1.37 25.79 18.72
C ALA C 34 -2.61 26.63 18.99
N PHE C 35 -2.47 27.58 19.92
CA PHE C 35 -3.58 28.44 20.32
C PHE C 35 -3.72 29.58 19.31
N VAL C 36 -4.74 29.50 18.46
CA VAL C 36 -5.09 30.58 17.56
C VAL C 36 -6.26 31.35 18.16
N PHE C 37 -6.11 32.66 18.29
CA PHE C 37 -7.13 33.52 18.85
C PHE C 37 -6.97 34.91 18.26
N ASN C 38 -7.86 35.81 18.66
CA ASN C 38 -7.85 37.18 18.15
C ASN C 38 -8.00 38.18 19.28
N VAL C 39 -7.23 39.26 19.19
CA VAL C 39 -7.34 40.39 20.10
C VAL C 39 -7.42 41.67 19.27
N THR C 40 -8.40 42.51 19.58
CA THR C 40 -8.65 43.69 18.77
C THR C 40 -7.60 44.77 19.07
N GLY C 41 -7.06 45.35 18.01
CA GLY C 41 -6.12 46.45 18.10
C GLY C 41 -6.80 47.79 17.89
N ASP C 42 -6.14 48.66 17.13
CA ASP C 42 -6.74 49.95 16.82
C ASP C 42 -7.69 49.84 15.62
N SER C 43 -7.23 49.19 14.54
CA SER C 43 -8.06 49.04 13.35
C SER C 43 -7.90 47.67 12.72
N ARG C 44 -7.53 46.65 13.51
CA ARG C 44 -7.19 45.34 12.96
C ARG C 44 -8.06 44.25 13.58
N ASP C 45 -8.51 43.32 12.73
CA ASP C 45 -9.01 42.02 13.18
C ASP C 45 -7.80 41.11 13.37
N ARG C 46 -7.05 41.41 14.42
CA ARG C 46 -5.72 40.84 14.58
C ARG C 46 -5.80 39.39 15.05
N LEU C 47 -5.04 38.52 14.39
CA LEU C 47 -5.00 37.10 14.70
C LEU C 47 -3.65 36.75 15.31
N VAL C 48 -3.67 35.99 16.41
CA VAL C 48 -2.46 35.63 17.15
C VAL C 48 -2.38 34.12 17.25
N GLN C 49 -1.18 33.59 17.08
CA GLN C 49 -0.91 32.16 17.23
C GLN C 49 0.15 31.96 18.30
N ILE C 50 -0.15 31.11 19.28
CA ILE C 50 0.77 30.79 20.36
C ILE C 50 0.87 29.28 20.50
N LYS C 51 2.09 28.76 20.46
CA LYS C 51 2.37 27.35 20.70
C LYS C 51 3.03 27.23 22.06
N ALA C 52 2.44 26.42 22.94
CA ALA C 52 2.85 26.36 24.34
C ALA C 52 3.12 24.93 24.78
N GLN C 53 4.00 24.79 25.76
CA GLN C 53 4.25 23.54 26.45
C GLN C 53 4.16 23.77 27.95
N LEU C 54 4.04 22.68 28.69
CA LEU C 54 3.88 22.73 30.15
C LEU C 54 5.12 22.16 30.81
N MET C 55 5.79 22.99 31.61
CA MET C 55 6.92 22.53 32.41
C MET C 55 6.42 22.12 33.78
N VAL C 56 6.56 20.84 34.11
CA VAL C 56 6.09 20.30 35.38
C VAL C 56 7.28 19.69 36.12
N ARG C 57 7.08 19.47 37.42
CA ARG C 57 8.07 18.82 38.27
C ARG C 57 7.43 17.62 38.96
N GLY C 58 8.15 16.50 38.97
CA GLY C 58 7.64 15.27 39.53
C GLY C 58 6.91 14.42 38.51
N ALA C 59 6.82 13.12 38.83
CA ALA C 59 6.18 12.19 37.92
C ALA C 59 4.66 12.20 38.05
N GLU C 60 4.14 12.46 39.26
CA GLU C 60 2.70 12.48 39.45
C GLU C 60 2.06 13.65 38.73
N ASN C 61 2.73 14.81 38.71
CA ASN C 61 2.17 15.99 38.06
C ASN C 61 2.20 15.85 36.54
N GLU C 62 3.25 15.22 36.00
CA GLU C 62 3.28 14.94 34.57
C GLU C 62 2.10 14.06 34.17
N GLU C 63 1.74 13.10 35.03
CA GLU C 63 0.57 12.27 34.77
C GLU C 63 -0.72 13.06 34.88
N LEU C 64 -0.76 14.04 35.80
CA LEU C 64 -1.97 14.86 35.97
C LEU C 64 -2.10 15.93 34.90
N ALA C 65 -0.96 16.52 34.49
CA ALA C 65 -1.02 17.58 33.48
C ALA C 65 -1.47 17.06 32.13
N ARG C 66 -1.16 15.80 31.81
CA ARG C 66 -1.62 15.22 30.55
C ARG C 66 -3.12 14.90 30.61
N TYR C 67 -3.57 14.33 31.73
CA TYR C 67 -4.99 13.97 31.85
C TYR C 67 -5.88 15.20 31.84
N HIS C 68 -5.49 16.25 32.59
CA HIS C 68 -6.30 17.46 32.72
C HIS C 68 -5.92 18.54 31.72
N SER C 69 -5.43 18.15 30.54
CA SER C 69 -5.02 19.09 29.51
C SER C 69 -6.18 19.92 28.95
N PRO C 70 -7.38 19.35 28.73
CA PRO C 70 -8.49 20.21 28.26
C PRO C 70 -8.82 21.34 29.22
N LEU C 71 -8.77 21.08 30.53
CA LEU C 71 -8.94 22.16 31.50
C LEU C 71 -7.80 23.15 31.41
N ILE C 72 -6.58 22.66 31.17
CA ILE C 72 -5.42 23.54 31.06
C ILE C 72 -5.48 24.33 29.75
N GLU C 73 -5.85 23.67 28.65
CA GLU C 73 -5.98 24.37 27.37
C GLU C 73 -7.06 25.43 27.45
N SER C 74 -8.15 25.16 28.18
CA SER C 74 -9.21 26.15 28.34
C SER C 74 -8.72 27.33 29.17
N SER C 75 -7.95 27.08 30.23
CA SER C 75 -7.45 28.16 31.07
C SER C 75 -6.49 29.05 30.28
N LEU C 76 -5.70 28.46 29.38
CA LEU C 76 -4.79 29.26 28.56
C LEU C 76 -5.55 30.10 27.56
N LEU C 77 -6.58 29.54 26.92
CA LEU C 77 -7.39 30.30 25.98
C LEU C 77 -8.11 31.44 26.67
N SER C 78 -8.55 31.21 27.91
CA SER C 78 -9.21 32.28 28.66
C SER C 78 -8.23 33.39 29.03
N THR C 79 -6.96 33.05 29.26
CA THR C 79 -5.97 34.05 29.61
C THR C 79 -5.60 34.91 28.39
N PHE C 80 -5.42 34.26 27.23
CA PHE C 80 -5.01 35.00 26.04
C PHE C 80 -6.08 35.95 25.56
N ALA C 81 -7.36 35.55 25.66
CA ALA C 81 -8.44 36.40 25.17
C ALA C 81 -8.56 37.68 25.99
N SER C 82 -8.15 37.67 27.25
CA SER C 82 -8.25 38.83 28.11
C SER C 82 -7.07 39.80 27.94
N ALA C 83 -6.09 39.45 27.12
CA ALA C 83 -4.94 40.32 26.91
C ALA C 83 -5.22 41.34 25.81
N THR C 84 -4.46 42.42 25.83
CA THR C 84 -4.53 43.46 24.81
C THR C 84 -3.29 43.38 23.92
N VAL C 85 -3.41 43.96 22.73
CA VAL C 85 -2.29 43.97 21.79
C VAL C 85 -1.11 44.74 22.35
N ASP C 86 -1.35 45.65 23.29
CA ASP C 86 -0.24 46.35 23.95
C ASP C 86 0.63 45.38 24.74
N GLN C 87 0.01 44.43 25.43
CA GLN C 87 0.76 43.44 26.19
C GLN C 87 1.43 42.41 25.30
N LEU C 88 0.93 42.21 24.07
CA LEU C 88 1.56 41.28 23.15
C LEU C 88 2.76 41.89 22.43
N ARG C 89 2.85 43.22 22.37
CA ARG C 89 4.00 43.86 21.75
C ARG C 89 5.19 43.92 22.69
N SER C 90 5.00 44.55 23.85
CA SER C 90 6.10 44.75 24.78
C SER C 90 6.63 43.40 25.27
N PRO C 91 7.94 43.15 25.18
CA PRO C 91 8.48 41.90 25.74
C PRO C 91 8.20 41.73 27.22
N THR C 92 8.20 42.83 27.97
CA THR C 92 7.83 42.77 29.38
C THR C 92 6.39 42.29 29.54
N GLY C 93 5.48 42.78 28.70
CA GLY C 93 4.10 42.34 28.76
C GLY C 93 3.93 40.87 28.46
N ARG C 94 4.77 40.33 27.59
CA ARG C 94 4.72 38.89 27.31
C ARG C 94 5.23 38.07 28.49
N VAL C 95 6.15 38.64 29.29
CA VAL C 95 6.66 37.93 30.46
C VAL C 95 5.57 37.82 31.52
N GLU C 96 4.86 38.92 31.79
CA GLU C 96 3.75 38.87 32.72
C GLU C 96 2.50 38.24 32.12
N LEU C 97 2.55 37.78 30.88
CA LEU C 97 1.49 36.96 30.32
C LEU C 97 1.72 35.48 30.59
N ARG C 98 2.97 35.03 30.62
CA ARG C 98 3.27 33.66 31.04
C ARG C 98 2.98 33.48 32.53
N ASP C 99 3.37 34.45 33.35
CA ASP C 99 3.10 34.37 34.78
C ASP C 99 1.61 34.49 35.07
N ARG C 100 0.88 35.27 34.26
CA ARG C 100 -0.56 35.34 34.43
C ARG C 100 -1.25 34.07 33.94
N ALA C 101 -0.67 33.42 32.92
CA ALA C 101 -1.22 32.16 32.43
C ALA C 101 -0.90 31.01 33.38
N SER C 102 0.27 31.04 34.02
CA SER C 102 0.62 29.98 34.95
C SER C 102 -0.23 30.05 36.21
N GLU C 103 -0.31 31.23 36.82
CA GLU C 103 -1.11 31.38 38.04
C GLU C 103 -2.59 31.12 37.78
N ASP C 104 -3.05 31.36 36.56
CA ASP C 104 -4.43 31.04 36.22
C ASP C 104 -4.62 29.53 36.09
N ILE C 105 -3.66 28.84 35.49
CA ILE C 105 -3.74 27.38 35.38
C ILE C 105 -3.67 26.74 36.76
N LYS C 106 -2.75 27.21 37.60
CA LYS C 106 -2.62 26.66 38.94
C LYS C 106 -3.90 26.87 39.74
N ALA C 107 -4.47 28.07 39.67
CA ALA C 107 -5.72 28.34 40.37
C ALA C 107 -6.86 27.51 39.81
N ALA C 108 -6.82 27.20 38.50
CA ALA C 108 -7.88 26.39 37.90
C ALA C 108 -7.76 24.93 38.33
N LEU C 109 -6.54 24.41 38.43
CA LEU C 109 -6.35 23.03 38.86
C LEU C 109 -6.51 22.88 40.37
N ASN C 110 -6.26 23.95 41.13
CA ASN C 110 -6.45 23.89 42.58
C ASN C 110 -7.92 23.68 42.92
N ALA C 111 -8.81 24.37 42.23
CA ALA C 111 -10.25 24.22 42.45
C ALA C 111 -10.81 22.93 41.87
N ALA C 112 -10.00 22.13 41.19
CA ALA C 112 -10.45 20.89 40.57
C ALA C 112 -9.81 19.65 41.16
N VAL C 113 -8.49 19.66 41.38
CA VAL C 113 -7.79 18.53 41.96
C VAL C 113 -7.01 18.89 43.21
N GLY C 114 -7.08 20.14 43.68
CA GLY C 114 -6.41 20.53 44.90
C GLY C 114 -4.91 20.67 44.80
N LYS C 115 -4.33 20.52 43.61
CA LYS C 115 -2.88 20.58 43.45
C LYS C 115 -2.54 21.52 42.30
N PRO C 116 -1.58 22.44 42.48
CA PRO C 116 -1.06 23.17 41.31
C PRO C 116 -0.11 22.29 40.52
N VAL C 117 -0.57 21.81 39.37
CA VAL C 117 0.12 20.70 38.70
C VAL C 117 1.38 21.19 38.00
N ILE C 118 1.34 22.37 37.38
CA ILE C 118 2.43 22.83 36.56
C ILE C 118 3.33 23.75 37.38
N GLU C 119 4.56 23.94 36.89
CA GLU C 119 5.48 24.94 37.43
C GLU C 119 5.37 26.25 36.65
N LYS C 120 5.44 26.18 35.33
CA LYS C 120 5.34 27.34 34.46
C LYS C 120 5.00 26.86 33.06
N VAL C 121 4.27 27.70 32.33
CA VAL C 121 3.94 27.40 30.94
C VAL C 121 4.98 28.06 30.04
N LEU C 122 5.50 27.28 29.09
CA LEU C 122 6.53 27.76 28.18
C LEU C 122 5.91 28.14 26.84
N PHE C 123 6.46 29.17 26.21
CA PHE C 123 6.05 29.60 24.88
C PHE C 123 7.17 29.28 23.89
N THR C 124 6.83 28.53 22.84
CA THR C 124 7.81 28.17 21.81
C THR C 124 7.55 28.84 20.47
N ASP C 125 6.34 29.33 20.22
CA ASP C 125 6.02 30.05 19.00
C ASP C 125 5.05 31.17 19.32
N PHE C 126 5.26 32.34 18.72
CA PHE C 126 4.46 33.52 19.01
C PHE C 126 4.50 34.43 17.80
N VAL C 127 3.43 34.40 16.99
CA VAL C 127 3.34 35.21 15.79
C VAL C 127 2.08 36.06 15.86
N ILE C 128 2.12 37.21 15.18
CA ILE C 128 0.98 38.12 15.07
C ILE C 128 1.00 38.69 13.65
N GLN C 129 0.01 38.32 12.84
CA GLN C 129 -0.09 38.83 11.48
C GLN C 129 -1.53 38.90 11.04
N ASP D 22 -15.60 11.14 48.17
CA ASP D 22 -16.67 12.10 47.91
C ASP D 22 -16.55 12.69 46.52
N ALA D 23 -15.33 13.01 46.10
CA ALA D 23 -15.08 13.60 44.79
C ALA D 23 -14.99 12.52 43.73
N SER D 24 -15.94 12.52 42.79
CA SER D 24 -15.90 11.58 41.69
C SER D 24 -14.74 11.90 40.76
N PRO D 25 -14.18 10.90 40.09
CA PRO D 25 -13.05 11.15 39.18
C PRO D 25 -13.46 12.01 38.00
N ILE D 26 -12.64 13.01 37.70
CA ILE D 26 -12.91 13.93 36.59
C ILE D 26 -12.63 13.23 35.27
N ALA D 27 -13.56 13.34 34.33
CA ALA D 27 -13.38 12.81 32.98
C ALA D 27 -13.71 13.90 31.98
N TYR D 28 -13.11 13.81 30.81
CA TYR D 28 -13.29 14.79 29.74
C TYR D 28 -13.80 14.10 28.49
N VAL D 29 -15.02 14.46 28.09
CA VAL D 29 -15.62 13.95 26.86
C VAL D 29 -15.35 14.94 25.74
N ASN D 30 -14.77 14.45 24.65
CA ASN D 30 -14.38 15.31 23.55
C ASN D 30 -15.52 15.48 22.56
N LEU D 31 -15.59 16.67 21.95
CA LEU D 31 -16.52 16.98 20.87
C LEU D 31 -15.69 17.39 19.67
N PRO D 32 -15.33 16.45 18.80
CA PRO D 32 -14.46 16.79 17.67
C PRO D 32 -15.07 17.77 16.69
N GLN D 33 -16.39 17.94 16.71
CA GLN D 33 -17.04 18.91 15.85
C GLN D 33 -16.68 20.33 16.28
N ALA D 34 -16.09 21.11 15.39
CA ALA D 34 -15.85 22.52 15.64
C ALA D 34 -17.12 23.30 15.31
N PHE D 35 -17.61 24.07 16.28
CA PHE D 35 -18.86 24.82 16.11
C PHE D 35 -18.58 26.07 15.29
N VAL D 36 -19.16 26.13 14.09
CA VAL D 36 -19.03 27.29 13.21
C VAL D 36 -20.42 27.90 13.05
N PHE D 37 -20.52 29.20 13.27
CA PHE D 37 -21.79 29.91 13.17
C PHE D 37 -21.51 31.39 12.96
N ASN D 38 -22.55 32.11 12.56
CA ASN D 38 -22.45 33.54 12.30
C ASN D 38 -22.82 34.32 13.54
N VAL D 39 -22.13 35.46 13.75
CA VAL D 39 -22.56 36.40 14.76
C VAL D 39 -23.91 36.98 14.35
N THR D 40 -24.81 37.13 15.32
CA THR D 40 -26.18 37.51 15.00
C THR D 40 -26.23 38.90 14.40
N GLY D 41 -25.59 39.88 15.04
CA GLY D 41 -25.49 41.19 14.46
C GLY D 41 -24.60 41.18 13.22
N ASP D 42 -25.21 41.28 12.04
CA ASP D 42 -24.48 41.22 10.79
C ASP D 42 -24.29 42.59 10.14
N SER D 43 -24.58 43.68 10.86
CA SER D 43 -24.02 44.97 10.47
C SER D 43 -22.51 44.90 10.46
N ARG D 44 -21.94 44.05 11.32
CA ARG D 44 -20.53 43.67 11.30
C ARG D 44 -20.50 42.17 11.01
N ASP D 45 -20.51 41.81 9.73
CA ASP D 45 -20.60 40.41 9.31
C ASP D 45 -19.31 39.68 9.65
N ARG D 46 -19.37 38.78 10.62
CA ARG D 46 -18.22 37.99 11.03
C ARG D 46 -18.63 36.54 11.26
N LEU D 47 -17.63 35.67 11.28
CA LEU D 47 -17.82 34.24 11.49
C LEU D 47 -16.94 33.78 12.64
N VAL D 48 -17.50 32.94 13.51
CA VAL D 48 -16.82 32.51 14.72
C VAL D 48 -16.79 30.98 14.77
N GLN D 49 -15.64 30.43 15.15
CA GLN D 49 -15.41 29.00 15.21
C GLN D 49 -15.04 28.62 16.64
N ILE D 50 -15.76 27.65 17.21
CA ILE D 50 -15.58 27.25 18.60
C ILE D 50 -15.36 25.75 18.66
N LYS D 51 -14.38 25.32 19.45
CA LYS D 51 -14.09 23.91 19.70
C LYS D 51 -14.27 23.65 21.20
N ALA D 52 -15.19 22.76 21.54
CA ALA D 52 -15.60 22.57 22.92
C ALA D 52 -15.36 21.13 23.37
N GLN D 53 -15.19 20.96 24.68
CA GLN D 53 -15.10 19.65 25.32
C GLN D 53 -15.89 19.68 26.61
N LEU D 54 -16.49 18.54 26.94
CA LEU D 54 -17.32 18.41 28.13
C LEU D 54 -16.50 17.89 29.30
N MET D 55 -16.70 18.50 30.47
CA MET D 55 -16.04 18.10 31.71
C MET D 55 -17.09 17.47 32.62
N VAL D 56 -16.93 16.17 32.89
CA VAL D 56 -17.90 15.42 33.67
C VAL D 56 -17.17 14.73 34.83
N ARG D 57 -17.97 14.20 35.76
CA ARG D 57 -17.46 13.44 36.90
C ARG D 57 -18.20 12.10 36.97
N GLY D 58 -17.47 11.05 37.30
CA GLY D 58 -18.04 9.73 37.37
C GLY D 58 -18.08 9.01 36.04
N ALA D 59 -17.89 7.70 36.05
CA ALA D 59 -17.88 6.93 34.81
C ALA D 59 -19.25 6.82 34.17
N GLU D 60 -20.33 6.97 34.94
CA GLU D 60 -21.66 6.91 34.36
C GLU D 60 -21.97 8.18 33.58
N ASN D 61 -21.64 9.34 34.13
CA ASN D 61 -21.85 10.60 33.40
C ASN D 61 -20.97 10.65 32.16
N GLU D 62 -19.74 10.14 32.23
CA GLU D 62 -18.91 10.05 31.05
C GLU D 62 -19.56 9.19 29.98
N GLU D 63 -20.19 8.08 30.39
CA GLU D 63 -20.89 7.23 29.45
C GLU D 63 -22.10 7.94 28.86
N LEU D 64 -22.83 8.70 29.69
CA LEU D 64 -24.02 9.41 29.21
C LEU D 64 -23.64 10.54 28.26
N ALA D 65 -22.60 11.30 28.58
CA ALA D 65 -22.23 12.45 27.75
C ALA D 65 -21.83 12.01 26.35
N ARG D 66 -21.15 10.87 26.23
CA ARG D 66 -20.80 10.36 24.91
C ARG D 66 -22.03 9.92 24.14
N TYR D 67 -22.94 9.20 24.80
CA TYR D 67 -24.10 8.65 24.10
C TYR D 67 -25.05 9.76 23.66
N HIS D 68 -25.23 10.79 24.49
CA HIS D 68 -26.13 11.90 24.18
C HIS D 68 -25.41 13.10 23.59
N SER D 69 -24.22 12.87 23.00
CA SER D 69 -23.50 13.97 22.38
C SER D 69 -24.29 14.70 21.29
N PRO D 70 -25.02 14.03 20.39
CA PRO D 70 -25.83 14.78 19.42
C PRO D 70 -26.81 15.74 20.08
N LEU D 71 -27.40 15.35 21.22
CA LEU D 71 -28.25 16.27 21.95
C LEU D 71 -27.44 17.39 22.58
N ILE D 72 -26.26 17.08 23.09
CA ILE D 72 -25.41 18.10 23.70
C ILE D 72 -24.88 19.06 22.65
N GLU D 73 -24.54 18.54 21.47
CA GLU D 73 -24.13 19.42 20.37
C GLU D 73 -25.26 20.34 19.95
N SER D 74 -26.51 19.88 20.06
CA SER D 74 -27.64 20.71 19.66
C SER D 74 -27.84 21.88 20.62
N SER D 75 -27.71 21.63 21.93
CA SER D 75 -27.92 22.69 22.90
C SER D 75 -26.86 23.79 22.78
N LEU D 76 -25.64 23.42 22.37
CA LEU D 76 -24.61 24.44 22.18
C LEU D 76 -24.93 25.33 20.98
N LEU D 77 -25.42 24.74 19.89
CA LEU D 77 -25.80 25.54 18.72
C LEU D 77 -26.94 26.50 19.07
N SER D 78 -27.90 26.03 19.88
CA SER D 78 -28.99 26.91 20.29
C SER D 78 -28.49 28.05 21.17
N THR D 79 -27.51 27.78 22.03
CA THR D 79 -26.93 28.84 22.85
C THR D 79 -26.13 29.83 22.00
N PHE D 80 -25.40 29.32 21.02
CA PHE D 80 -24.59 30.18 20.13
C PHE D 80 -25.43 31.05 19.22
N ALA D 81 -26.73 30.76 19.06
CA ALA D 81 -27.57 31.56 18.19
C ALA D 81 -27.89 32.92 18.81
N SER D 82 -28.02 32.98 20.14
CA SER D 82 -28.35 34.22 20.82
C SER D 82 -27.13 35.06 21.17
N ALA D 83 -25.93 34.56 20.95
CA ALA D 83 -24.72 35.28 21.31
C ALA D 83 -24.59 36.55 20.47
N THR D 84 -24.51 37.69 21.15
CA THR D 84 -24.33 38.97 20.48
C THR D 84 -22.85 39.23 20.21
N VAL D 85 -22.60 40.10 19.24
CA VAL D 85 -21.22 40.36 18.82
C VAL D 85 -20.43 41.02 19.94
N ASP D 86 -21.08 41.88 20.72
CA ASP D 86 -20.39 42.51 21.85
C ASP D 86 -20.13 41.50 22.97
N GLN D 87 -20.99 40.50 23.11
CA GLN D 87 -20.76 39.48 24.13
C GLN D 87 -19.59 38.58 23.77
N LEU D 88 -19.36 38.35 22.48
CA LEU D 88 -18.25 37.51 22.03
C LEU D 88 -16.90 38.21 22.16
N ARG D 89 -16.87 39.53 22.30
CA ARG D 89 -15.62 40.26 22.35
C ARG D 89 -15.12 40.49 23.77
N SER D 90 -15.99 40.94 24.66
CA SER D 90 -15.58 41.17 26.04
C SER D 90 -15.25 39.85 26.72
N PRO D 91 -14.11 39.77 27.42
CA PRO D 91 -13.79 38.51 28.12
C PRO D 91 -14.77 38.18 29.22
N THR D 92 -15.32 39.18 29.91
CA THR D 92 -16.35 38.92 30.90
C THR D 92 -17.65 38.43 30.25
N GLY D 93 -17.83 38.68 28.96
CA GLY D 93 -18.99 38.17 28.25
C GLY D 93 -18.74 36.79 27.70
N ARG D 94 -17.48 36.46 27.44
CA ARG D 94 -17.14 35.11 27.01
C ARG D 94 -17.36 34.10 28.13
N VAL D 95 -16.94 34.44 29.35
CA VAL D 95 -17.23 33.58 30.50
C VAL D 95 -18.71 33.64 30.84
N GLU D 96 -19.40 34.72 30.50
CA GLU D 96 -20.85 34.75 30.62
C GLU D 96 -21.50 33.76 29.66
N LEU D 97 -20.87 33.52 28.51
CA LEU D 97 -21.40 32.57 27.54
C LEU D 97 -21.02 31.13 27.90
N ARG D 98 -19.82 30.93 28.42
CA ARG D 98 -19.41 29.60 28.87
C ARG D 98 -20.28 29.12 30.01
N ASP D 99 -20.50 29.98 31.01
CA ASP D 99 -21.36 29.63 32.13
C ASP D 99 -22.83 29.55 31.76
N ARG D 100 -23.21 30.05 30.58
CA ARG D 100 -24.57 29.88 30.10
C ARG D 100 -24.73 28.63 29.25
N ALA D 101 -23.78 28.37 28.35
CA ALA D 101 -23.85 27.17 27.52
C ALA D 101 -23.75 25.90 28.37
N SER D 102 -23.02 25.95 29.48
CA SER D 102 -22.93 24.79 30.35
C SER D 102 -24.25 24.53 31.08
N GLU D 103 -25.02 25.59 31.37
CA GLU D 103 -26.30 25.40 32.04
C GLU D 103 -27.37 24.89 31.08
N ASP D 104 -27.34 25.36 29.83
CA ASP D 104 -28.31 24.90 28.84
C ASP D 104 -28.17 23.40 28.58
N ILE D 105 -26.93 22.90 28.59
CA ILE D 105 -26.71 21.47 28.43
C ILE D 105 -27.30 20.70 29.60
N LYS D 106 -27.10 21.20 30.82
CA LYS D 106 -27.69 20.56 31.99
C LYS D 106 -29.21 20.55 31.91
N ALA D 107 -29.81 21.68 31.51
CA ALA D 107 -31.26 21.74 31.38
C ALA D 107 -31.77 20.79 30.31
N ALA D 108 -31.04 20.67 29.20
CA ALA D 108 -31.45 19.77 28.13
C ALA D 108 -31.43 18.31 28.59
N LEU D 109 -30.31 17.89 29.18
CA LEU D 109 -30.19 16.52 29.66
C LEU D 109 -31.06 16.26 30.88
N ASN D 110 -31.39 17.30 31.67
CA ASN D 110 -32.31 17.12 32.78
C ASN D 110 -33.70 16.73 32.29
N ALA D 111 -34.11 17.24 31.14
CA ALA D 111 -35.43 16.93 30.59
C ALA D 111 -35.45 15.64 29.77
N ALA D 112 -34.30 15.22 29.24
CA ALA D 112 -34.25 14.04 28.38
C ALA D 112 -34.05 12.76 29.17
N VAL D 113 -33.07 12.73 30.07
CA VAL D 113 -32.77 11.53 30.84
C VAL D 113 -32.98 11.72 32.34
N GLY D 114 -33.13 12.95 32.82
CA GLY D 114 -33.48 13.19 34.21
C GLY D 114 -32.35 13.58 35.12
N LYS D 115 -31.14 13.81 34.60
CA LYS D 115 -30.02 14.18 35.46
C LYS D 115 -29.05 15.07 34.70
N PRO D 116 -28.48 16.10 35.35
CA PRO D 116 -27.50 16.94 34.66
C PRO D 116 -26.17 16.21 34.52
N VAL D 117 -25.84 15.82 33.29
CA VAL D 117 -24.72 14.92 33.07
C VAL D 117 -23.38 15.64 33.22
N ILE D 118 -23.26 16.83 32.65
CA ILE D 118 -21.99 17.53 32.62
C ILE D 118 -21.86 18.42 33.84
N GLU D 119 -20.62 18.78 34.16
CA GLU D 119 -20.30 19.76 35.20
C GLU D 119 -20.08 21.15 34.65
N LYS D 120 -19.39 21.26 33.51
CA LYS D 120 -19.17 22.53 32.82
C LYS D 120 -18.66 22.22 31.43
N VAL D 121 -18.81 23.20 30.53
CA VAL D 121 -18.30 23.09 29.17
C VAL D 121 -16.99 23.86 29.07
N LEU D 122 -16.04 23.31 28.33
CA LEU D 122 -14.71 23.89 28.19
C LEU D 122 -14.47 24.28 26.74
N PHE D 123 -13.95 25.49 26.54
CA PHE D 123 -13.62 25.99 25.22
C PHE D 123 -12.12 25.96 25.02
N THR D 124 -11.67 25.32 23.94
CA THR D 124 -10.25 25.20 23.64
C THR D 124 -9.83 25.97 22.40
N ASP D 125 -10.77 26.53 21.63
CA ASP D 125 -10.45 27.33 20.46
C ASP D 125 -11.58 28.31 20.23
N PHE D 126 -11.24 29.58 20.05
CA PHE D 126 -12.24 30.64 19.93
C PHE D 126 -11.66 31.74 19.03
N VAL D 127 -12.04 31.72 17.76
CA VAL D 127 -11.63 32.74 16.80
C VAL D 127 -12.86 33.35 16.17
N ILE D 128 -12.75 34.61 15.78
CA ILE D 128 -13.82 35.32 15.07
C ILE D 128 -13.23 35.76 13.74
N GLN D 129 -13.47 34.97 12.69
CA GLN D 129 -12.92 35.24 11.38
C GLN D 129 -13.94 35.95 10.49
N ASP E 22 -38.99 -2.17 29.63
CA ASP E 22 -40.27 -1.60 29.21
C ASP E 22 -40.08 -0.21 28.60
N ALA E 23 -39.24 0.60 29.24
CA ALA E 23 -38.99 1.95 28.77
C ALA E 23 -38.34 1.94 27.39
N SER E 24 -38.55 3.02 26.64
CA SER E 24 -37.97 3.18 25.31
C SER E 24 -36.77 4.11 25.41
N PRO E 25 -35.54 3.60 25.49
CA PRO E 25 -34.39 4.49 25.63
C PRO E 25 -34.16 5.32 24.38
N ILE E 26 -33.54 6.48 24.58
CA ILE E 26 -33.26 7.40 23.48
C ILE E 26 -32.20 6.80 22.58
N ALA E 27 -32.32 7.05 21.28
CA ALA E 27 -31.33 6.64 20.30
C ALA E 27 -31.25 7.72 19.22
N TYR E 28 -30.04 7.99 18.75
CA TYR E 28 -29.79 9.04 17.77
C TYR E 28 -29.42 8.42 16.43
N VAL E 29 -30.12 8.83 15.38
CA VAL E 29 -29.89 8.36 14.02
C VAL E 29 -29.25 9.49 13.24
N ASN E 30 -28.00 9.30 12.85
CA ASN E 30 -27.25 10.36 12.17
C ASN E 30 -27.66 10.46 10.71
N LEU E 31 -27.69 11.69 10.21
CA LEU E 31 -27.84 11.96 8.79
C LEU E 31 -26.54 12.59 8.29
N PRO E 32 -25.65 11.81 7.67
CA PRO E 32 -24.32 12.36 7.34
C PRO E 32 -24.35 13.46 6.30
N GLN E 33 -25.31 13.43 5.37
CA GLN E 33 -25.41 14.48 4.36
C GLN E 33 -25.87 15.78 4.99
N ALA E 34 -25.05 16.82 4.87
CA ALA E 34 -25.46 18.15 5.30
C ALA E 34 -26.36 18.78 4.25
N PHE E 35 -27.33 19.56 4.72
CA PHE E 35 -28.33 20.17 3.83
C PHE E 35 -27.85 21.53 3.35
N VAL E 36 -27.82 21.70 2.04
CA VAL E 36 -27.42 22.95 1.40
C VAL E 36 -28.56 23.40 0.50
N PHE E 37 -28.95 24.67 0.63
CA PHE E 37 -30.11 25.20 -0.08
C PHE E 37 -30.02 26.71 -0.13
N ASN E 38 -31.04 27.33 -0.73
CA ASN E 38 -31.15 28.77 -0.84
C ASN E 38 -32.31 29.28 0.01
N VAL E 39 -32.27 30.57 0.33
CA VAL E 39 -33.28 31.20 1.18
C VAL E 39 -34.34 31.95 0.39
N THR E 40 -34.15 32.16 -0.92
CA THR E 40 -34.86 33.20 -1.67
C THR E 40 -34.60 34.55 -1.01
N GLY E 41 -33.31 34.89 -0.94
CA GLY E 41 -32.90 36.03 -0.15
C GLY E 41 -33.43 37.34 -0.67
N ASP E 42 -33.62 38.29 0.26
CA ASP E 42 -34.18 39.59 -0.09
C ASP E 42 -33.13 40.48 -0.74
N SER E 43 -31.96 40.60 -0.11
CA SER E 43 -30.89 41.41 -0.68
C SER E 43 -30.23 40.72 -1.87
N ARG E 44 -29.78 39.49 -1.67
CA ARG E 44 -29.17 38.70 -2.73
C ARG E 44 -29.37 37.22 -2.43
N ASP E 45 -28.88 36.37 -3.32
CA ASP E 45 -28.98 34.92 -3.11
C ASP E 45 -27.99 34.51 -2.02
N ARG E 46 -28.51 33.90 -0.96
CA ARG E 46 -27.70 33.48 0.17
C ARG E 46 -27.73 31.97 0.31
N LEU E 47 -26.62 31.41 0.79
CA LEU E 47 -26.42 29.98 0.86
C LEU E 47 -26.47 29.53 2.31
N VAL E 48 -27.24 28.47 2.59
CA VAL E 48 -27.42 27.97 3.95
C VAL E 48 -26.95 26.52 4.02
N GLN E 49 -26.44 26.14 5.18
CA GLN E 49 -25.94 24.79 5.40
C GLN E 49 -26.38 24.34 6.79
N ILE E 50 -27.30 23.36 6.83
CA ILE E 50 -27.80 22.79 8.08
C ILE E 50 -27.35 21.34 8.15
N LYS E 51 -26.81 20.94 9.30
CA LYS E 51 -26.39 19.57 9.55
C LYS E 51 -27.28 19.01 10.66
N ALA E 52 -28.05 17.98 10.35
CA ALA E 52 -29.11 17.50 11.22
C ALA E 52 -28.88 16.05 11.64
N GLN E 53 -29.49 15.70 12.77
CA GLN E 53 -29.55 14.32 13.24
C GLN E 53 -30.96 14.06 13.74
N LEU E 54 -31.30 12.77 13.83
CA LEU E 54 -32.63 12.35 14.25
C LEU E 54 -32.54 11.74 15.65
N MET E 55 -33.44 12.17 16.53
CA MET E 55 -33.54 11.66 17.89
C MET E 55 -34.81 10.81 17.99
N VAL E 56 -34.64 9.49 18.00
CA VAL E 56 -35.75 8.56 18.05
C VAL E 56 -35.80 7.90 19.42
N ARG E 57 -36.90 7.23 19.69
CA ARG E 57 -37.09 6.46 20.93
C ARG E 57 -37.55 5.06 20.57
N GLY E 58 -36.84 4.06 21.08
CA GLY E 58 -37.16 2.68 20.80
C GLY E 58 -36.23 2.07 19.77
N ALA E 59 -36.21 0.74 19.75
CA ALA E 59 -35.31 0.04 18.84
C ALA E 59 -35.92 -0.12 17.45
N GLU E 60 -37.24 -0.34 17.37
CA GLU E 60 -37.89 -0.48 16.08
C GLU E 60 -37.88 0.85 15.32
N ASN E 61 -38.09 1.97 16.04
CA ASN E 61 -38.07 3.27 15.38
C ASN E 61 -36.67 3.63 14.89
N GLU E 62 -35.63 3.17 15.59
CA GLU E 62 -34.27 3.47 15.16
C GLU E 62 -33.97 2.87 13.79
N GLU E 63 -34.37 1.62 13.58
CA GLU E 63 -34.15 1.01 12.26
C GLU E 63 -35.12 1.55 11.23
N LEU E 64 -36.30 2.02 11.65
CA LEU E 64 -37.21 2.67 10.71
C LEU E 64 -36.65 4.01 10.26
N ALA E 65 -36.01 4.75 11.17
CA ALA E 65 -35.43 6.04 10.80
C ALA E 65 -34.28 5.89 9.81
N ARG E 66 -33.53 4.78 9.91
CA ARG E 66 -32.41 4.57 8.98
C ARG E 66 -32.91 4.11 7.61
N TYR E 67 -33.82 3.14 7.59
CA TYR E 67 -34.28 2.58 6.32
C TYR E 67 -35.02 3.62 5.49
N HIS E 68 -35.79 4.49 6.14
CA HIS E 68 -36.54 5.54 5.47
C HIS E 68 -35.82 6.88 5.48
N SER E 69 -34.49 6.86 5.55
CA SER E 69 -33.73 8.10 5.48
C SER E 69 -33.97 8.89 4.19
N PRO E 70 -34.07 8.29 3.00
CA PRO E 70 -34.36 9.10 1.81
C PRO E 70 -35.66 9.88 1.92
N LEU E 71 -36.73 9.25 2.40
CA LEU E 71 -37.99 9.97 2.58
C LEU E 71 -37.86 11.05 3.64
N ILE E 72 -37.10 10.79 4.70
CA ILE E 72 -36.94 11.76 5.78
C ILE E 72 -36.11 12.94 5.29
N GLU E 73 -35.01 12.68 4.58
CA GLU E 73 -34.20 13.75 4.03
C GLU E 73 -34.99 14.59 3.03
N SER E 74 -35.91 13.95 2.29
CA SER E 74 -36.76 14.71 1.36
C SER E 74 -37.70 15.63 2.12
N SER E 75 -38.24 15.17 3.26
CA SER E 75 -39.15 16.01 4.04
C SER E 75 -38.43 17.19 4.68
N LEU E 76 -37.16 17.00 5.07
CA LEU E 76 -36.40 18.12 5.65
C LEU E 76 -36.07 19.16 4.59
N LEU E 77 -35.80 18.71 3.35
CA LEU E 77 -35.51 19.66 2.28
C LEU E 77 -36.75 20.45 1.89
N SER E 78 -37.91 19.78 1.81
CA SER E 78 -39.15 20.48 1.52
C SER E 78 -39.55 21.44 2.63
N THR E 79 -38.98 21.29 3.82
CA THR E 79 -39.24 22.19 4.94
C THR E 79 -38.28 23.37 4.96
N PHE E 80 -36.98 23.10 4.75
CA PHE E 80 -35.99 24.18 4.76
C PHE E 80 -36.20 25.13 3.58
N ALA E 81 -36.76 24.65 2.47
CA ALA E 81 -36.93 25.50 1.31
C ALA E 81 -38.01 26.54 1.52
N SER E 82 -39.08 26.18 2.24
CA SER E 82 -40.17 27.10 2.51
C SER E 82 -39.89 28.07 3.65
N ALA E 83 -38.68 28.03 4.22
CA ALA E 83 -38.32 28.91 5.32
C ALA E 83 -37.75 30.21 4.79
N THR E 84 -38.00 31.29 5.53
CA THR E 84 -37.63 32.64 5.13
C THR E 84 -36.33 33.05 5.82
N VAL E 85 -35.94 34.31 5.63
CA VAL E 85 -34.68 34.80 6.18
C VAL E 85 -34.84 35.17 7.65
N ASP E 86 -35.92 35.87 7.99
CA ASP E 86 -36.13 36.24 9.39
C ASP E 86 -36.36 35.01 10.27
N GLN E 87 -36.72 33.88 9.67
CA GLN E 87 -36.76 32.63 10.43
C GLN E 87 -35.36 32.10 10.67
N LEU E 88 -34.52 32.10 9.64
CA LEU E 88 -33.17 31.54 9.75
C LEU E 88 -32.21 32.44 10.51
N ARG E 89 -32.60 33.69 10.81
CA ARG E 89 -31.74 34.58 11.57
C ARG E 89 -32.26 34.87 12.98
N SER E 90 -33.46 34.44 13.31
CA SER E 90 -33.93 34.63 14.68
C SER E 90 -33.83 33.33 15.47
N PRO E 91 -33.38 33.41 16.73
CA PRO E 91 -33.27 32.19 17.54
C PRO E 91 -34.54 31.37 17.63
N THR E 92 -35.69 31.99 17.93
CA THR E 92 -36.94 31.26 17.96
C THR E 92 -37.46 30.91 16.57
N GLY E 93 -36.93 31.56 15.53
CA GLY E 93 -37.29 31.17 14.18
C GLY E 93 -36.82 29.77 13.83
N ARG E 94 -35.68 29.36 14.37
CA ARG E 94 -35.25 27.97 14.23
C ARG E 94 -36.01 27.04 15.15
N VAL E 95 -36.40 27.52 16.33
CA VAL E 95 -37.25 26.73 17.22
C VAL E 95 -38.55 26.37 16.52
N GLU E 96 -39.13 27.32 15.79
CA GLU E 96 -40.30 27.01 14.97
C GLU E 96 -39.92 26.13 13.79
N LEU E 97 -38.69 26.26 13.28
CA LEU E 97 -38.28 25.47 12.13
C LEU E 97 -38.09 24.01 12.49
N ARG E 98 -37.46 23.73 13.65
CA ARG E 98 -37.27 22.35 14.06
C ARG E 98 -38.60 21.64 14.28
N ASP E 99 -39.56 22.32 14.93
CA ASP E 99 -40.87 21.73 15.12
C ASP E 99 -41.54 21.43 13.79
N ARG E 100 -41.51 22.41 12.87
CA ARG E 100 -42.06 22.17 11.54
C ARG E 100 -41.31 21.07 10.81
N ALA E 101 -39.99 21.01 11.01
CA ALA E 101 -39.21 19.93 10.42
C ALA E 101 -39.60 18.58 11.02
N SER E 102 -39.84 18.53 12.32
CA SER E 102 -40.26 17.29 12.97
C SER E 102 -41.66 16.88 12.54
N GLU E 103 -42.62 17.81 12.65
CA GLU E 103 -44.01 17.47 12.37
C GLU E 103 -44.21 17.08 10.91
N ASP E 104 -43.41 17.64 10.00
CA ASP E 104 -43.52 17.24 8.59
C ASP E 104 -43.02 15.82 8.38
N ILE E 105 -41.97 15.42 9.11
CA ILE E 105 -41.47 14.06 8.99
C ILE E 105 -42.48 13.06 9.56
N LYS E 106 -43.08 13.39 10.71
CA LYS E 106 -44.06 12.49 11.30
C LYS E 106 -45.28 12.34 10.40
N ALA E 107 -45.71 13.42 9.76
CA ALA E 107 -46.84 13.34 8.84
C ALA E 107 -46.49 12.54 7.58
N ALA E 108 -45.24 12.65 7.12
CA ALA E 108 -44.82 11.91 5.94
C ALA E 108 -44.74 10.41 6.24
N LEU E 109 -44.08 10.04 7.33
CA LEU E 109 -43.95 8.63 7.68
C LEU E 109 -45.26 8.00 8.10
N ASN E 110 -46.22 8.79 8.59
CA ASN E 110 -47.52 8.24 8.93
C ASN E 110 -48.28 7.80 7.68
N ALA E 111 -48.17 8.57 6.60
CA ALA E 111 -48.81 8.17 5.36
C ALA E 111 -48.07 7.03 4.66
N ALA E 112 -46.78 6.86 4.95
CA ALA E 112 -45.97 5.84 4.29
C ALA E 112 -45.94 4.53 5.09
N VAL E 113 -45.57 4.60 6.36
CA VAL E 113 -45.45 3.41 7.20
C VAL E 113 -46.44 3.39 8.35
N GLY E 114 -47.11 4.49 8.64
CA GLY E 114 -48.13 4.52 9.68
C GLY E 114 -47.64 4.78 11.08
N LYS E 115 -46.44 5.32 11.25
CA LYS E 115 -45.88 5.58 12.57
C LYS E 115 -45.10 6.88 12.61
N PRO E 116 -45.30 7.70 13.65
CA PRO E 116 -44.44 8.88 13.84
C PRO E 116 -43.09 8.50 14.42
N VAL E 117 -42.15 8.16 13.55
CA VAL E 117 -40.94 7.44 13.97
C VAL E 117 -40.06 8.31 14.87
N ILE E 118 -39.76 9.54 14.45
CA ILE E 118 -38.64 10.28 15.02
C ILE E 118 -38.98 10.78 16.43
N GLU E 119 -40.03 11.60 16.55
CA GLU E 119 -40.49 12.40 17.69
C GLU E 119 -39.71 13.72 17.85
N LYS E 120 -38.61 13.95 17.13
CA LYS E 120 -37.98 15.27 17.01
C LYS E 120 -36.76 15.16 16.13
N VAL E 121 -36.27 16.32 15.66
CA VAL E 121 -35.06 16.43 14.86
C VAL E 121 -34.13 17.43 15.54
N LEU E 122 -32.83 17.15 15.49
CA LEU E 122 -31.83 17.99 16.12
C LEU E 122 -30.96 18.67 15.06
N PHE E 123 -30.49 19.87 15.39
CA PHE E 123 -29.54 20.61 14.56
C PHE E 123 -28.20 20.66 15.28
N THR E 124 -27.14 20.25 14.59
CA THR E 124 -25.79 20.28 15.16
C THR E 124 -24.88 21.30 14.49
N ASP E 125 -25.28 21.86 13.35
CA ASP E 125 -24.49 22.87 12.68
C ASP E 125 -25.41 23.72 11.82
N PHE E 126 -25.22 25.04 11.87
CA PHE E 126 -26.10 25.96 11.17
C PHE E 126 -25.28 27.18 10.75
N VAL E 127 -25.11 27.36 9.45
CA VAL E 127 -24.40 28.52 8.90
C VAL E 127 -25.16 29.03 7.69
N ILE E 128 -25.47 30.31 7.69
CA ILE E 128 -26.10 30.98 6.56
C ILE E 128 -25.06 31.93 5.97
N GLN E 129 -24.35 31.46 4.95
CA GLN E 129 -23.23 32.20 4.38
C GLN E 129 -23.63 32.97 3.13
N ASP F 22 -46.94 -6.51 5.88
CA ASP F 22 -46.17 -7.22 4.86
C ASP F 22 -46.64 -6.88 3.46
N ALA F 23 -47.56 -5.91 3.35
CA ALA F 23 -47.87 -5.34 2.05
C ALA F 23 -46.60 -4.77 1.43
N SER F 24 -46.62 -4.63 0.10
CA SER F 24 -45.41 -4.41 -0.71
C SER F 24 -44.50 -3.38 -0.05
N PRO F 25 -43.35 -3.82 0.46
CA PRO F 25 -42.53 -2.92 1.29
C PRO F 25 -41.90 -1.80 0.49
N ILE F 26 -41.81 -0.63 1.13
CA ILE F 26 -41.17 0.51 0.49
C ILE F 26 -39.68 0.24 0.34
N ALA F 27 -39.12 0.70 -0.78
CA ALA F 27 -37.70 0.59 -1.04
C ALA F 27 -37.26 1.84 -1.79
N TYR F 28 -35.98 2.20 -1.62
CA TYR F 28 -35.44 3.42 -2.19
C TYR F 28 -34.27 3.08 -3.12
N VAL F 29 -34.44 3.38 -4.40
CA VAL F 29 -33.38 3.21 -5.39
C VAL F 29 -32.65 4.54 -5.53
N ASN F 30 -31.36 4.55 -5.20
CA ASN F 30 -30.59 5.78 -5.21
C ASN F 30 -30.09 6.08 -6.62
N LEU F 31 -30.32 7.33 -7.06
CA LEU F 31 -29.72 7.84 -8.29
C LEU F 31 -28.47 8.59 -7.90
N PRO F 32 -27.28 7.98 -7.99
CA PRO F 32 -26.10 8.57 -7.33
C PRO F 32 -25.60 9.84 -7.97
N GLN F 33 -25.80 10.03 -9.28
CA GLN F 33 -25.26 11.18 -9.98
C GLN F 33 -26.26 12.34 -9.91
N ALA F 34 -25.82 13.46 -9.35
CA ALA F 34 -26.68 14.63 -9.22
C ALA F 34 -26.95 15.25 -10.60
N PHE F 35 -28.06 15.97 -10.68
CA PHE F 35 -28.53 16.56 -11.93
C PHE F 35 -28.17 18.04 -11.95
N VAL F 36 -27.21 18.41 -12.78
CA VAL F 36 -26.89 19.81 -13.05
C VAL F 36 -27.51 20.16 -14.40
N PHE F 37 -28.16 21.31 -14.47
CA PHE F 37 -28.83 21.72 -15.70
C PHE F 37 -29.04 23.23 -15.67
N ASN F 38 -29.36 23.78 -16.85
CA ASN F 38 -29.62 25.21 -16.99
C ASN F 38 -31.11 25.46 -16.84
N VAL F 39 -31.46 26.46 -16.06
CA VAL F 39 -32.83 26.95 -15.98
C VAL F 39 -32.98 28.07 -17.01
N THR F 40 -34.12 28.08 -17.69
CA THR F 40 -34.41 29.15 -18.64
C THR F 40 -34.76 30.42 -17.87
N GLY F 41 -33.75 31.04 -17.26
CA GLY F 41 -33.97 32.12 -16.32
C GLY F 41 -34.19 33.46 -16.97
N ASP F 42 -34.54 34.43 -16.13
CA ASP F 42 -34.82 35.79 -16.57
C ASP F 42 -33.51 36.58 -16.62
N SER F 43 -32.79 36.42 -17.73
CA SER F 43 -31.52 37.10 -17.99
C SER F 43 -30.46 36.75 -16.95
N ARG F 44 -30.60 35.62 -16.27
CA ARG F 44 -29.65 35.17 -15.26
C ARG F 44 -29.16 33.78 -15.64
N ASP F 45 -27.86 33.66 -15.93
CA ASP F 45 -27.25 32.38 -16.26
C ASP F 45 -26.88 31.68 -14.97
N ARG F 46 -27.72 30.74 -14.54
CA ARG F 46 -27.53 30.03 -13.28
C ARG F 46 -27.65 28.53 -13.51
N LEU F 47 -27.09 27.76 -12.58
CA LEU F 47 -27.14 26.31 -12.61
C LEU F 47 -27.94 25.81 -11.41
N VAL F 48 -28.73 24.77 -11.63
CA VAL F 48 -29.52 24.12 -10.59
C VAL F 48 -29.00 22.69 -10.42
N GLN F 49 -28.74 22.31 -9.17
CA GLN F 49 -28.26 20.98 -8.84
C GLN F 49 -29.32 20.25 -8.03
N ILE F 50 -29.78 19.11 -8.55
CA ILE F 50 -30.82 18.32 -7.91
C ILE F 50 -30.29 16.90 -7.69
N LYS F 51 -30.23 16.48 -6.42
CA LYS F 51 -29.89 15.12 -6.05
C LYS F 51 -31.18 14.40 -5.68
N ALA F 52 -31.49 13.32 -6.41
CA ALA F 52 -32.79 12.68 -6.29
C ALA F 52 -32.64 11.19 -6.02
N GLN F 53 -33.70 10.62 -5.44
CA GLN F 53 -33.82 9.18 -5.25
C GLN F 53 -35.24 8.78 -5.65
N LEU F 54 -35.44 7.47 -5.77
CA LEU F 54 -36.72 6.91 -6.22
C LEU F 54 -37.32 6.07 -5.10
N MET F 55 -38.61 6.30 -4.82
CA MET F 55 -39.33 5.52 -3.84
C MET F 55 -40.23 4.52 -4.56
N VAL F 56 -40.00 3.23 -4.34
CA VAL F 56 -40.75 2.16 -4.97
C VAL F 56 -41.31 1.23 -3.90
N ARG F 57 -42.32 0.46 -4.30
CA ARG F 57 -42.93 -0.55 -3.45
C ARG F 57 -42.87 -1.90 -4.16
N GLY F 58 -42.27 -2.88 -3.52
CA GLY F 58 -42.14 -4.19 -4.10
C GLY F 58 -40.71 -4.48 -4.53
N ALA F 59 -40.35 -5.76 -4.51
CA ALA F 59 -38.99 -6.15 -4.86
C ALA F 59 -38.74 -6.08 -6.36
N GLU F 60 -39.70 -6.55 -7.17
CA GLU F 60 -39.50 -6.53 -8.61
C GLU F 60 -39.56 -5.12 -9.19
N ASN F 61 -40.20 -4.19 -8.48
CA ASN F 61 -40.10 -2.79 -8.86
C ASN F 61 -38.76 -2.19 -8.47
N GLU F 62 -38.18 -2.65 -7.36
CA GLU F 62 -36.89 -2.15 -6.93
C GLU F 62 -35.81 -2.50 -7.95
N GLU F 63 -35.80 -3.75 -8.44
CA GLU F 63 -34.83 -4.15 -9.44
C GLU F 63 -35.16 -3.62 -10.83
N LEU F 64 -36.41 -3.25 -11.08
CA LEU F 64 -36.77 -2.64 -12.35
C LEU F 64 -36.33 -1.19 -12.43
N ALA F 65 -36.64 -0.41 -11.39
CA ALA F 65 -36.22 0.99 -11.36
C ALA F 65 -34.70 1.11 -11.34
N ARG F 66 -34.02 0.16 -10.69
CA ARG F 66 -32.56 0.19 -10.68
C ARG F 66 -32.00 -0.19 -12.04
N TYR F 67 -32.59 -1.18 -12.70
CA TYR F 67 -32.08 -1.62 -14.00
C TYR F 67 -32.34 -0.56 -15.08
N HIS F 68 -33.50 0.07 -15.05
CA HIS F 68 -33.86 1.09 -16.04
C HIS F 68 -33.53 2.50 -15.56
N SER F 69 -32.53 2.65 -14.69
CA SER F 69 -32.16 3.98 -14.22
C SER F 69 -31.65 4.90 -15.32
N PRO F 70 -30.91 4.44 -16.35
CA PRO F 70 -30.54 5.37 -17.43
C PRO F 70 -31.74 6.02 -18.10
N LEU F 71 -32.83 5.27 -18.31
CA LEU F 71 -34.04 5.87 -18.85
C LEU F 71 -34.71 6.79 -17.84
N ILE F 72 -34.63 6.45 -16.54
CA ILE F 72 -35.20 7.31 -15.52
C ILE F 72 -34.40 8.60 -15.39
N GLU F 73 -33.07 8.50 -15.47
CA GLU F 73 -32.24 9.71 -15.49
C GLU F 73 -32.56 10.58 -16.71
N SER F 74 -33.06 9.98 -17.79
CA SER F 74 -33.44 10.75 -18.96
C SER F 74 -34.77 11.46 -18.76
N SER F 75 -35.73 10.78 -18.11
CA SER F 75 -37.03 11.41 -17.86
C SER F 75 -36.91 12.59 -16.91
N LEU F 76 -36.03 12.49 -15.92
CA LEU F 76 -35.85 13.59 -14.97
C LEU F 76 -35.21 14.81 -15.64
N LEU F 77 -34.12 14.59 -16.35
CA LEU F 77 -33.42 15.71 -17.00
C LEU F 77 -34.32 16.40 -18.02
N SER F 78 -35.14 15.62 -18.73
CA SER F 78 -36.10 16.22 -19.67
C SER F 78 -37.16 17.03 -18.94
N THR F 79 -37.55 16.60 -17.74
CA THR F 79 -38.55 17.35 -16.98
C THR F 79 -37.96 18.63 -16.41
N PHE F 80 -36.74 18.56 -15.87
CA PHE F 80 -36.12 19.72 -15.25
C PHE F 80 -35.84 20.85 -16.23
N ALA F 81 -35.73 20.54 -17.52
CA ALA F 81 -35.46 21.60 -18.50
C ALA F 81 -36.67 22.51 -18.68
N SER F 82 -37.88 21.95 -18.69
CA SER F 82 -39.09 22.73 -18.85
C SER F 82 -39.51 23.46 -17.58
N ALA F 83 -38.71 23.37 -16.52
CA ALA F 83 -39.00 24.06 -15.27
C ALA F 83 -38.44 25.48 -15.31
N THR F 84 -39.28 26.45 -14.94
CA THR F 84 -38.88 27.85 -14.94
C THR F 84 -38.31 28.24 -13.57
N VAL F 85 -37.57 29.35 -13.55
CA VAL F 85 -37.04 29.84 -12.29
C VAL F 85 -38.16 30.34 -11.39
N ASP F 86 -39.27 30.79 -11.98
CA ASP F 86 -40.45 31.12 -11.19
C ASP F 86 -41.08 29.87 -10.56
N GLN F 87 -40.81 28.70 -11.13
CA GLN F 87 -41.33 27.44 -10.59
C GLN F 87 -40.36 26.77 -9.64
N LEU F 88 -39.06 27.04 -9.78
CA LEU F 88 -38.07 26.44 -8.90
C LEU F 88 -37.93 27.22 -7.59
N ARG F 89 -38.02 28.54 -7.65
CA ARG F 89 -37.88 29.35 -6.44
C ARG F 89 -39.08 29.21 -5.52
N SER F 90 -40.24 28.89 -6.06
CA SER F 90 -41.45 28.79 -5.25
C SER F 90 -41.52 27.43 -4.56
N PRO F 91 -41.91 27.39 -3.29
CA PRO F 91 -42.07 26.09 -2.62
C PRO F 91 -43.22 25.28 -3.22
N THR F 92 -44.31 25.93 -3.62
CA THR F 92 -45.41 25.21 -4.26
C THR F 92 -45.00 24.67 -5.62
N GLY F 93 -44.11 25.38 -6.32
CA GLY F 93 -43.67 24.90 -7.62
C GLY F 93 -42.81 23.66 -7.53
N ARG F 94 -41.96 23.59 -6.49
CA ARG F 94 -41.15 22.39 -6.30
C ARG F 94 -42.01 21.17 -6.01
N VAL F 95 -43.11 21.36 -5.28
CA VAL F 95 -44.03 20.26 -5.05
C VAL F 95 -44.67 19.81 -6.36
N GLU F 96 -45.09 20.78 -7.17
CA GLU F 96 -45.64 20.44 -8.49
C GLU F 96 -44.57 19.88 -9.41
N LEU F 97 -43.31 20.27 -9.20
CA LEU F 97 -42.23 19.73 -10.01
C LEU F 97 -42.05 18.24 -9.78
N ARG F 98 -42.10 17.80 -8.52
CA ARG F 98 -41.98 16.38 -8.22
C ARG F 98 -43.11 15.59 -8.85
N ASP F 99 -44.34 16.09 -8.75
CA ASP F 99 -45.48 15.41 -9.36
C ASP F 99 -45.28 15.24 -10.86
N ARG F 100 -44.91 16.32 -11.55
CA ARG F 100 -44.69 16.23 -12.99
C ARG F 100 -43.47 15.37 -13.31
N ALA F 101 -42.43 15.45 -12.48
CA ALA F 101 -41.25 14.61 -12.71
C ALA F 101 -41.56 13.15 -12.41
N SER F 102 -42.35 12.89 -11.37
CA SER F 102 -42.71 11.51 -11.06
C SER F 102 -43.63 10.92 -12.11
N GLU F 103 -44.60 11.70 -12.61
CA GLU F 103 -45.50 11.20 -13.64
C GLU F 103 -44.76 10.98 -14.96
N ASP F 104 -43.77 11.82 -15.27
CA ASP F 104 -43.04 11.65 -16.52
C ASP F 104 -42.23 10.36 -16.52
N ILE F 105 -41.75 9.93 -15.36
CA ILE F 105 -41.05 8.64 -15.29
C ILE F 105 -42.01 7.49 -15.52
N LYS F 106 -43.20 7.57 -14.91
CA LYS F 106 -44.18 6.49 -15.06
C LYS F 106 -44.65 6.38 -16.50
N ALA F 107 -44.83 7.52 -17.18
CA ALA F 107 -45.25 7.47 -18.59
C ALA F 107 -44.18 6.82 -19.46
N ALA F 108 -42.90 7.11 -19.18
CA ALA F 108 -41.82 6.52 -19.96
C ALA F 108 -41.69 5.02 -19.69
N LEU F 109 -41.79 4.63 -18.42
CA LEU F 109 -41.66 3.22 -18.08
C LEU F 109 -42.88 2.41 -18.49
N ASN F 110 -44.07 3.02 -18.46
CA ASN F 110 -45.26 2.34 -18.93
C ASN F 110 -45.17 2.03 -20.42
N ALA F 111 -44.50 2.90 -21.19
CA ALA F 111 -44.34 2.67 -22.62
C ALA F 111 -43.17 1.74 -22.94
N ALA F 112 -42.20 1.61 -22.03
CA ALA F 112 -41.01 0.81 -22.29
C ALA F 112 -41.15 -0.60 -21.75
N VAL F 113 -41.60 -0.76 -20.51
CA VAL F 113 -41.73 -2.06 -19.88
C VAL F 113 -43.15 -2.38 -19.46
N GLY F 114 -44.11 -1.52 -19.76
CA GLY F 114 -45.50 -1.78 -19.44
C GLY F 114 -45.88 -1.62 -17.98
N LYS F 115 -44.94 -1.20 -17.13
CA LYS F 115 -45.22 -1.05 -15.71
C LYS F 115 -44.88 0.36 -15.24
N PRO F 116 -45.69 0.93 -14.34
CA PRO F 116 -45.34 2.22 -13.70
C PRO F 116 -44.47 1.96 -12.47
N VAL F 117 -43.19 1.68 -12.73
CA VAL F 117 -42.32 1.05 -11.75
C VAL F 117 -42.28 1.86 -10.45
N ILE F 118 -41.88 3.13 -10.55
CA ILE F 118 -41.76 3.97 -9.36
C ILE F 118 -43.14 4.44 -8.95
N GLU F 119 -43.24 5.00 -7.73
CA GLU F 119 -44.47 5.65 -7.28
C GLU F 119 -44.29 7.12 -6.95
N LYS F 120 -43.06 7.57 -6.66
CA LYS F 120 -42.74 8.99 -6.57
C LYS F 120 -41.23 9.15 -6.50
N VAL F 121 -40.75 10.30 -6.91
CA VAL F 121 -39.33 10.64 -6.89
C VAL F 121 -39.09 11.65 -5.76
N LEU F 122 -38.03 11.42 -5.00
CA LEU F 122 -37.70 12.24 -3.83
C LEU F 122 -36.49 13.10 -4.13
N PHE F 123 -36.59 14.39 -3.82
CA PHE F 123 -35.47 15.32 -3.95
C PHE F 123 -34.79 15.45 -2.58
N THR F 124 -33.49 15.12 -2.53
CA THR F 124 -32.73 15.20 -1.30
C THR F 124 -31.74 16.36 -1.26
N ASP F 125 -31.60 17.10 -2.36
CA ASP F 125 -30.71 18.25 -2.39
C ASP F 125 -31.15 19.16 -3.54
N PHE F 126 -31.21 20.46 -3.28
CA PHE F 126 -31.76 21.41 -4.24
C PHE F 126 -31.09 22.76 -4.02
N VAL F 127 -30.12 23.09 -4.87
CA VAL F 127 -29.43 24.36 -4.83
C VAL F 127 -29.52 25.02 -6.20
N ILE F 128 -29.34 26.34 -6.21
CA ILE F 128 -29.33 27.13 -7.44
C ILE F 128 -28.01 27.90 -7.44
N GLN F 129 -27.01 27.38 -8.15
CA GLN F 129 -25.68 27.97 -8.17
C GLN F 129 -25.40 28.67 -9.49
N ALA G 23 -39.47 -8.08 -29.71
CA ALA G 23 -39.44 -7.30 -28.47
C ALA G 23 -38.50 -7.92 -27.46
N SER G 24 -37.22 -8.01 -27.82
CA SER G 24 -36.21 -8.55 -26.92
C SER G 24 -36.04 -7.63 -25.72
N PRO G 25 -35.53 -8.15 -24.60
CA PRO G 25 -35.38 -7.32 -23.40
C PRO G 25 -34.47 -6.12 -23.63
N ILE G 26 -34.77 -5.04 -22.91
CA ILE G 26 -34.06 -3.79 -23.06
C ILE G 26 -32.70 -3.87 -22.37
N ALA G 27 -31.70 -3.25 -22.98
CA ALA G 27 -30.36 -3.15 -22.41
C ALA G 27 -29.77 -1.79 -22.77
N TYR G 28 -29.09 -1.18 -21.81
CA TYR G 28 -28.53 0.16 -21.98
C TYR G 28 -27.01 0.07 -22.10
N VAL G 29 -26.47 0.59 -23.20
CA VAL G 29 -25.04 0.65 -23.42
C VAL G 29 -24.57 2.05 -23.04
N ASN G 30 -23.58 2.12 -22.14
CA ASN G 30 -23.07 3.38 -21.64
C ASN G 30 -22.00 3.92 -22.58
N LEU G 31 -21.99 5.24 -22.74
CA LEU G 31 -20.92 5.94 -23.46
C LEU G 31 -20.19 6.81 -22.45
N PRO G 32 -18.95 6.47 -22.06
CA PRO G 32 -18.37 7.10 -20.87
C PRO G 32 -17.97 8.56 -21.06
N GLN G 33 -17.33 8.89 -22.18
CA GLN G 33 -16.79 10.24 -22.37
C GLN G 33 -17.93 11.19 -22.69
N ALA G 34 -18.20 12.13 -21.77
CA ALA G 34 -19.22 13.13 -22.01
C ALA G 34 -18.79 14.07 -23.13
N PHE G 35 -19.72 14.35 -24.03
CA PHE G 35 -19.44 15.18 -25.20
C PHE G 35 -19.39 16.65 -24.78
N VAL G 36 -18.22 17.26 -24.85
CA VAL G 36 -18.03 18.67 -24.54
C VAL G 36 -17.77 19.39 -25.86
N PHE G 37 -18.69 20.26 -26.25
CA PHE G 37 -18.56 21.04 -27.48
C PHE G 37 -19.12 22.42 -27.24
N ASN G 38 -18.87 23.32 -28.19
CA ASN G 38 -19.28 24.71 -28.07
C ASN G 38 -20.54 24.99 -28.88
N VAL G 39 -21.25 26.05 -28.49
CA VAL G 39 -22.48 26.42 -29.18
C VAL G 39 -22.18 26.88 -30.60
N THR G 40 -23.23 26.94 -31.41
CA THR G 40 -23.10 27.28 -32.82
C THR G 40 -22.91 28.78 -32.96
N GLY G 41 -21.64 29.20 -32.99
CA GLY G 41 -21.28 30.56 -33.34
C GLY G 41 -21.89 31.65 -32.50
N ASP G 42 -21.50 31.73 -31.23
CA ASP G 42 -21.96 32.76 -30.33
C ASP G 42 -20.78 33.59 -29.83
N SER G 43 -20.96 34.91 -29.80
CA SER G 43 -19.89 35.80 -29.34
C SER G 43 -19.48 35.46 -27.92
N ARG G 44 -20.45 35.32 -27.03
CA ARG G 44 -20.18 34.78 -25.70
C ARG G 44 -19.93 33.28 -25.82
N ASP G 45 -18.67 32.90 -25.98
CA ASP G 45 -18.32 31.51 -26.29
C ASP G 45 -18.63 30.63 -25.09
N ARG G 46 -19.69 29.83 -25.20
CA ARG G 46 -20.11 28.91 -24.17
C ARG G 46 -19.94 27.47 -24.66
N LEU G 47 -19.68 26.57 -23.71
CA LEU G 47 -19.50 25.16 -24.02
C LEU G 47 -20.74 24.36 -23.61
N VAL G 48 -20.99 23.28 -24.33
CA VAL G 48 -22.09 22.37 -24.06
C VAL G 48 -21.52 21.03 -23.63
N GLN G 49 -22.05 20.48 -22.54
CA GLN G 49 -21.64 19.18 -22.04
C GLN G 49 -22.85 18.25 -22.03
N ILE G 50 -22.77 17.16 -22.79
CA ILE G 50 -23.85 16.20 -22.90
C ILE G 50 -23.31 14.82 -22.54
N LYS G 51 -23.94 14.20 -21.54
CA LYS G 51 -23.62 12.83 -21.14
C LYS G 51 -24.72 11.92 -21.69
N ALA G 52 -24.34 10.98 -22.54
CA ALA G 52 -25.31 10.21 -23.31
C ALA G 52 -25.13 8.71 -23.08
N GLN G 53 -26.22 7.98 -23.31
CA GLN G 53 -26.23 6.53 -23.27
C GLN G 53 -27.12 6.02 -24.41
N LEU G 54 -26.96 4.74 -24.73
CA LEU G 54 -27.68 4.10 -25.82
C LEU G 54 -28.65 3.07 -25.26
N MET G 55 -29.88 3.08 -25.77
CA MET G 55 -30.92 2.14 -25.38
C MET G 55 -31.16 1.18 -26.54
N VAL G 56 -30.74 -0.06 -26.37
CA VAL G 56 -30.86 -1.09 -27.40
C VAL G 56 -31.81 -2.18 -26.93
N ARG G 57 -32.25 -2.99 -27.89
CA ARG G 57 -33.10 -4.14 -27.61
C ARG G 57 -32.46 -5.38 -28.24
N GLY G 58 -32.15 -6.37 -27.44
CA GLY G 58 -31.54 -7.59 -27.93
C GLY G 58 -30.09 -7.70 -27.51
N ALA G 59 -29.68 -8.89 -27.09
CA ALA G 59 -28.31 -9.10 -26.67
C ALA G 59 -27.33 -8.93 -27.83
N GLU G 60 -27.79 -9.18 -29.06
CA GLU G 60 -26.91 -9.01 -30.21
C GLU G 60 -26.67 -7.53 -30.50
N ASN G 61 -27.73 -6.72 -30.44
CA ASN G 61 -27.56 -5.28 -30.66
C ASN G 61 -26.70 -4.66 -29.57
N GLU G 62 -26.87 -5.10 -28.32
CA GLU G 62 -26.00 -4.63 -27.26
C GLU G 62 -24.54 -4.96 -27.54
N GLU G 63 -24.28 -6.15 -28.09
CA GLU G 63 -22.92 -6.50 -28.48
C GLU G 63 -22.43 -5.62 -29.62
N LEU G 64 -23.32 -5.27 -30.54
CA LEU G 64 -22.94 -4.40 -31.65
C LEU G 64 -22.79 -2.96 -31.21
N ALA G 65 -23.65 -2.50 -30.29
CA ALA G 65 -23.59 -1.11 -29.84
C ALA G 65 -22.29 -0.83 -29.09
N ARG G 66 -21.77 -1.81 -28.36
CA ARG G 66 -20.51 -1.61 -27.64
C ARG G 66 -19.32 -1.64 -28.61
N TYR G 67 -19.33 -2.58 -29.55
CA TYR G 67 -18.17 -2.77 -30.41
C TYR G 67 -18.00 -1.58 -31.37
N HIS G 68 -19.10 -1.02 -31.85
CA HIS G 68 -19.06 0.11 -32.77
C HIS G 68 -19.33 1.44 -32.08
N SER G 69 -19.18 1.49 -30.76
CA SER G 69 -19.38 2.74 -30.03
C SER G 69 -18.47 3.88 -30.48
N PRO G 70 -17.20 3.66 -30.86
CA PRO G 70 -16.43 4.79 -31.42
C PRO G 70 -17.09 5.41 -32.64
N LEU G 71 -17.67 4.60 -33.53
CA LEU G 71 -18.41 5.16 -34.66
C LEU G 71 -19.68 5.87 -34.20
N ILE G 72 -20.34 5.32 -33.17
CA ILE G 72 -21.54 5.95 -32.64
C ILE G 72 -21.23 7.30 -32.03
N GLU G 73 -20.09 7.40 -31.32
CA GLU G 73 -19.70 8.67 -30.73
C GLU G 73 -19.44 9.73 -31.79
N SER G 74 -18.91 9.32 -32.96
CA SER G 74 -18.69 10.28 -34.03
C SER G 74 -20.00 10.76 -34.62
N SER G 75 -20.98 9.87 -34.75
CA SER G 75 -22.29 10.28 -35.26
C SER G 75 -22.98 11.25 -34.31
N LEU G 76 -22.71 11.13 -33.01
CA LEU G 76 -23.29 12.06 -32.05
C LEU G 76 -22.65 13.43 -32.15
N LEU G 77 -21.33 13.48 -32.37
CA LEU G 77 -20.64 14.76 -32.50
C LEU G 77 -21.05 15.49 -33.76
N SER G 78 -21.16 14.76 -34.88
CA SER G 78 -21.62 15.38 -36.12
C SER G 78 -23.03 15.93 -35.97
N THR G 79 -23.85 15.30 -35.13
CA THR G 79 -25.19 15.81 -34.88
C THR G 79 -25.16 17.01 -33.93
N PHE G 80 -24.33 16.95 -32.89
CA PHE G 80 -24.26 18.05 -31.93
C PHE G 80 -23.67 19.29 -32.57
N ALA G 81 -22.57 19.14 -33.31
CA ALA G 81 -21.89 20.29 -33.91
C ALA G 81 -22.73 20.99 -34.97
N SER G 82 -23.80 20.36 -35.44
CA SER G 82 -24.70 20.95 -36.42
C SER G 82 -26.03 21.38 -35.81
N ALA G 83 -26.15 21.34 -34.49
CA ALA G 83 -27.40 21.69 -33.83
C ALA G 83 -27.54 23.21 -33.71
N THR G 84 -28.76 23.69 -33.91
CA THR G 84 -29.03 25.11 -33.76
C THR G 84 -29.21 25.48 -32.29
N VAL G 85 -29.26 26.78 -32.03
CA VAL G 85 -29.44 27.26 -30.66
C VAL G 85 -30.77 26.81 -30.10
N ASP G 86 -31.81 26.76 -30.95
CA ASP G 86 -33.12 26.29 -30.52
C ASP G 86 -33.04 24.85 -30.01
N GLN G 87 -32.23 24.01 -30.64
CA GLN G 87 -32.06 22.62 -30.23
C GLN G 87 -31.19 22.46 -29.00
N LEU G 88 -30.79 23.57 -28.36
CA LEU G 88 -29.99 23.51 -27.14
C LEU G 88 -30.61 24.23 -25.96
N ARG G 89 -31.50 25.21 -26.18
CA ARG G 89 -32.11 25.98 -25.11
C ARG G 89 -33.62 25.86 -25.06
N SER G 90 -34.21 24.98 -25.87
CA SER G 90 -35.66 24.82 -25.89
C SER G 90 -36.04 23.38 -25.58
N PRO G 91 -37.10 23.16 -24.80
CA PRO G 91 -37.53 21.77 -24.53
C PRO G 91 -37.85 20.99 -25.79
N THR G 92 -38.68 21.55 -26.68
CA THR G 92 -38.97 20.88 -27.94
C THR G 92 -37.72 20.73 -28.80
N GLY G 93 -36.79 21.68 -28.69
CA GLY G 93 -35.56 21.59 -29.45
C GLY G 93 -34.66 20.46 -28.98
N ARG G 94 -34.56 20.28 -27.66
CA ARG G 94 -33.74 19.19 -27.13
C ARG G 94 -34.32 17.83 -27.50
N VAL G 95 -35.65 17.68 -27.38
CA VAL G 95 -36.28 16.40 -27.71
C VAL G 95 -36.10 16.09 -29.19
N GLU G 96 -36.15 17.12 -30.05
CA GLU G 96 -35.86 16.91 -31.46
C GLU G 96 -34.41 16.45 -31.66
N LEU G 97 -33.48 17.07 -30.94
CA LEU G 97 -32.07 16.68 -31.06
C LEU G 97 -31.86 15.23 -30.68
N ARG G 98 -32.62 14.74 -29.68
CA ARG G 98 -32.56 13.33 -29.34
C ARG G 98 -33.04 12.46 -30.49
N ASP G 99 -34.20 12.81 -31.07
CA ASP G 99 -34.68 12.10 -32.26
C ASP G 99 -33.75 12.31 -33.44
N ARG G 100 -33.14 13.49 -33.54
CA ARG G 100 -32.13 13.73 -34.58
C ARG G 100 -30.95 12.78 -34.42
N ALA G 101 -30.38 12.74 -33.21
CA ALA G 101 -29.17 11.96 -32.98
C ALA G 101 -29.42 10.46 -33.14
N SER G 102 -30.61 9.99 -32.78
CA SER G 102 -30.93 8.57 -32.91
C SER G 102 -30.98 8.15 -34.37
N GLU G 103 -31.71 8.90 -35.19
CA GLU G 103 -31.82 8.57 -36.61
C GLU G 103 -30.47 8.68 -37.31
N ASP G 104 -29.60 9.59 -36.86
CA ASP G 104 -28.26 9.67 -37.42
C ASP G 104 -27.46 8.41 -37.13
N ILE G 105 -27.59 7.88 -35.91
CA ILE G 105 -26.86 6.67 -35.55
C ILE G 105 -27.39 5.47 -36.33
N LYS G 106 -28.71 5.35 -36.44
CA LYS G 106 -29.29 4.23 -37.18
C LYS G 106 -28.86 4.26 -38.64
N ALA G 107 -28.83 5.44 -39.24
CA ALA G 107 -28.41 5.55 -40.64
C ALA G 107 -26.93 5.26 -40.78
N ALA G 108 -26.11 5.69 -39.82
CA ALA G 108 -24.68 5.45 -39.89
C ALA G 108 -24.37 3.96 -39.69
N LEU G 109 -25.03 3.32 -38.73
CA LEU G 109 -24.78 1.91 -38.48
C LEU G 109 -25.40 1.03 -39.56
N ASN G 110 -26.48 1.49 -40.20
CA ASN G 110 -27.08 0.74 -41.29
C ASN G 110 -26.16 0.67 -42.50
N ALA G 111 -25.21 1.60 -42.62
CA ALA G 111 -24.25 1.58 -43.72
C ALA G 111 -22.98 0.82 -43.37
N ALA G 112 -22.63 0.73 -42.09
CA ALA G 112 -21.41 0.05 -41.67
C ALA G 112 -21.64 -1.43 -41.41
N VAL G 113 -22.70 -1.78 -40.67
CA VAL G 113 -22.99 -3.16 -40.32
C VAL G 113 -24.28 -3.67 -40.94
N GLY G 114 -25.00 -2.83 -41.68
CA GLY G 114 -26.19 -3.27 -42.39
C GLY G 114 -27.45 -3.37 -41.58
N LYS G 115 -27.42 -2.94 -40.31
CA LYS G 115 -28.62 -3.00 -39.48
C LYS G 115 -28.60 -1.87 -38.46
N PRO G 116 -29.73 -1.20 -38.25
CA PRO G 116 -29.81 -0.20 -37.16
C PRO G 116 -29.74 -0.89 -35.81
N VAL G 117 -28.76 -0.52 -35.00
CA VAL G 117 -28.47 -1.24 -33.76
C VAL G 117 -29.26 -0.68 -32.60
N ILE G 118 -29.24 0.62 -32.41
CA ILE G 118 -29.88 1.22 -31.24
C ILE G 118 -31.37 1.40 -31.49
N GLU G 119 -32.10 1.63 -30.40
CA GLU G 119 -33.50 2.04 -30.47
C GLU G 119 -33.68 3.54 -30.28
N LYS G 120 -32.92 4.15 -29.37
CA LYS G 120 -32.92 5.60 -29.19
C LYS G 120 -31.74 5.97 -28.31
N VAL G 121 -31.38 7.26 -28.35
CA VAL G 121 -30.31 7.80 -27.53
C VAL G 121 -30.92 8.42 -26.28
N LEU G 122 -30.16 8.38 -25.19
CA LEU G 122 -30.62 8.91 -23.91
C LEU G 122 -29.64 9.96 -23.41
N PHE G 123 -30.16 11.12 -23.03
CA PHE G 123 -29.35 12.20 -22.47
C PHE G 123 -29.58 12.23 -20.97
N THR G 124 -28.53 11.94 -20.20
CA THR G 124 -28.62 11.92 -18.74
C THR G 124 -28.06 13.19 -18.10
N ASP G 125 -27.43 14.07 -18.86
CA ASP G 125 -26.96 15.35 -18.35
C ASP G 125 -26.78 16.31 -19.52
N PHE G 126 -27.19 17.56 -19.32
CA PHE G 126 -27.25 18.53 -20.41
C PHE G 126 -27.09 19.92 -19.81
N VAL G 127 -25.89 20.49 -19.93
CA VAL G 127 -25.60 21.81 -19.38
C VAL G 127 -25.00 22.69 -20.46
N ILE G 128 -25.25 23.99 -20.35
CA ILE G 128 -24.63 25.01 -21.20
C ILE G 128 -24.01 26.05 -20.28
N GLN G 129 -22.70 26.18 -20.33
CA GLN G 129 -21.98 27.07 -19.41
C GLN G 129 -20.95 27.91 -20.14
N ALA H 23 -15.96 -8.47 -47.33
CA ALA H 23 -15.05 -7.51 -46.72
C ALA H 23 -14.59 -8.00 -45.34
N SER H 24 -13.43 -7.50 -44.91
CA SER H 24 -12.89 -7.89 -43.61
C SER H 24 -13.68 -7.20 -42.49
N PRO H 25 -13.70 -7.79 -41.29
CA PRO H 25 -14.47 -7.21 -40.20
C PRO H 25 -13.96 -5.82 -39.82
N ILE H 26 -14.90 -4.95 -39.43
CA ILE H 26 -14.55 -3.59 -39.05
C ILE H 26 -13.89 -3.60 -37.68
N ALA H 27 -12.79 -2.86 -37.55
CA ALA H 27 -12.10 -2.71 -36.29
C ALA H 27 -11.74 -1.24 -36.08
N TYR H 28 -11.52 -0.87 -34.81
CA TYR H 28 -11.24 0.51 -34.46
C TYR H 28 -9.93 0.59 -33.68
N VAL H 29 -9.13 1.60 -34.00
CA VAL H 29 -7.88 1.87 -33.31
C VAL H 29 -8.02 3.23 -32.62
N ASN H 30 -7.87 3.24 -31.31
CA ASN H 30 -8.07 4.45 -30.51
C ASN H 30 -6.76 5.22 -30.41
N LEU H 31 -6.81 6.51 -30.79
CA LEU H 31 -5.71 7.43 -30.53
C LEU H 31 -6.02 8.14 -29.21
N PRO H 32 -5.40 7.71 -28.10
CA PRO H 32 -5.89 8.17 -26.79
C PRO H 32 -5.62 9.63 -26.50
N GLN H 33 -4.48 10.16 -26.93
CA GLN H 33 -4.13 11.54 -26.62
C GLN H 33 -4.80 12.49 -27.61
N ALA H 34 -5.54 13.45 -27.08
CA ALA H 34 -6.24 14.41 -27.91
C ALA H 34 -5.26 15.34 -28.61
N PHE H 35 -5.70 15.90 -29.74
CA PHE H 35 -4.88 16.79 -30.55
C PHE H 35 -5.21 18.24 -30.21
N VAL H 36 -4.21 18.96 -29.70
CA VAL H 36 -4.32 20.39 -29.44
C VAL H 36 -3.43 21.12 -30.45
N PHE H 37 -3.96 22.18 -31.05
CA PHE H 37 -3.22 22.89 -32.09
C PHE H 37 -3.81 24.29 -32.25
N ASN H 38 -2.96 25.21 -32.69
CA ASN H 38 -3.40 26.55 -33.04
C ASN H 38 -3.89 26.60 -34.48
N VAL H 39 -5.02 27.28 -34.69
CA VAL H 39 -5.47 27.55 -36.04
C VAL H 39 -4.79 28.81 -36.56
N THR H 40 -4.69 28.91 -37.89
CA THR H 40 -4.14 30.11 -38.50
C THR H 40 -5.20 31.20 -38.55
N GLY H 41 -5.78 31.52 -37.39
CA GLY H 41 -6.83 32.52 -37.33
C GLY H 41 -6.29 33.93 -37.38
N ASP H 42 -7.14 34.84 -37.86
CA ASP H 42 -6.76 36.24 -38.03
C ASP H 42 -7.43 37.18 -37.04
N SER H 43 -8.39 36.70 -36.25
CA SER H 43 -9.12 37.56 -35.32
C SER H 43 -8.45 37.57 -33.95
N ARG H 44 -8.28 36.41 -33.33
CA ARG H 44 -7.73 36.31 -31.99
C ARG H 44 -7.03 34.97 -31.84
N ASP H 45 -6.39 34.78 -30.68
CA ASP H 45 -5.74 33.51 -30.39
C ASP H 45 -6.77 32.43 -30.15
N ARG H 46 -6.51 31.24 -30.71
CA ARG H 46 -7.48 30.15 -30.67
C ARG H 46 -6.77 28.83 -30.48
N LEU H 47 -7.26 28.03 -29.52
CA LEU H 47 -6.81 26.66 -29.31
C LEU H 47 -7.96 25.71 -29.62
N VAL H 48 -7.67 24.68 -30.41
CA VAL H 48 -8.66 23.69 -30.81
C VAL H 48 -8.19 22.32 -30.32
N GLN H 49 -9.09 21.58 -29.69
CA GLN H 49 -8.80 20.25 -29.17
C GLN H 49 -9.71 19.25 -29.85
N ILE H 50 -9.11 18.27 -30.53
CA ILE H 50 -9.85 17.26 -31.27
C ILE H 50 -9.43 15.88 -30.77
N LYS H 51 -10.42 15.05 -30.46
CA LYS H 51 -10.20 13.65 -30.11
C LYS H 51 -10.56 12.78 -31.30
N ALA H 52 -9.69 11.82 -31.62
CA ALA H 52 -9.86 11.06 -32.86
C ALA H 52 -9.60 9.58 -32.62
N GLN H 53 -10.25 8.76 -33.43
CA GLN H 53 -10.00 7.33 -33.51
C GLN H 53 -9.96 6.93 -34.98
N LEU H 54 -9.43 5.74 -35.24
CA LEU H 54 -9.26 5.24 -36.61
C LEU H 54 -10.19 4.08 -36.86
N MET H 55 -10.76 4.04 -38.07
CA MET H 55 -11.67 2.98 -38.50
C MET H 55 -10.97 2.16 -39.58
N VAL H 56 -10.67 0.91 -39.26
CA VAL H 56 -9.96 0.01 -40.16
C VAL H 56 -10.81 -1.23 -40.41
N ARG H 57 -10.39 -2.02 -41.40
CA ARG H 57 -11.06 -3.27 -41.75
C ARG H 57 -9.99 -4.35 -41.91
N GLY H 58 -10.02 -5.33 -41.03
CA GLY H 58 -9.08 -6.44 -41.10
C GLY H 58 -8.03 -6.37 -40.00
N ALA H 59 -7.65 -7.54 -39.48
CA ALA H 59 -6.63 -7.59 -38.44
C ALA H 59 -5.27 -7.14 -38.95
N GLU H 60 -5.02 -7.28 -40.24
CA GLU H 60 -3.74 -6.85 -40.79
C GLU H 60 -3.59 -5.33 -40.69
N ASN H 61 -4.65 -4.60 -41.05
CA ASN H 61 -4.58 -3.13 -40.97
C ASN H 61 -4.63 -2.65 -39.53
N GLU H 62 -5.37 -3.34 -38.66
CA GLU H 62 -5.42 -2.94 -37.26
C GLU H 62 -4.04 -3.03 -36.62
N GLU H 63 -3.25 -4.04 -37.01
CA GLU H 63 -1.87 -4.14 -36.53
C GLU H 63 -1.04 -2.97 -37.04
N LEU H 64 -1.14 -2.66 -38.33
CA LEU H 64 -0.37 -1.57 -38.91
C LEU H 64 -0.78 -0.23 -38.33
N ALA H 65 -2.08 -0.06 -38.04
CA ALA H 65 -2.56 1.22 -37.52
C ALA H 65 -1.98 1.52 -36.15
N ARG H 66 -1.87 0.50 -35.30
CA ARG H 66 -1.28 0.73 -33.98
C ARG H 66 0.23 0.92 -34.06
N TYR H 67 0.92 0.09 -34.86
CA TYR H 67 2.37 0.17 -34.95
C TYR H 67 2.85 1.46 -35.59
N HIS H 68 2.01 2.10 -36.42
CA HIS H 68 2.38 3.34 -37.10
C HIS H 68 1.58 4.53 -36.58
N SER H 69 1.08 4.45 -35.35
CA SER H 69 0.39 5.60 -34.75
C SER H 69 1.25 6.85 -34.69
N PRO H 70 2.55 6.80 -34.35
CA PRO H 70 3.36 8.03 -34.44
C PRO H 70 3.30 8.70 -35.80
N LEU H 71 3.33 7.93 -36.88
CA LEU H 71 3.20 8.52 -38.21
C LEU H 71 1.79 9.05 -38.45
N ILE H 72 0.78 8.36 -37.90
CA ILE H 72 -0.60 8.80 -38.07
C ILE H 72 -0.88 10.01 -37.17
N GLU H 73 -0.35 10.00 -35.95
CA GLU H 73 -0.47 11.17 -35.09
C GLU H 73 0.23 12.38 -35.71
N SER H 74 1.35 12.14 -36.39
CA SER H 74 2.05 13.23 -37.06
C SER H 74 1.29 13.73 -38.28
N SER H 75 0.67 12.81 -39.03
CA SER H 75 -0.05 13.19 -40.24
C SER H 75 -1.27 14.03 -39.92
N LEU H 76 -1.99 13.68 -38.84
CA LEU H 76 -3.18 14.44 -38.47
C LEU H 76 -2.82 15.85 -38.01
N LEU H 77 -1.70 15.99 -37.30
CA LEU H 77 -1.30 17.32 -36.82
C LEU H 77 -0.96 18.24 -37.98
N SER H 78 -0.29 17.72 -39.02
CA SER H 78 0.02 18.53 -40.19
C SER H 78 -1.24 18.89 -40.96
N THR H 79 -2.26 18.04 -40.91
CA THR H 79 -3.51 18.34 -41.61
C THR H 79 -4.31 19.42 -40.89
N PHE H 80 -4.41 19.33 -39.56
CA PHE H 80 -5.20 20.29 -38.81
C PHE H 80 -4.62 21.70 -38.89
N ALA H 81 -3.28 21.80 -38.90
CA ALA H 81 -2.63 23.11 -38.84
C ALA H 81 -2.97 23.99 -40.04
N SER H 82 -3.35 23.40 -41.17
CA SER H 82 -3.69 24.16 -42.37
C SER H 82 -5.12 24.65 -42.40
N ALA H 83 -5.96 24.21 -41.47
CA ALA H 83 -7.37 24.59 -41.48
C ALA H 83 -7.58 25.93 -40.78
N THR H 84 -8.47 26.73 -41.35
CA THR H 84 -8.83 28.01 -40.76
C THR H 84 -10.11 27.86 -39.92
N VAL H 85 -10.39 28.88 -39.11
CA VAL H 85 -11.48 28.79 -38.15
C VAL H 85 -12.83 28.73 -38.85
N ASP H 86 -12.98 29.42 -39.98
CA ASP H 86 -14.25 29.38 -40.70
C ASP H 86 -14.56 27.98 -41.22
N GLN H 87 -13.52 27.22 -41.59
CA GLN H 87 -13.75 25.83 -41.97
C GLN H 87 -14.22 25.00 -40.79
N LEU H 88 -13.80 25.36 -39.57
CA LEU H 88 -14.17 24.57 -38.40
C LEU H 88 -15.62 24.81 -38.00
N ARG H 89 -16.18 25.97 -38.33
CA ARG H 89 -17.56 26.27 -37.98
C ARG H 89 -18.55 25.85 -39.06
N SER H 90 -18.14 25.88 -40.32
CA SER H 90 -19.01 25.43 -41.39
C SER H 90 -19.15 23.90 -41.33
N PRO H 91 -20.37 23.36 -41.47
CA PRO H 91 -20.52 21.90 -41.43
C PRO H 91 -19.75 21.19 -42.54
N THR H 92 -19.72 21.77 -43.74
CA THR H 92 -18.96 21.16 -44.82
C THR H 92 -17.46 21.26 -44.59
N GLY H 93 -17.02 22.33 -43.92
CA GLY H 93 -15.60 22.45 -43.60
C GLY H 93 -15.10 21.31 -42.73
N ARG H 94 -15.87 20.95 -41.71
CA ARG H 94 -15.49 19.83 -40.86
C ARG H 94 -15.53 18.51 -41.64
N VAL H 95 -16.58 18.31 -42.44
CA VAL H 95 -16.70 17.06 -43.19
C VAL H 95 -15.59 16.95 -44.22
N GLU H 96 -15.24 18.06 -44.87
CA GLU H 96 -14.13 18.04 -45.82
C GLU H 96 -12.78 18.12 -45.13
N LEU H 97 -12.74 18.47 -43.85
CA LEU H 97 -11.50 18.34 -43.08
C LEU H 97 -11.27 16.90 -42.64
N ARG H 98 -12.33 16.23 -42.20
CA ARG H 98 -12.23 14.81 -41.89
C ARG H 98 -11.81 14.01 -43.12
N ASP H 99 -12.40 14.33 -44.28
CA ASP H 99 -12.01 13.65 -45.51
C ASP H 99 -10.58 13.99 -45.89
N ARG H 100 -10.17 15.25 -45.73
CA ARG H 100 -8.79 15.63 -46.02
C ARG H 100 -7.83 14.96 -45.06
N ALA H 101 -8.23 14.80 -43.80
CA ALA H 101 -7.37 14.12 -42.83
C ALA H 101 -7.22 12.65 -43.16
N SER H 102 -8.31 12.01 -43.61
CA SER H 102 -8.25 10.59 -43.95
C SER H 102 -7.39 10.34 -45.18
N GLU H 103 -7.59 11.15 -46.23
CA GLU H 103 -6.82 10.97 -47.46
C GLU H 103 -5.34 11.29 -47.28
N ASP H 104 -4.99 12.11 -46.29
CA ASP H 104 -3.58 12.39 -46.02
C ASP H 104 -2.89 11.21 -45.36
N ILE H 105 -3.56 10.57 -44.39
CA ILE H 105 -2.97 9.42 -43.72
C ILE H 105 -2.80 8.26 -44.70
N LYS H 106 -3.78 8.07 -45.58
CA LYS H 106 -3.66 7.03 -46.59
C LYS H 106 -2.50 7.32 -47.55
N ALA H 107 -2.41 8.57 -48.02
CA ALA H 107 -1.30 8.95 -48.90
C ALA H 107 0.04 8.92 -48.18
N ALA H 108 0.04 8.99 -46.85
CA ALA H 108 1.28 8.91 -46.09
C ALA H 108 1.69 7.48 -45.79
N LEU H 109 0.71 6.62 -45.45
CA LEU H 109 1.01 5.22 -45.23
C LEU H 109 1.20 4.44 -46.52
N ASN H 110 0.68 4.94 -47.65
CA ASN H 110 0.97 4.33 -48.94
C ASN H 110 2.44 4.48 -49.31
N ALA H 111 3.07 5.56 -48.88
CA ALA H 111 4.48 5.81 -49.17
C ALA H 111 5.40 5.22 -48.11
N ALA H 112 4.85 4.61 -47.06
CA ALA H 112 5.64 4.02 -45.99
C ALA H 112 5.56 2.50 -45.94
N VAL H 113 4.37 1.93 -46.16
CA VAL H 113 4.19 0.48 -46.14
C VAL H 113 3.59 -0.06 -47.43
N GLY H 114 3.02 0.80 -48.27
CA GLY H 114 2.48 0.36 -49.54
C GLY H 114 1.00 0.05 -49.55
N LYS H 115 0.26 0.42 -48.51
CA LYS H 115 -1.17 0.14 -48.46
C LYS H 115 -1.89 1.19 -47.63
N PRO H 116 -3.08 1.61 -48.04
CA PRO H 116 -3.85 2.58 -47.24
C PRO H 116 -4.50 1.94 -46.03
N VAL H 117 -3.75 1.88 -44.93
CA VAL H 117 -4.14 1.08 -43.76
C VAL H 117 -5.57 1.39 -43.33
N ILE H 118 -5.88 2.66 -43.13
CA ILE H 118 -7.15 3.04 -42.54
C ILE H 118 -8.21 3.20 -43.63
N GLU H 119 -9.48 3.16 -43.21
CA GLU H 119 -10.62 3.46 -44.07
C GLU H 119 -11.09 4.90 -43.94
N LYS H 120 -11.17 5.42 -42.71
CA LYS H 120 -11.52 6.81 -42.48
C LYS H 120 -11.13 7.19 -41.06
N VAL H 121 -11.05 8.50 -40.82
CA VAL H 121 -10.76 9.05 -39.51
C VAL H 121 -12.06 9.42 -38.82
N LEU H 122 -12.17 9.10 -37.53
CA LEU H 122 -13.37 9.38 -36.76
C LEU H 122 -13.07 10.43 -35.71
N PHE H 123 -13.89 11.48 -35.66
CA PHE H 123 -13.80 12.52 -34.64
C PHE H 123 -14.88 12.26 -33.59
N THR H 124 -14.47 12.11 -32.33
CA THR H 124 -15.41 11.86 -31.25
C THR H 124 -15.60 13.07 -30.34
N ASP H 125 -14.80 14.11 -30.48
CA ASP H 125 -14.96 15.32 -29.69
C ASP H 125 -14.22 16.46 -30.37
N PHE H 126 -14.73 17.68 -30.18
CA PHE H 126 -14.24 18.83 -30.93
C PHE H 126 -14.63 20.11 -30.20
N VAL H 127 -13.64 20.87 -29.76
CA VAL H 127 -13.86 22.14 -29.07
C VAL H 127 -12.96 23.21 -29.66
N ILE H 128 -13.49 24.43 -29.76
CA ILE H 128 -12.71 25.62 -30.12
C ILE H 128 -12.68 26.53 -28.91
N GLN H 129 -11.49 26.77 -28.38
CA GLN H 129 -11.34 27.55 -27.16
C GLN H 129 -10.05 28.36 -27.17
N ALA I 23 14.03 -0.12 -47.33
CA ALA I 23 15.09 -0.91 -46.71
C ALA I 23 14.51 -1.89 -45.68
N SER I 24 14.88 -1.70 -44.42
CA SER I 24 14.43 -2.55 -43.33
C SER I 24 13.08 -2.08 -42.82
N PRO I 25 12.40 -2.91 -42.02
CA PRO I 25 11.11 -2.47 -41.45
C PRO I 25 11.27 -1.22 -40.60
N ILE I 26 10.18 -0.45 -40.54
CA ILE I 26 10.19 0.85 -39.87
C ILE I 26 10.10 0.65 -38.36
N ALA I 27 10.68 1.57 -37.62
CA ALA I 27 10.63 1.58 -36.17
C ALA I 27 10.55 3.03 -35.69
N TYR I 28 9.92 3.23 -34.53
CA TYR I 28 9.69 4.55 -33.99
C TYR I 28 10.34 4.66 -32.63
N VAL I 29 11.21 5.65 -32.45
CA VAL I 29 11.90 5.92 -31.19
C VAL I 29 11.25 7.16 -30.58
N ASN I 30 10.72 7.01 -29.37
CA ASN I 30 10.00 8.10 -28.72
C ASN I 30 10.98 8.95 -27.90
N LEU I 31 10.90 10.27 -28.10
CA LEU I 31 11.62 11.22 -27.26
C LEU I 31 10.66 11.76 -26.22
N PRO I 32 10.68 11.24 -24.99
CA PRO I 32 9.66 11.65 -23.99
C PRO I 32 9.79 13.09 -23.55
N GLN I 33 10.95 13.72 -23.77
CA GLN I 33 11.12 15.12 -23.38
C GLN I 33 10.32 16.02 -24.30
N ALA I 34 9.37 16.76 -23.73
CA ALA I 34 8.61 17.74 -24.49
C ALA I 34 9.45 19.00 -24.65
N PHE I 35 9.67 19.40 -25.90
CA PHE I 35 10.49 20.58 -26.18
C PHE I 35 9.67 21.85 -25.93
N VAL I 36 9.95 22.52 -24.83
CA VAL I 36 9.34 23.81 -24.50
C VAL I 36 10.38 24.89 -24.74
N PHE I 37 10.00 25.92 -25.50
CA PHE I 37 10.89 27.04 -25.77
C PHE I 37 10.04 28.25 -26.12
N ASN I 38 10.68 29.40 -26.18
CA ASN I 38 10.02 30.66 -26.44
C ASN I 38 10.36 31.17 -27.83
N VAL I 39 9.43 31.92 -28.42
CA VAL I 39 9.60 32.50 -29.75
C VAL I 39 10.42 33.77 -29.64
N THR I 40 10.89 34.27 -30.78
CA THR I 40 11.44 35.62 -30.88
C THR I 40 10.26 36.59 -31.04
N GLY I 41 9.48 36.70 -29.97
CA GLY I 41 8.22 37.42 -29.98
C GLY I 41 8.29 38.82 -30.55
N ASP I 42 7.34 39.14 -31.44
CA ASP I 42 7.31 40.46 -32.06
C ASP I 42 6.95 41.54 -31.05
N SER I 43 5.88 41.34 -30.30
CA SER I 43 5.43 42.31 -29.32
C SER I 43 5.19 41.72 -27.93
N ARG I 44 5.44 40.44 -27.73
CA ARG I 44 5.20 39.80 -26.44
C ARG I 44 5.95 38.48 -26.39
N ASP I 45 6.13 37.98 -25.17
CA ASP I 45 6.71 36.67 -24.98
C ASP I 45 5.66 35.58 -25.23
N ARG I 46 6.12 34.45 -25.76
CA ARG I 46 5.20 33.38 -26.12
C ARG I 46 5.97 32.07 -26.18
N LEU I 47 5.40 31.02 -25.61
CA LEU I 47 6.05 29.72 -25.51
C LEU I 47 5.50 28.75 -26.53
N VAL I 48 6.37 27.85 -27.00
CA VAL I 48 6.01 26.80 -27.94
C VAL I 48 6.33 25.45 -27.30
N GLN I 49 5.42 24.50 -27.46
CA GLN I 49 5.58 23.15 -26.94
C GLN I 49 5.58 22.18 -28.12
N ILE I 50 6.69 21.45 -28.29
CA ILE I 50 6.83 20.48 -29.36
C ILE I 50 7.11 19.12 -28.75
N LYS I 51 6.36 18.11 -29.19
CA LYS I 51 6.58 16.72 -28.80
C LYS I 51 6.91 15.93 -30.06
N ALA I 52 8.08 15.31 -30.09
CA ALA I 52 8.61 14.70 -31.30
C ALA I 52 8.96 13.23 -31.06
N GLN I 53 8.97 12.48 -32.16
CA GLN I 53 9.43 11.10 -32.20
C GLN I 53 10.38 10.95 -33.38
N LEU I 54 10.96 9.75 -33.52
CA LEU I 54 11.95 9.47 -34.55
C LEU I 54 11.51 8.28 -35.38
N MET I 55 11.37 8.49 -36.68
CA MET I 55 11.05 7.43 -37.63
C MET I 55 12.35 6.93 -38.24
N VAL I 56 12.76 5.72 -37.86
CA VAL I 56 13.99 5.12 -38.36
C VAL I 56 13.65 3.81 -39.06
N ARG I 57 14.58 3.38 -39.93
CA ARG I 57 14.45 2.12 -40.65
C ARG I 57 15.66 1.25 -40.31
N GLY I 58 15.40 0.10 -39.71
CA GLY I 58 16.47 -0.81 -39.34
C GLY I 58 16.49 -1.14 -37.86
N ALA I 59 16.96 -2.34 -37.53
CA ALA I 59 17.07 -2.73 -36.13
C ALA I 59 18.28 -2.10 -35.45
N GLU I 60 19.33 -1.80 -36.22
CA GLU I 60 20.51 -1.16 -35.65
C GLU I 60 20.33 0.36 -35.55
N ASN I 61 19.63 0.97 -36.50
CA ASN I 61 19.33 2.39 -36.40
C ASN I 61 18.46 2.68 -35.19
N GLU I 62 17.43 1.86 -34.96
CA GLU I 62 16.61 2.00 -33.76
C GLU I 62 17.47 1.92 -32.50
N GLU I 63 18.45 1.01 -32.49
CA GLU I 63 19.36 0.92 -31.36
C GLU I 63 20.25 2.16 -31.26
N LEU I 64 20.69 2.68 -32.40
CA LEU I 64 21.55 3.86 -32.39
C LEU I 64 20.76 5.12 -32.03
N ALA I 65 19.54 5.25 -32.55
CA ALA I 65 18.75 6.45 -32.29
C ALA I 65 18.40 6.57 -30.82
N ARG I 66 18.10 5.46 -30.16
CA ARG I 66 17.74 5.51 -28.74
C ARG I 66 18.96 5.77 -27.87
N TYR I 67 20.13 5.26 -28.25
CA TYR I 67 21.32 5.45 -27.45
C TYR I 67 21.80 6.89 -27.49
N HIS I 68 21.80 7.50 -28.68
CA HIS I 68 22.25 8.87 -28.87
C HIS I 68 21.10 9.87 -28.81
N SER I 69 20.00 9.53 -28.14
CA SER I 69 18.89 10.46 -28.03
C SER I 69 19.24 11.77 -27.33
N PRO I 70 20.15 11.84 -26.35
CA PRO I 70 20.56 13.16 -25.84
C PRO I 70 21.15 14.05 -26.92
N LEU I 71 22.04 13.51 -27.76
CA LEU I 71 22.58 14.28 -28.88
C LEU I 71 21.47 14.65 -29.86
N ILE I 72 20.54 13.73 -30.11
CA ILE I 72 19.43 14.00 -31.01
C ILE I 72 18.51 15.07 -30.43
N GLU I 73 18.23 14.98 -29.13
CA GLU I 73 17.44 16.01 -28.47
C GLU I 73 18.15 17.36 -28.51
N SER I 74 19.48 17.37 -28.48
CA SER I 74 20.22 18.62 -28.56
C SER I 74 20.11 19.24 -29.95
N SER I 75 20.14 18.41 -31.00
CA SER I 75 20.07 18.92 -32.36
C SER I 75 18.71 19.55 -32.65
N LEU I 76 17.65 19.08 -31.98
CA LEU I 76 16.33 19.65 -32.19
C LEU I 76 16.20 21.02 -31.53
N LEU I 77 16.79 21.18 -30.34
CA LEU I 77 16.73 22.47 -29.66
C LEU I 77 17.46 23.55 -30.46
N SER I 78 18.62 23.22 -31.03
CA SER I 78 19.34 24.18 -31.86
C SER I 78 18.54 24.53 -33.12
N THR I 79 17.76 23.58 -33.64
CA THR I 79 16.91 23.87 -34.79
C THR I 79 15.74 24.77 -34.40
N PHE I 80 15.12 24.50 -33.26
CA PHE I 80 13.96 25.28 -32.84
C PHE I 80 14.35 26.70 -32.45
N ALA I 81 15.48 26.85 -31.73
CA ALA I 81 15.90 28.17 -31.28
C ALA I 81 16.29 29.09 -32.44
N SER I 82 16.63 28.52 -33.60
CA SER I 82 17.00 29.31 -34.77
C SER I 82 15.84 29.47 -35.75
N ALA I 83 14.63 29.11 -35.35
CA ALA I 83 13.48 29.15 -36.25
C ALA I 83 12.78 30.49 -36.16
N THR I 84 12.32 30.99 -37.29
CA THR I 84 11.60 32.25 -37.35
C THR I 84 10.18 32.06 -36.83
N VAL I 85 9.40 33.14 -36.85
CA VAL I 85 8.00 33.04 -36.50
C VAL I 85 7.20 32.49 -37.68
N ASP I 86 7.66 32.74 -38.91
CA ASP I 86 7.02 32.13 -40.07
C ASP I 86 7.19 30.62 -40.07
N GLN I 87 8.35 30.13 -39.67
CA GLN I 87 8.58 28.69 -39.57
C GLN I 87 7.74 28.04 -38.48
N LEU I 88 7.00 28.81 -37.68
CA LEU I 88 6.22 28.30 -36.57
C LEU I 88 4.72 28.44 -36.76
N ARG I 89 4.25 29.54 -37.35
CA ARG I 89 2.82 29.78 -37.50
C ARG I 89 2.33 29.59 -38.94
N SER I 90 3.24 29.32 -39.88
CA SER I 90 2.76 29.09 -41.25
C SER I 90 2.64 27.61 -41.52
N PRO I 91 1.63 27.19 -42.30
CA PRO I 91 1.53 25.76 -42.64
C PRO I 91 2.69 25.26 -43.48
N THR I 92 3.16 26.07 -44.43
CA THR I 92 4.30 25.66 -45.25
C THR I 92 5.60 25.72 -44.45
N GLY I 93 5.77 26.77 -43.65
CA GLY I 93 6.99 26.91 -42.87
C GLY I 93 7.11 25.87 -41.77
N ARG I 94 5.99 25.44 -41.20
CA ARG I 94 6.03 24.39 -40.19
C ARG I 94 6.51 23.07 -40.79
N VAL I 95 6.16 22.79 -42.05
CA VAL I 95 6.70 21.63 -42.74
C VAL I 95 8.19 21.81 -43.00
N GLU I 96 8.61 23.02 -43.35
CA GLU I 96 10.03 23.29 -43.54
C GLU I 96 10.82 23.05 -42.26
N LEU I 97 10.26 23.47 -41.11
CA LEU I 97 10.94 23.25 -39.84
C LEU I 97 11.18 21.77 -39.58
N ARG I 98 10.25 20.92 -40.00
CA ARG I 98 10.44 19.47 -39.82
C ARG I 98 11.56 18.95 -40.71
N ASP I 99 11.63 19.43 -41.95
CA ASP I 99 12.68 18.98 -42.86
C ASP I 99 14.05 19.42 -42.38
N ARG I 100 14.19 20.70 -41.99
CA ARG I 100 15.47 21.19 -41.51
C ARG I 100 15.90 20.47 -40.24
N ALA I 101 14.95 20.18 -39.35
CA ALA I 101 15.27 19.47 -38.11
C ALA I 101 15.77 18.06 -38.40
N SER I 102 15.33 17.45 -39.49
CA SER I 102 15.77 16.10 -39.82
C SER I 102 17.23 16.10 -40.29
N GLU I 103 17.59 17.05 -41.16
CA GLU I 103 18.96 17.09 -41.65
C GLU I 103 19.94 17.47 -40.56
N ASP I 104 19.53 18.33 -39.62
CA ASP I 104 20.39 18.66 -38.49
C ASP I 104 20.74 17.42 -37.68
N ILE I 105 19.78 16.51 -37.51
CA ILE I 105 20.05 15.26 -36.81
C ILE I 105 20.94 14.35 -37.65
N LYS I 106 20.65 14.27 -38.96
CA LYS I 106 21.47 13.46 -39.85
C LYS I 106 22.91 13.95 -39.88
N ALA I 107 23.09 15.27 -39.98
CA ALA I 107 24.44 15.83 -40.01
C ALA I 107 25.14 15.62 -38.67
N ALA I 108 24.41 15.70 -37.57
CA ALA I 108 25.02 15.52 -36.26
C ALA I 108 25.44 14.07 -36.04
N LEU I 109 24.55 13.12 -36.33
CA LEU I 109 24.87 11.72 -36.11
C LEU I 109 25.91 11.21 -37.10
N ASN I 110 25.89 11.73 -38.33
CA ASN I 110 26.90 11.33 -39.30
C ASN I 110 28.29 11.75 -38.85
N ALA I 111 28.40 12.94 -38.25
CA ALA I 111 29.68 13.42 -37.74
C ALA I 111 30.06 12.78 -36.40
N ALA I 112 29.13 12.11 -35.72
CA ALA I 112 29.38 11.52 -34.42
C ALA I 112 29.54 10.01 -34.47
N VAL I 113 28.71 9.31 -35.25
CA VAL I 113 28.78 7.86 -35.36
C VAL I 113 29.05 7.38 -36.78
N GLY I 114 29.06 8.27 -37.78
CA GLY I 114 29.31 7.88 -39.14
C GLY I 114 28.08 7.55 -39.95
N LYS I 115 26.90 7.53 -39.34
CA LYS I 115 25.67 7.16 -40.02
C LYS I 115 24.56 8.16 -39.73
N PRO I 116 23.77 8.53 -40.74
CA PRO I 116 22.56 9.32 -40.50
C PRO I 116 21.42 8.44 -40.02
N VAL I 117 21.38 8.20 -38.70
CA VAL I 117 20.56 7.13 -38.14
C VAL I 117 19.11 7.26 -38.55
N ILE I 118 18.51 8.43 -38.28
CA ILE I 118 17.07 8.60 -38.48
C ILE I 118 16.75 8.72 -39.96
N GLU I 119 15.45 8.61 -40.30
CA GLU I 119 14.95 8.88 -41.63
C GLU I 119 14.20 10.20 -41.72
N LYS I 120 13.34 10.48 -40.74
CA LYS I 120 12.66 11.77 -40.65
C LYS I 120 12.13 11.94 -39.24
N VAL I 121 11.96 13.20 -38.85
CA VAL I 121 11.43 13.54 -37.53
C VAL I 121 9.92 13.68 -37.63
N LEU I 122 9.21 13.17 -36.63
CA LEU I 122 7.76 13.27 -36.57
C LEU I 122 7.36 14.16 -35.40
N PHE I 123 6.38 15.03 -35.66
CA PHE I 123 5.85 15.95 -34.65
C PHE I 123 4.47 15.47 -34.22
N THR I 124 4.37 14.96 -32.99
CA THR I 124 3.09 14.49 -32.46
C THR I 124 2.29 15.59 -31.80
N ASP I 125 2.94 16.66 -31.33
CA ASP I 125 2.24 17.78 -30.72
C ASP I 125 3.01 19.06 -31.01
N PHE I 126 2.28 20.11 -31.38
CA PHE I 126 2.89 21.37 -31.78
C PHE I 126 1.89 22.49 -31.47
N VAL I 127 2.09 23.17 -30.34
CA VAL I 127 1.22 24.26 -29.92
C VAL I 127 2.06 25.48 -29.60
N ILE I 128 1.40 26.64 -29.60
CA ILE I 128 2.01 27.91 -29.24
C ILE I 128 1.07 28.59 -28.26
N GLN I 129 1.41 28.54 -26.97
CA GLN I 129 0.58 29.15 -25.93
C GLN I 129 0.60 30.67 -26.02
N ASP J 22 39.10 10.07 -28.37
CA ASP J 22 38.12 10.21 -29.44
C ASP J 22 37.78 8.85 -30.03
N ALA J 23 38.66 7.87 -29.82
CA ALA J 23 38.44 6.52 -30.32
C ALA J 23 37.51 5.71 -29.42
N SER J 24 37.37 6.10 -28.15
CA SER J 24 36.52 5.36 -27.24
C SER J 24 35.04 5.57 -27.59
N PRO J 25 34.18 4.62 -27.24
CA PRO J 25 32.75 4.78 -27.55
C PRO J 25 32.13 5.96 -26.82
N ILE J 26 31.06 6.49 -27.40
CA ILE J 26 30.39 7.66 -26.87
C ILE J 26 29.47 7.25 -25.72
N ALA J 27 29.43 8.07 -24.68
CA ALA J 27 28.53 7.86 -23.55
C ALA J 27 27.95 9.21 -23.14
N TYR J 28 26.81 9.16 -22.47
CA TYR J 28 26.07 10.36 -22.07
C TYR J 28 25.79 10.31 -20.58
N VAL J 29 26.29 11.31 -19.85
CA VAL J 29 26.05 11.44 -18.42
C VAL J 29 25.00 12.52 -18.22
N ASN J 30 23.88 12.14 -17.59
CA ASN J 30 22.75 13.04 -17.44
C ASN J 30 22.90 13.89 -16.18
N LEU J 31 22.67 15.20 -16.33
CA LEU J 31 22.54 16.10 -15.19
C LEU J 31 21.05 16.30 -14.94
N PRO J 32 20.44 15.53 -14.02
CA PRO J 32 18.98 15.48 -13.96
C PRO J 32 18.33 16.78 -13.50
N GLN J 33 19.01 17.58 -12.68
CA GLN J 33 18.44 18.83 -12.19
C GLN J 33 18.74 19.94 -13.18
N ALA J 34 17.69 20.56 -13.71
CA ALA J 34 17.85 21.68 -14.63
C ALA J 34 18.49 22.86 -13.91
N PHE J 35 19.07 23.77 -14.71
CA PHE J 35 19.82 24.91 -14.18
C PHE J 35 18.97 26.16 -14.29
N VAL J 36 18.48 26.64 -13.15
CA VAL J 36 17.73 27.89 -13.07
C VAL J 36 18.70 28.98 -12.65
N PHE J 37 18.78 30.04 -13.45
CA PHE J 37 19.63 31.19 -13.15
C PHE J 37 19.00 32.42 -13.78
N ASN J 38 19.58 33.59 -13.45
CA ASN J 38 19.08 34.85 -13.95
C ASN J 38 20.19 35.61 -14.65
N VAL J 39 19.82 36.33 -15.71
CA VAL J 39 20.76 37.12 -16.50
C VAL J 39 20.28 38.57 -16.49
N THR J 40 21.23 39.50 -16.62
CA THR J 40 20.92 40.92 -16.58
C THR J 40 20.20 41.32 -17.85
N GLY J 41 18.92 41.69 -17.72
CA GLY J 41 18.12 42.10 -18.86
C GLY J 41 18.38 43.54 -19.25
N ASP J 42 17.43 44.11 -19.99
CA ASP J 42 17.52 45.53 -20.34
C ASP J 42 17.46 46.40 -19.08
N SER J 43 16.37 46.29 -18.33
CA SER J 43 16.30 46.83 -16.98
C SER J 43 15.66 45.87 -15.99
N ARG J 44 14.98 44.82 -16.45
CA ARG J 44 14.40 43.78 -15.61
C ARG J 44 15.11 42.47 -15.87
N ASP J 45 15.60 41.85 -14.80
CA ASP J 45 16.32 40.58 -14.94
C ASP J 45 15.35 39.46 -15.27
N ARG J 46 15.79 38.55 -16.14
CA ARG J 46 14.98 37.42 -16.56
C ARG J 46 15.26 36.23 -15.64
N LEU J 47 14.76 35.05 -16.00
CA LEU J 47 15.00 33.82 -15.26
C LEU J 47 15.15 32.69 -16.29
N VAL J 48 16.38 32.29 -16.54
CA VAL J 48 16.68 31.31 -17.58
C VAL J 48 16.74 29.91 -16.97
N GLN J 49 16.16 28.94 -17.67
CA GLN J 49 16.20 27.55 -17.26
C GLN J 49 16.80 26.73 -18.40
N ILE J 50 17.84 25.95 -18.08
CA ILE J 50 18.56 25.16 -19.07
C ILE J 50 18.71 23.74 -18.53
N LYS J 51 18.27 22.76 -19.32
CA LYS J 51 18.47 21.35 -19.02
C LYS J 51 19.62 20.82 -19.87
N ALA J 52 20.68 20.37 -19.23
CA ALA J 52 21.90 20.00 -19.92
C ALA J 52 22.32 18.57 -19.58
N GLN J 53 23.10 17.99 -20.48
CA GLN J 53 23.69 16.67 -20.29
C GLN J 53 25.16 16.72 -20.68
N LEU J 54 25.89 15.68 -20.31
CA LEU J 54 27.32 15.58 -20.57
C LEU J 54 27.60 14.51 -21.61
N MET J 55 28.43 14.83 -22.59
CA MET J 55 28.86 13.89 -23.62
C MET J 55 30.31 13.53 -23.37
N VAL J 56 30.56 12.25 -23.10
CA VAL J 56 31.90 11.75 -22.82
C VAL J 56 32.21 10.59 -23.75
N ARG J 57 33.50 10.27 -23.84
CA ARG J 57 33.98 9.13 -24.62
C ARG J 57 34.84 8.26 -23.72
N GLY J 58 34.41 7.04 -23.49
CA GLY J 58 35.15 6.12 -22.66
C GLY J 58 34.45 5.87 -21.33
N ALA J 59 34.63 4.65 -20.81
CA ALA J 59 34.02 4.30 -19.53
C ALA J 59 34.70 5.01 -18.36
N GLU J 60 35.99 5.33 -18.51
CA GLU J 60 36.70 6.06 -17.46
C GLU J 60 36.17 7.48 -17.31
N ASN J 61 36.04 8.20 -18.42
CA ASN J 61 35.51 9.56 -18.36
C ASN J 61 34.06 9.56 -17.89
N GLU J 62 33.28 8.56 -18.32
CA GLU J 62 31.92 8.43 -17.82
C GLU J 62 31.90 8.22 -16.31
N GLU J 63 32.87 7.45 -15.80
CA GLU J 63 32.96 7.21 -14.36
C GLU J 63 33.25 8.51 -13.62
N LEU J 64 34.20 9.31 -14.12
CA LEU J 64 34.57 10.54 -13.44
C LEU J 64 33.48 11.60 -13.60
N ALA J 65 32.80 11.64 -14.75
CA ALA J 65 31.79 12.66 -14.99
C ALA J 65 30.62 12.54 -14.03
N ARG J 66 30.35 11.33 -13.55
CA ARG J 66 29.26 11.15 -12.57
C ARG J 66 29.73 11.47 -11.16
N TYR J 67 30.91 10.99 -10.78
CA TYR J 67 31.41 11.21 -9.43
C TYR J 67 31.69 12.69 -9.18
N HIS J 68 32.25 13.38 -10.17
CA HIS J 68 32.58 14.80 -10.04
C HIS J 68 31.46 15.71 -10.53
N SER J 69 30.25 15.19 -10.66
CA SER J 69 29.14 16.01 -11.12
C SER J 69 28.85 17.22 -10.22
N PRO J 70 28.95 17.14 -8.88
CA PRO J 70 28.77 18.37 -8.09
C PRO J 70 29.72 19.48 -8.49
N LEU J 71 30.97 19.15 -8.82
CA LEU J 71 31.89 20.17 -9.33
C LEU J 71 31.49 20.60 -10.75
N ILE J 72 31.00 19.66 -11.55
CA ILE J 72 30.56 19.99 -12.90
C ILE J 72 29.30 20.84 -12.87
N GLU J 73 28.42 20.58 -11.91
CA GLU J 73 27.23 21.42 -11.75
C GLU J 73 27.61 22.86 -11.40
N SER J 74 28.69 23.03 -10.62
CA SER J 74 29.10 24.37 -10.21
C SER J 74 29.75 25.14 -11.34
N SER J 75 30.61 24.47 -12.12
CA SER J 75 31.31 25.16 -13.22
C SER J 75 30.33 25.64 -14.28
N LEU J 76 29.21 24.95 -14.46
CA LEU J 76 28.20 25.42 -15.41
C LEU J 76 27.46 26.63 -14.88
N LEU J 77 27.20 26.67 -13.57
CA LEU J 77 26.50 27.81 -12.98
C LEU J 77 27.36 29.07 -13.03
N SER J 78 28.66 28.93 -12.77
CA SER J 78 29.55 30.08 -12.88
C SER J 78 29.65 30.57 -14.32
N THR J 79 29.46 29.67 -15.29
CA THR J 79 29.48 30.07 -16.69
C THR J 79 28.19 30.80 -17.07
N PHE J 80 27.04 30.26 -16.65
CA PHE J 80 25.76 30.88 -16.97
C PHE J 80 25.55 32.21 -16.26
N ALA J 81 26.23 32.42 -15.13
CA ALA J 81 26.06 33.68 -14.40
C ALA J 81 26.62 34.85 -15.18
N SER J 82 27.67 34.63 -15.98
CA SER J 82 28.31 35.69 -16.76
C SER J 82 27.70 35.84 -18.15
N ALA J 83 26.45 35.44 -18.34
CA ALA J 83 25.78 35.53 -19.62
C ALA J 83 24.76 36.67 -19.60
N THR J 84 24.51 37.26 -20.77
CA THR J 84 23.53 38.31 -20.92
C THR J 84 22.44 37.86 -21.88
N VAL J 85 21.35 38.63 -21.92
CA VAL J 85 20.16 38.22 -22.67
C VAL J 85 20.44 38.23 -24.17
N ASP J 86 21.00 39.33 -24.68
CA ASP J 86 21.27 39.41 -26.11
C ASP J 86 22.24 38.33 -26.56
N GLN J 87 23.12 37.88 -25.66
CA GLN J 87 23.95 36.71 -25.97
C GLN J 87 23.11 35.45 -26.04
N LEU J 88 22.03 35.37 -25.26
CA LEU J 88 21.18 34.19 -25.28
C LEU J 88 20.26 34.15 -26.49
N ARG J 89 19.81 35.30 -26.97
CA ARG J 89 18.93 35.37 -28.14
C ARG J 89 19.72 35.67 -29.41
N SER J 90 20.63 34.74 -29.75
CA SER J 90 21.43 34.81 -30.97
C SER J 90 22.11 33.47 -31.18
N PRO J 91 22.20 32.99 -32.43
CA PRO J 91 22.84 31.70 -32.67
C PRO J 91 24.30 31.65 -32.22
N THR J 92 25.08 32.69 -32.55
CA THR J 92 26.49 32.71 -32.14
C THR J 92 26.63 32.79 -30.63
N GLY J 93 25.85 33.67 -29.98
CA GLY J 93 25.93 33.80 -28.54
C GLY J 93 25.58 32.52 -27.80
N ARG J 94 24.68 31.72 -28.36
CA ARG J 94 24.35 30.44 -27.74
C ARG J 94 25.45 29.42 -27.95
N VAL J 95 25.99 29.34 -29.18
CA VAL J 95 27.08 28.40 -29.44
C VAL J 95 28.34 28.81 -28.70
N GLU J 96 28.59 30.12 -28.59
CA GLU J 96 29.70 30.59 -27.77
C GLU J 96 29.52 30.18 -26.31
N LEU J 97 28.28 30.24 -25.81
CA LEU J 97 28.03 29.89 -24.41
C LEU J 97 28.24 28.40 -24.17
N ARG J 98 27.71 27.56 -25.06
CA ARG J 98 27.88 26.12 -24.92
C ARG J 98 29.35 25.73 -25.02
N ASP J 99 30.07 26.32 -25.97
CA ASP J 99 31.50 26.04 -26.11
C ASP J 99 32.29 26.58 -24.91
N ARG J 100 31.88 27.74 -24.38
CA ARG J 100 32.54 28.27 -23.20
C ARG J 100 32.23 27.43 -21.97
N ALA J 101 30.99 26.92 -21.86
CA ALA J 101 30.63 26.08 -20.74
C ALA J 101 31.37 24.75 -20.77
N SER J 102 31.77 24.28 -21.95
CA SER J 102 32.50 23.03 -22.05
C SER J 102 33.97 23.22 -21.70
N GLU J 103 34.58 24.32 -22.14
CA GLU J 103 35.98 24.56 -21.81
C GLU J 103 36.17 24.86 -20.33
N ASP J 104 35.19 25.51 -19.70
CA ASP J 104 35.30 25.82 -18.28
C ASP J 104 35.30 24.56 -17.43
N ILE J 105 34.50 23.56 -17.81
CA ILE J 105 34.49 22.30 -17.08
C ILE J 105 35.81 21.57 -17.27
N LYS J 106 36.33 21.55 -18.50
CA LYS J 106 37.62 20.92 -18.75
C LYS J 106 38.72 21.57 -17.94
N ALA J 107 38.70 22.91 -17.86
CA ALA J 107 39.70 23.60 -17.05
C ALA J 107 39.52 23.29 -15.57
N ALA J 108 38.27 23.13 -15.12
CA ALA J 108 38.02 22.82 -13.72
C ALA J 108 38.46 21.39 -13.39
N LEU J 109 38.15 20.43 -14.27
CA LEU J 109 38.49 19.04 -14.00
C LEU J 109 39.98 18.77 -14.20
N ASN J 110 40.63 19.48 -15.11
CA ASN J 110 42.08 19.36 -15.23
C ASN J 110 42.77 19.84 -13.95
N ALA J 111 42.24 20.90 -13.33
CA ALA J 111 42.81 21.40 -12.09
C ALA J 111 42.58 20.45 -10.92
N ALA J 112 41.58 19.58 -11.01
CA ALA J 112 41.23 18.68 -9.92
C ALA J 112 41.81 17.27 -10.11
N VAL J 113 41.50 16.63 -11.23
CA VAL J 113 41.94 15.27 -11.49
C VAL J 113 42.91 15.18 -12.65
N GLY J 114 43.20 16.29 -13.32
CA GLY J 114 44.16 16.28 -14.41
C GLY J 114 43.65 15.72 -15.72
N LYS J 115 42.33 15.58 -15.88
CA LYS J 115 41.76 15.04 -17.10
C LYS J 115 40.52 15.85 -17.48
N PRO J 116 40.42 16.30 -18.73
CA PRO J 116 39.17 16.93 -19.22
C PRO J 116 38.16 15.86 -19.65
N VAL J 117 37.48 15.29 -18.66
CA VAL J 117 36.75 14.04 -18.86
C VAL J 117 35.60 14.19 -19.85
N ILE J 118 35.06 15.39 -20.04
CA ILE J 118 33.92 15.56 -20.93
C ILE J 118 34.41 15.94 -22.31
N GLU J 119 33.63 15.55 -23.33
CA GLU J 119 33.90 16.03 -24.67
C GLU J 119 33.26 17.40 -24.90
N LYS J 120 31.98 17.53 -24.57
CA LYS J 120 31.27 18.80 -24.64
C LYS J 120 29.98 18.71 -23.86
N VAL J 121 29.39 19.86 -23.58
CA VAL J 121 28.12 19.95 -22.87
C VAL J 121 27.00 20.03 -23.89
N LEU J 122 25.93 19.26 -23.65
CA LEU J 122 24.77 19.23 -24.53
C LEU J 122 23.60 19.96 -23.86
N PHE J 123 22.92 20.80 -24.63
CA PHE J 123 21.73 21.49 -24.17
C PHE J 123 20.50 20.84 -24.81
N THR J 124 19.65 20.24 -23.97
CA THR J 124 18.47 19.56 -24.45
C THR J 124 17.20 20.39 -24.32
N ASP J 125 17.19 21.39 -23.44
CA ASP J 125 16.03 22.26 -23.28
C ASP J 125 16.51 23.64 -22.87
N PHE J 126 15.84 24.68 -23.36
CA PHE J 126 16.28 26.06 -23.15
C PHE J 126 15.06 26.96 -23.20
N VAL J 127 14.62 27.43 -22.03
CA VAL J 127 13.57 28.43 -21.92
C VAL J 127 14.13 29.65 -21.21
N ILE J 128 13.54 30.81 -21.51
CA ILE J 128 13.89 32.06 -20.84
C ILE J 128 12.61 32.86 -20.67
N GLN J 129 12.17 33.02 -19.43
CA GLN J 129 10.90 33.68 -19.14
C GLN J 129 11.12 34.94 -18.31
N ALA K 23 44.32 7.25 18.87
CA ALA K 23 45.06 7.16 17.61
C ALA K 23 44.20 6.49 16.54
N SER K 24 43.73 7.29 15.57
CA SER K 24 42.88 6.81 14.49
C SER K 24 41.68 6.07 15.07
N PRO K 25 40.67 6.80 15.59
CA PRO K 25 39.58 6.17 16.36
C PRO K 25 39.04 4.87 15.78
N ILE K 26 38.73 3.92 16.66
CA ILE K 26 38.31 2.60 16.23
C ILE K 26 36.99 2.68 15.46
N ALA K 27 36.85 1.82 14.45
CA ALA K 27 35.63 1.73 13.67
C ALA K 27 35.43 0.28 13.26
N TYR K 28 34.15 -0.13 13.21
CA TYR K 28 33.79 -1.50 12.92
C TYR K 28 33.08 -1.59 11.57
N VAL K 29 33.55 -2.48 10.71
CA VAL K 29 32.94 -2.75 9.42
C VAL K 29 32.21 -4.09 9.52
N ASN K 30 30.90 -4.06 9.36
CA ASN K 30 30.07 -5.25 9.53
C ASN K 30 30.03 -6.05 8.23
N LEU K 31 30.24 -7.37 8.35
CA LEU K 31 30.07 -8.29 7.24
C LEU K 31 28.76 -9.04 7.45
N PRO K 32 27.65 -8.61 6.85
CA PRO K 32 26.35 -9.21 7.19
C PRO K 32 26.22 -10.66 6.73
N GLN K 33 26.96 -11.10 5.72
CA GLN K 33 26.89 -12.47 5.27
C GLN K 33 27.45 -13.39 6.34
N ALA K 34 26.60 -14.25 6.90
CA ALA K 34 27.07 -15.27 7.83
C ALA K 34 27.78 -16.37 7.06
N PHE K 35 29.06 -16.59 7.38
CA PHE K 35 29.87 -17.56 6.64
C PHE K 35 29.39 -18.97 6.95
N VAL K 36 29.06 -19.72 5.91
CA VAL K 36 28.61 -21.11 6.03
C VAL K 36 29.57 -21.98 5.24
N PHE K 37 30.15 -22.98 5.90
CA PHE K 37 31.13 -23.84 5.26
C PHE K 37 31.14 -25.19 5.97
N ASN K 38 31.78 -26.17 5.34
CA ASN K 38 31.85 -27.53 5.85
C ASN K 38 33.26 -27.86 6.32
N VAL K 39 33.35 -28.63 7.40
CA VAL K 39 34.59 -29.21 7.86
C VAL K 39 34.36 -30.70 8.07
N THR K 40 35.37 -31.51 7.73
CA THR K 40 35.23 -32.97 7.73
C THR K 40 35.59 -33.52 9.10
N GLY K 41 34.58 -34.05 9.80
CA GLY K 41 34.82 -34.73 11.06
C GLY K 41 35.07 -36.21 10.87
N ASP K 42 34.56 -37.03 11.77
CA ASP K 42 34.67 -38.48 11.65
C ASP K 42 33.32 -39.16 11.52
N SER K 43 32.36 -38.81 12.36
CA SER K 43 31.03 -39.42 12.28
C SER K 43 30.26 -38.90 11.08
N ARG K 44 30.02 -37.60 11.03
CA ARG K 44 29.34 -36.97 9.90
C ARG K 44 30.08 -35.69 9.54
N ASP K 45 29.77 -35.19 8.34
CA ASP K 45 30.33 -33.91 7.91
C ASP K 45 29.72 -32.78 8.73
N ARG K 46 30.56 -31.83 9.12
CA ARG K 46 30.17 -30.78 10.06
C ARG K 46 29.92 -29.48 9.32
N LEU K 47 28.77 -28.86 9.57
CA LEU K 47 28.37 -27.59 8.95
C LEU K 47 28.59 -26.46 9.96
N VAL K 48 29.57 -25.60 9.68
CA VAL K 48 29.91 -24.49 10.56
C VAL K 48 29.29 -23.21 10.02
N GLN K 49 28.85 -22.35 10.93
CA GLN K 49 28.24 -21.07 10.59
C GLN K 49 28.86 -19.98 11.44
N ILE K 50 29.46 -18.99 10.81
CA ILE K 50 30.18 -17.92 11.50
C ILE K 50 29.70 -16.58 11.00
N LYS K 51 29.39 -15.68 11.93
CA LYS K 51 29.03 -14.29 11.64
C LYS K 51 30.15 -13.40 12.17
N ALA K 52 30.78 -12.64 11.27
CA ALA K 52 31.99 -11.91 11.61
C ALA K 52 31.85 -10.43 11.29
N GLN K 53 32.73 -9.63 11.89
CA GLN K 53 32.85 -8.20 11.63
C GLN K 53 34.32 -7.86 11.49
N LEU K 54 34.58 -6.62 11.09
CA LEU K 54 35.94 -6.13 10.88
C LEU K 54 36.20 -4.91 11.77
N MET K 55 37.29 -4.96 12.53
CA MET K 55 37.68 -3.87 13.41
C MET K 55 38.86 -3.14 12.78
N VAL K 56 38.65 -1.87 12.43
CA VAL K 56 39.66 -1.06 11.75
C VAL K 56 39.86 0.24 12.51
N ARG K 57 41.01 0.87 12.27
CA ARG K 57 41.34 2.16 12.86
C ARG K 57 41.61 3.15 11.73
N GLY K 58 40.90 4.27 11.74
CA GLY K 58 41.09 5.28 10.73
C GLY K 58 39.92 5.31 9.75
N ALA K 59 39.56 6.52 9.31
CA ALA K 59 38.43 6.66 8.39
C ALA K 59 38.78 6.17 6.99
N GLU K 60 40.05 6.21 6.61
CA GLU K 60 40.44 5.73 5.28
C GLU K 60 40.48 4.21 5.23
N ASN K 61 41.00 3.57 6.28
CA ASN K 61 41.00 2.12 6.33
C ASN K 61 39.57 1.58 6.41
N GLU K 62 38.68 2.30 7.10
CA GLU K 62 37.27 1.91 7.13
C GLU K 62 36.66 1.97 5.73
N GLU K 63 37.05 2.97 4.94
CA GLU K 63 36.54 3.07 3.57
C GLU K 63 37.10 1.96 2.70
N LEU K 64 38.38 1.64 2.85
CA LEU K 64 38.97 0.56 2.07
C LEU K 64 38.38 -0.79 2.44
N ALA K 65 38.08 -1.01 3.73
CA ALA K 65 37.54 -2.29 4.17
C ALA K 65 36.16 -2.55 3.59
N ARG K 66 35.37 -1.50 3.37
CA ARG K 66 34.04 -1.68 2.80
C ARG K 66 34.11 -1.95 1.30
N TYR K 67 34.90 -1.15 0.57
CA TYR K 67 34.95 -1.29 -0.88
C TYR K 67 35.64 -2.59 -1.29
N HIS K 68 36.63 -3.04 -0.52
CA HIS K 68 37.31 -4.31 -0.78
C HIS K 68 36.71 -5.46 0.00
N SER K 69 35.43 -5.38 0.34
CA SER K 69 34.78 -6.48 1.06
C SER K 69 34.74 -7.79 0.29
N PRO K 70 34.44 -7.81 -1.02
CA PRO K 70 34.50 -9.11 -1.74
C PRO K 70 35.85 -9.79 -1.66
N LEU K 71 36.94 -9.02 -1.56
CA LEU K 71 38.25 -9.64 -1.35
C LEU K 71 38.43 -10.09 0.10
N ILE K 72 37.94 -9.30 1.05
CA ILE K 72 38.06 -9.65 2.46
C ILE K 72 37.20 -10.87 2.78
N GLU K 73 35.98 -10.91 2.24
CA GLU K 73 35.14 -12.09 2.40
C GLU K 73 35.78 -13.31 1.77
N SER K 74 36.55 -13.12 0.69
CA SER K 74 37.21 -14.25 0.04
C SER K 74 38.33 -14.81 0.93
N SER K 75 39.12 -13.93 1.55
CA SER K 75 40.22 -14.39 2.39
C SER K 75 39.73 -15.03 3.68
N LEU K 76 38.51 -14.72 4.13
CA LEU K 76 37.97 -15.37 5.31
C LEU K 76 37.51 -16.79 5.00
N LEU K 77 36.91 -17.00 3.82
CA LEU K 77 36.49 -18.34 3.43
C LEU K 77 37.70 -19.27 3.26
N SER K 78 38.76 -18.78 2.61
CA SER K 78 39.95 -19.58 2.43
C SER K 78 40.58 -19.95 3.78
N THR K 79 40.50 -19.04 4.75
CA THR K 79 41.04 -19.33 6.08
C THR K 79 40.16 -20.34 6.82
N PHE K 80 38.84 -20.14 6.78
CA PHE K 80 37.94 -20.99 7.54
C PHE K 80 37.79 -22.38 6.92
N ALA K 81 38.04 -22.51 5.62
CA ALA K 81 37.89 -23.82 4.97
C ALA K 81 38.98 -24.79 5.38
N SER K 82 40.15 -24.28 5.78
CA SER K 82 41.26 -25.12 6.18
C SER K 82 41.22 -25.49 7.66
N ALA K 83 40.21 -25.04 8.39
CA ALA K 83 40.14 -25.29 9.83
C ALA K 83 39.70 -26.73 10.10
N THR K 84 40.39 -27.39 11.01
CA THR K 84 40.04 -28.74 11.43
C THR K 84 39.00 -28.68 12.55
N VAL K 85 38.15 -29.71 12.60
CA VAL K 85 37.05 -29.74 13.56
C VAL K 85 37.55 -29.60 14.99
N ASP K 86 38.76 -30.10 15.26
CA ASP K 86 39.33 -29.95 16.60
C ASP K 86 39.71 -28.51 16.88
N GLN K 87 40.04 -27.73 15.85
CA GLN K 87 40.37 -26.33 16.05
C GLN K 87 39.13 -25.50 16.39
N LEU K 88 37.97 -25.85 15.83
CA LEU K 88 36.75 -25.09 16.12
C LEU K 88 36.27 -25.38 17.54
N ARG K 89 36.21 -26.64 17.93
CA ARG K 89 35.77 -26.99 19.28
C ARG K 89 36.92 -26.86 20.27
N SER K 90 37.58 -25.71 20.27
CA SER K 90 38.66 -25.42 21.20
C SER K 90 38.82 -23.90 21.33
N PRO K 91 38.70 -23.35 22.54
CA PRO K 91 38.86 -21.89 22.69
C PRO K 91 40.20 -21.38 22.19
N THR K 92 41.30 -21.98 22.63
CA THR K 92 42.61 -21.58 22.14
C THR K 92 42.78 -21.82 20.64
N GLY K 93 42.00 -22.75 20.07
CA GLY K 93 42.03 -22.95 18.63
C GLY K 93 41.28 -21.88 17.87
N ARG K 94 40.20 -21.34 18.46
CA ARG K 94 39.46 -20.27 17.81
C ARG K 94 40.19 -18.94 17.92
N VAL K 95 40.81 -18.67 19.07
CA VAL K 95 41.68 -17.50 19.18
C VAL K 95 42.85 -17.63 18.21
N GLU K 96 43.31 -18.87 17.97
CA GLU K 96 44.31 -19.11 16.94
C GLU K 96 43.74 -18.83 15.55
N LEU K 97 42.52 -19.30 15.29
CA LEU K 97 41.87 -19.05 14.00
C LEU K 97 41.51 -17.58 13.85
N ARG K 98 41.05 -16.94 14.93
CA ARG K 98 40.69 -15.54 14.87
C ARG K 98 41.90 -14.67 14.56
N ASP K 99 43.03 -14.93 15.21
CA ASP K 99 44.25 -14.18 14.96
C ASP K 99 44.98 -14.60 13.69
N ARG K 100 44.59 -15.73 13.09
CA ARG K 100 45.16 -16.13 11.81
C ARG K 100 44.41 -15.54 10.63
N ALA K 101 43.07 -15.51 10.71
CA ALA K 101 42.28 -14.92 9.64
C ALA K 101 42.62 -13.44 9.44
N SER K 102 42.97 -12.74 10.51
CA SER K 102 43.37 -11.34 10.38
C SER K 102 44.64 -11.22 9.56
N GLU K 103 45.63 -12.06 9.83
CA GLU K 103 46.89 -12.01 9.10
C GLU K 103 46.69 -12.36 7.63
N ASP K 104 45.81 -13.33 7.35
CA ASP K 104 45.55 -13.72 5.97
C ASP K 104 44.86 -12.60 5.19
N ILE K 105 44.14 -11.71 5.87
CA ILE K 105 43.53 -10.57 5.21
C ILE K 105 44.54 -9.46 4.98
N LYS K 106 45.39 -9.19 5.98
CA LYS K 106 46.42 -8.18 5.82
C LYS K 106 47.34 -8.48 4.63
N ALA K 107 47.70 -9.76 4.46
CA ALA K 107 48.50 -10.14 3.31
C ALA K 107 47.71 -10.07 2.01
N ALA K 108 46.42 -10.38 2.07
CA ALA K 108 45.58 -10.32 0.86
C ALA K 108 45.43 -8.88 0.37
N LEU K 109 45.29 -7.93 1.29
CA LEU K 109 45.15 -6.54 0.92
C LEU K 109 46.48 -5.86 0.64
N ASN K 110 47.58 -6.37 1.20
CA ASN K 110 48.88 -5.82 0.86
C ASN K 110 49.25 -6.10 -0.59
N ALA K 111 48.75 -7.21 -1.15
CA ALA K 111 48.98 -7.51 -2.55
C ALA K 111 48.03 -6.75 -3.47
N ALA K 112 46.89 -6.30 -2.97
CA ALA K 112 45.88 -5.60 -3.75
C ALA K 112 46.00 -4.08 -3.66
N VAL K 113 46.17 -3.54 -2.45
CA VAL K 113 46.28 -2.10 -2.27
C VAL K 113 47.51 -1.69 -1.47
N GLY K 114 48.31 -2.65 -1.00
CA GLY K 114 49.53 -2.31 -0.29
C GLY K 114 49.34 -1.75 1.10
N LYS K 115 48.20 -2.04 1.74
CA LYS K 115 47.92 -1.52 3.07
C LYS K 115 47.28 -2.62 3.92
N PRO K 116 47.79 -2.86 5.13
CA PRO K 116 47.11 -3.76 6.06
C PRO K 116 45.89 -3.09 6.67
N VAL K 117 44.77 -3.16 5.95
CA VAL K 117 43.61 -2.33 6.26
C VAL K 117 43.09 -2.62 7.66
N ILE K 118 42.76 -3.87 7.95
CA ILE K 118 42.08 -4.20 9.20
C ILE K 118 43.08 -4.32 10.33
N GLU K 119 42.55 -4.31 11.56
CA GLU K 119 43.32 -4.63 12.76
C GLU K 119 43.10 -6.06 13.21
N LYS K 120 41.85 -6.49 13.34
CA LYS K 120 41.53 -7.85 13.72
C LYS K 120 40.12 -8.18 13.23
N VAL K 121 39.77 -9.46 13.34
CA VAL K 121 38.45 -9.95 12.95
C VAL K 121 37.69 -10.32 14.21
N LEU K 122 36.41 -9.97 14.25
CA LEU K 122 35.55 -10.20 15.41
C LEU K 122 34.53 -11.27 15.09
N PHE K 123 34.42 -12.28 15.96
CA PHE K 123 33.41 -13.32 15.85
C PHE K 123 32.26 -12.96 16.79
N THR K 124 31.09 -12.64 16.23
CA THR K 124 29.93 -12.29 17.03
C THR K 124 28.98 -13.47 17.27
N ASP K 125 29.01 -14.48 16.41
CA ASP K 125 28.18 -15.67 16.59
C ASP K 125 28.91 -16.86 15.98
N PHE K 126 28.78 -18.02 16.63
CA PHE K 126 29.58 -19.18 16.25
C PHE K 126 28.82 -20.45 16.64
N VAL K 127 28.27 -21.14 15.66
CA VAL K 127 27.62 -22.43 15.87
C VAL K 127 28.32 -23.46 14.99
N ILE K 128 28.28 -24.72 15.41
CA ILE K 128 28.97 -25.78 14.67
C ILE K 128 27.99 -26.90 14.33
N GLN K 129 26.94 -27.04 15.14
CA GLN K 129 25.87 -28.04 14.95
C GLN K 129 26.32 -29.36 14.35
N ALA L 23 24.76 7.56 41.88
CA ALA L 23 25.76 8.35 41.17
C ALA L 23 25.25 8.77 39.79
N SER L 24 25.98 8.38 38.76
CA SER L 24 25.57 8.67 37.40
C SER L 24 24.26 7.93 37.06
N PRO L 25 23.44 8.49 36.17
CA PRO L 25 22.17 7.83 35.83
C PRO L 25 22.40 6.48 35.19
N ILE L 26 21.67 5.48 35.67
CA ILE L 26 21.74 4.14 35.12
C ILE L 26 21.12 4.13 33.72
N ALA L 27 21.72 3.37 32.81
CA ALA L 27 21.18 3.21 31.48
C ALA L 27 21.44 1.78 31.01
N TYR L 28 20.55 1.27 30.18
CA TYR L 28 20.63 -0.10 29.66
C TYR L 28 20.79 -0.06 28.15
N VAL L 29 21.85 -0.69 27.66
CA VAL L 29 22.12 -0.79 26.23
C VAL L 29 21.73 -2.18 25.77
N ASN L 30 20.77 -2.26 24.85
CA ASN L 30 20.26 -3.54 24.39
C ASN L 30 21.20 -4.15 23.36
N LEU L 31 21.36 -5.47 23.43
CA LEU L 31 22.06 -6.27 22.43
C LEU L 31 21.01 -7.15 21.76
N PRO L 32 20.39 -6.70 20.67
CA PRO L 32 19.23 -7.44 20.14
C PRO L 32 19.61 -8.76 19.49
N GLN L 33 20.76 -8.85 18.84
CA GLN L 33 21.20 -10.10 18.22
C GLN L 33 21.55 -11.10 19.31
N ALA L 34 20.63 -12.02 19.59
CA ALA L 34 20.82 -12.98 20.66
C ALA L 34 21.97 -13.93 20.35
N PHE L 35 22.54 -14.51 21.40
CA PHE L 35 23.70 -15.38 21.28
C PHE L 35 23.25 -16.83 21.19
N VAL L 36 23.73 -17.55 20.18
CA VAL L 36 23.43 -18.96 19.98
C VAL L 36 24.73 -19.70 19.82
N PHE L 37 24.96 -20.71 20.66
CA PHE L 37 26.22 -21.42 20.67
C PHE L 37 26.02 -22.80 21.30
N ASN L 38 26.95 -23.70 21.03
CA ASN L 38 26.91 -25.07 21.52
C ASN L 38 27.77 -25.23 22.76
N VAL L 39 27.50 -26.29 23.51
CA VAL L 39 28.32 -26.69 24.66
C VAL L 39 28.54 -28.19 24.58
N THR L 40 29.73 -28.64 24.97
CA THR L 40 30.10 -30.05 24.89
C THR L 40 29.50 -30.79 26.08
N GLY L 41 28.49 -31.62 25.82
CA GLY L 41 27.89 -32.43 26.86
C GLY L 41 28.51 -33.81 26.96
N ASP L 42 27.68 -34.82 27.20
CA ASP L 42 28.15 -36.21 27.23
C ASP L 42 27.47 -37.08 26.19
N SER L 43 26.15 -36.94 26.00
CA SER L 43 25.42 -37.71 25.01
C SER L 43 24.97 -36.87 23.82
N ARG L 44 25.33 -35.59 23.77
CA ARG L 44 24.83 -34.68 22.76
C ARG L 44 25.55 -33.35 22.89
N ASP L 45 25.63 -32.62 21.78
CA ASP L 45 26.04 -31.21 21.79
C ASP L 45 24.78 -30.37 21.84
N ARG L 46 24.58 -29.65 22.95
CA ARG L 46 23.35 -28.93 23.21
C ARG L 46 23.52 -27.45 22.86
N LEU L 47 22.56 -26.91 22.12
CA LEU L 47 22.57 -25.48 21.81
C LEU L 47 22.16 -24.67 23.03
N VAL L 48 22.74 -23.48 23.13
CA VAL L 48 22.45 -22.56 24.23
C VAL L 48 22.13 -21.20 23.65
N GLN L 49 21.00 -20.63 24.03
CA GLN L 49 20.53 -19.36 23.51
C GLN L 49 20.46 -18.36 24.67
N ILE L 50 21.33 -17.36 24.65
CA ILE L 50 21.41 -16.34 25.68
C ILE L 50 21.06 -15.00 25.06
N LYS L 51 20.09 -14.31 25.66
CA LYS L 51 19.73 -12.94 25.29
C LYS L 51 20.21 -12.01 26.39
N ALA L 52 21.07 -11.06 26.05
CA ALA L 52 21.77 -10.26 27.03
C ALA L 52 21.57 -8.78 26.77
N GLN L 53 21.72 -7.99 27.84
CA GLN L 53 21.72 -6.55 27.78
C GLN L 53 22.86 -6.01 28.63
N LEU L 54 23.25 -4.77 28.37
CA LEU L 54 24.36 -4.12 29.07
C LEU L 54 23.82 -3.07 30.02
N MET L 55 24.36 -3.04 31.23
CA MET L 55 24.00 -2.07 32.25
C MET L 55 25.16 -1.09 32.41
N VAL L 56 24.96 0.16 31.97
CA VAL L 56 25.99 1.17 32.03
C VAL L 56 25.53 2.30 32.95
N ARG L 57 26.50 3.07 33.42
CA ARG L 57 26.25 4.20 34.32
C ARG L 57 26.94 5.43 33.75
N GLY L 58 26.16 6.45 33.45
CA GLY L 58 26.68 7.66 32.84
C GLY L 58 26.34 7.75 31.37
N ALA L 59 26.13 8.98 30.90
CA ALA L 59 25.74 9.20 29.52
C ALA L 59 26.86 8.91 28.53
N GLU L 60 28.12 8.99 28.95
CA GLU L 60 29.22 8.75 28.03
C GLU L 60 29.50 7.27 27.84
N ASN L 61 29.35 6.46 28.90
CA ASN L 61 29.53 5.02 28.77
C ASN L 61 28.45 4.42 27.87
N GLU L 62 27.22 4.93 27.95
CA GLU L 62 26.18 4.51 27.03
C GLU L 62 26.56 4.82 25.59
N GLU L 63 27.23 5.95 25.36
CA GLU L 63 27.71 6.29 24.03
C GLU L 63 28.77 5.32 23.56
N LEU L 64 29.64 4.86 24.46
CA LEU L 64 30.69 3.92 24.09
C LEU L 64 30.14 2.50 23.94
N ALA L 65 29.20 2.10 24.80
CA ALA L 65 28.66 0.75 24.74
C ALA L 65 27.93 0.49 23.44
N ARG L 66 27.28 1.51 22.87
CA ARG L 66 26.61 1.33 21.59
C ARG L 66 27.58 1.32 20.43
N TYR L 67 28.57 2.23 20.44
CA TYR L 67 29.51 2.31 19.33
C TYR L 67 30.43 1.09 19.30
N HIS L 68 30.96 0.70 20.46
CA HIS L 68 31.80 -0.48 20.57
C HIS L 68 31.00 -1.75 20.83
N SER L 69 29.72 -1.77 20.44
CA SER L 69 28.91 -2.97 20.63
C SER L 69 29.44 -4.19 19.90
N PRO L 70 29.90 -4.13 18.64
CA PRO L 70 30.45 -5.34 18.01
C PRO L 70 31.62 -5.95 18.78
N LEU L 71 32.50 -5.12 19.34
CA LEU L 71 33.59 -5.65 20.16
C LEU L 71 33.03 -6.29 21.43
N ILE L 72 32.01 -5.70 22.03
CA ILE L 72 31.41 -6.25 23.23
C ILE L 72 30.72 -7.57 22.93
N GLU L 73 30.02 -7.66 21.79
CA GLU L 73 29.39 -8.91 21.40
C GLU L 73 30.42 -9.99 21.14
N SER L 74 31.65 -9.61 20.79
CA SER L 74 32.71 -10.59 20.58
C SER L 74 33.24 -11.13 21.90
N SER L 75 33.45 -10.26 22.89
CA SER L 75 33.98 -10.70 24.18
C SER L 75 33.00 -11.60 24.92
N LEU L 76 31.72 -11.58 24.56
CA LEU L 76 30.76 -12.49 25.18
C LEU L 76 30.81 -13.87 24.53
N LEU L 77 30.96 -13.92 23.20
CA LEU L 77 31.06 -15.20 22.51
C LEU L 77 32.31 -15.96 22.96
N SER L 78 33.42 -15.24 23.17
CA SER L 78 34.62 -15.86 23.70
C SER L 78 34.42 -16.37 25.12
N THR L 79 33.54 -15.70 25.88
CA THR L 79 33.28 -16.12 27.26
C THR L 79 32.23 -17.23 27.29
N PHE L 80 31.16 -17.09 26.52
CA PHE L 80 30.07 -18.06 26.56
C PHE L 80 30.53 -19.43 26.06
N ALA L 81 31.34 -19.46 24.99
CA ALA L 81 31.77 -20.72 24.42
C ALA L 81 32.72 -21.49 25.32
N SER L 82 33.29 -20.85 26.34
CA SER L 82 34.22 -21.50 27.24
C SER L 82 33.56 -21.99 28.53
N ALA L 83 32.24 -22.11 28.55
CA ALA L 83 31.49 -22.54 29.71
C ALA L 83 30.96 -23.95 29.49
N THR L 84 31.14 -24.81 30.49
CA THR L 84 30.69 -26.19 30.39
C THR L 84 29.21 -26.31 30.76
N VAL L 85 28.61 -27.44 30.39
CA VAL L 85 27.19 -27.67 30.66
C VAL L 85 26.92 -27.70 32.15
N ASP L 86 27.88 -28.19 32.95
CA ASP L 86 27.71 -28.20 34.39
C ASP L 86 27.67 -26.81 34.99
N GLN L 87 28.21 -25.81 34.27
CA GLN L 87 28.14 -24.44 34.76
C GLN L 87 26.82 -23.77 34.34
N LEU L 88 26.33 -24.08 33.15
CA LEU L 88 25.13 -23.43 32.65
C LEU L 88 23.88 -23.91 33.38
N ARG L 89 23.83 -25.20 33.74
CA ARG L 89 22.67 -25.72 34.45
C ARG L 89 22.65 -25.25 35.90
N SER L 90 23.82 -24.96 36.48
CA SER L 90 23.89 -24.55 37.88
C SER L 90 23.45 -23.11 38.03
N PRO L 91 22.67 -22.80 39.08
CA PRO L 91 22.35 -21.39 39.35
C PRO L 91 23.58 -20.57 39.69
N THR L 92 24.44 -21.07 40.59
CA THR L 92 25.69 -20.38 40.88
C THR L 92 26.60 -20.31 39.66
N GLY L 93 26.52 -21.30 38.77
CA GLY L 93 27.32 -21.27 37.56
C GLY L 93 26.95 -20.11 36.65
N ARG L 94 25.67 -19.75 36.60
CA ARG L 94 25.26 -18.61 35.82
C ARG L 94 25.72 -17.30 36.45
N VAL L 95 25.70 -17.22 37.77
CA VAL L 95 26.10 -15.99 38.46
C VAL L 95 27.59 -15.73 38.25
N GLU L 96 28.42 -16.76 38.36
CA GLU L 96 29.85 -16.59 38.13
C GLU L 96 30.14 -16.34 36.65
N LEU L 97 29.39 -16.99 35.76
CA LEU L 97 29.54 -16.73 34.33
C LEU L 97 29.20 -15.29 33.99
N ARG L 98 28.17 -14.74 34.64
CA ARG L 98 27.79 -13.35 34.42
C ARG L 98 28.91 -12.41 34.84
N ASP L 99 29.49 -12.63 36.02
CA ASP L 99 30.59 -11.79 36.47
C ASP L 99 31.83 -12.01 35.62
N ARG L 100 32.09 -13.25 35.21
CA ARG L 100 33.23 -13.51 34.33
C ARG L 100 33.03 -12.82 32.99
N ALA L 101 31.82 -12.88 32.43
CA ALA L 101 31.54 -12.19 31.19
C ALA L 101 31.61 -10.67 31.36
N SER L 102 31.25 -10.17 32.55
CA SER L 102 31.33 -8.73 32.79
C SER L 102 32.78 -8.28 32.90
N GLU L 103 33.60 -9.01 33.65
CA GLU L 103 34.99 -8.63 33.82
C GLU L 103 35.78 -8.80 32.52
N ASP L 104 35.38 -9.73 31.66
CA ASP L 104 36.06 -9.91 30.38
C ASP L 104 35.88 -8.69 29.49
N ILE L 105 34.69 -8.09 29.50
CA ILE L 105 34.42 -6.94 28.65
C ILE L 105 35.22 -5.73 29.13
N LYS L 106 35.27 -5.51 30.45
CA LYS L 106 36.06 -4.41 30.98
C LYS L 106 37.54 -4.58 30.63
N ALA L 107 38.06 -5.81 30.72
CA ALA L 107 39.43 -6.05 30.32
C ALA L 107 39.63 -5.87 28.82
N ALA L 108 38.57 -6.05 28.03
CA ALA L 108 38.68 -5.87 26.59
C ALA L 108 38.55 -4.40 26.19
N LEU L 109 37.67 -3.66 26.86
CA LEU L 109 37.50 -2.25 26.54
C LEU L 109 38.59 -1.37 27.14
N ASN L 110 39.21 -1.83 28.23
CA ASN L 110 40.40 -1.12 28.74
C ASN L 110 41.55 -1.18 27.75
N ALA L 111 41.60 -2.24 26.93
CA ALA L 111 42.65 -2.35 25.93
C ALA L 111 42.34 -1.54 24.68
N ALA L 112 41.06 -1.28 24.42
CA ALA L 112 40.65 -0.58 23.20
C ALA L 112 40.53 0.92 23.40
N VAL L 113 39.83 1.35 24.46
CA VAL L 113 39.57 2.78 24.68
C VAL L 113 40.00 3.17 26.08
N GLY L 114 40.68 2.28 26.79
CA GLY L 114 41.23 2.61 28.09
C GLY L 114 40.20 2.90 29.16
N LYS L 115 38.96 2.42 29.00
CA LYS L 115 37.91 2.66 29.98
C LYS L 115 37.06 1.41 30.12
N PRO L 116 36.74 0.99 31.34
CA PRO L 116 35.74 -0.07 31.54
C PRO L 116 34.35 0.52 31.44
N VAL L 117 33.67 0.24 30.32
CA VAL L 117 32.45 0.96 29.99
C VAL L 117 31.27 0.46 30.80
N ILE L 118 31.07 -0.86 30.84
CA ILE L 118 29.87 -1.43 31.41
C ILE L 118 30.05 -1.59 32.92
N GLU L 119 28.91 -1.69 33.61
CA GLU L 119 28.89 -2.06 35.02
C GLU L 119 28.74 -3.56 35.20
N LYS L 120 27.75 -4.16 34.53
CA LYS L 120 27.56 -5.61 34.55
C LYS L 120 26.68 -6.00 33.38
N VAL L 121 26.76 -7.27 33.00
CA VAL L 121 25.94 -7.82 31.93
C VAL L 121 24.68 -8.41 32.54
N LEU L 122 23.56 -8.26 31.84
CA LEU L 122 22.27 -8.78 32.29
C LEU L 122 21.77 -9.85 31.34
N PHE L 123 21.28 -10.95 31.90
CA PHE L 123 20.70 -12.04 31.12
C PHE L 123 19.18 -11.96 31.23
N THR L 124 18.50 -11.79 30.09
CA THR L 124 17.05 -11.71 30.05
C THR L 124 16.38 -12.95 29.47
N ASP L 125 17.16 -13.90 28.96
CA ASP L 125 16.61 -15.15 28.44
C ASP L 125 17.72 -16.19 28.42
N PHE L 126 17.39 -17.41 28.87
CA PHE L 126 18.38 -18.46 29.02
C PHE L 126 17.70 -19.80 28.79
N VAL L 127 17.95 -20.41 27.63
CA VAL L 127 17.41 -21.73 27.31
C VAL L 127 18.56 -22.64 26.91
N ILE L 128 18.36 -23.94 27.16
CA ILE L 128 19.33 -24.98 26.79
C ILE L 128 18.57 -26.11 26.12
N GLN L 129 18.89 -26.38 24.86
CA GLN L 129 18.24 -27.46 24.13
C GLN L 129 19.28 -28.36 23.45
N ALA M 23 -0.54 3.68 49.62
CA ALA M 23 -1.93 4.07 49.41
C ALA M 23 -2.10 4.82 48.09
N SER M 24 -1.02 4.85 47.30
CA SER M 24 -1.05 5.48 46.00
C SER M 24 -1.88 4.64 45.02
N PRO M 25 -2.38 5.25 43.94
CA PRO M 25 -3.19 4.49 42.99
C PRO M 25 -2.40 3.36 42.32
N ILE M 26 -3.10 2.26 42.07
CA ILE M 26 -2.48 1.07 41.49
C ILE M 26 -2.24 1.27 40.01
N ALA M 27 -1.14 0.71 39.51
CA ALA M 27 -0.83 0.75 38.09
C ALA M 27 0.01 -0.48 37.75
N TYR M 28 -0.26 -1.05 36.58
CA TYR M 28 0.40 -2.28 36.14
C TYR M 28 1.37 -1.98 35.01
N VAL M 29 2.60 -2.48 35.14
CA VAL M 29 3.62 -2.35 34.11
C VAL M 29 3.76 -3.71 33.44
N ASN M 30 3.61 -3.73 32.12
CA ASN M 30 3.62 -4.98 31.37
C ASN M 30 5.05 -5.42 31.04
N LEU M 31 5.22 -6.73 30.93
CA LEU M 31 6.46 -7.32 30.42
C LEU M 31 6.09 -8.14 29.19
N PRO M 32 6.21 -7.58 27.98
CA PRO M 32 5.58 -8.22 26.82
C PRO M 32 6.21 -9.54 26.43
N GLN M 33 7.54 -9.63 26.40
CA GLN M 33 8.19 -10.86 26.00
C GLN M 33 8.18 -11.84 27.16
N ALA M 34 7.51 -12.98 26.98
CA ALA M 34 7.36 -13.96 28.05
C ALA M 34 8.71 -14.59 28.39
N PHE M 35 8.70 -15.38 29.47
CA PHE M 35 9.91 -15.99 30.01
C PHE M 35 9.93 -17.47 29.66
N VAL M 36 10.95 -17.90 28.93
CA VAL M 36 11.17 -19.29 28.56
C VAL M 36 12.46 -19.76 29.22
N PHE M 37 12.38 -20.88 29.94
CA PHE M 37 13.53 -21.42 30.65
C PHE M 37 13.29 -22.90 30.91
N ASN M 38 14.37 -23.58 31.29
CA ASN M 38 14.35 -25.03 31.50
C ASN M 38 14.45 -25.36 32.97
N VAL M 39 13.71 -26.38 33.40
CA VAL M 39 13.79 -26.93 34.74
C VAL M 39 14.10 -28.41 34.62
N THR M 40 14.88 -28.94 35.56
CA THR M 40 15.31 -30.33 35.53
C THR M 40 14.25 -31.21 36.18
N GLY M 41 13.75 -32.19 35.43
CA GLY M 41 12.78 -33.14 35.91
C GLY M 41 13.37 -34.52 36.11
N ASP M 42 12.47 -35.51 36.19
CA ASP M 42 12.92 -36.89 36.36
C ASP M 42 13.50 -37.46 35.07
N SER M 43 12.69 -37.48 34.01
CA SER M 43 13.11 -38.09 32.75
C SER M 43 13.74 -37.10 31.79
N ARG M 44 13.16 -35.92 31.64
CA ARG M 44 13.62 -34.93 30.67
C ARG M 44 13.80 -33.58 31.35
N ASP M 45 14.23 -32.61 30.56
CA ASP M 45 14.16 -31.20 30.96
C ASP M 45 12.83 -30.63 30.50
N ARG M 46 12.10 -30.01 31.43
CA ARG M 46 10.76 -29.52 31.15
C ARG M 46 10.82 -28.05 30.76
N LEU M 47 10.13 -27.70 29.68
CA LEU M 47 10.14 -26.34 29.14
C LEU M 47 9.01 -25.54 29.77
N VAL M 48 9.35 -24.47 30.46
CA VAL M 48 8.39 -23.62 31.15
C VAL M 48 8.29 -22.29 30.42
N GLN M 49 7.07 -21.80 30.27
CA GLN M 49 6.80 -20.51 29.64
C GLN M 49 5.96 -19.67 30.61
N ILE M 50 6.48 -18.51 30.99
CA ILE M 50 5.81 -17.65 31.96
C ILE M 50 5.65 -16.27 31.36
N LYS M 51 4.41 -15.79 31.31
CA LYS M 51 4.10 -14.40 30.94
C LYS M 51 3.73 -13.65 32.22
N ALA M 52 4.46 -12.58 32.51
CA ALA M 52 4.34 -11.90 33.79
C ALA M 52 4.13 -10.41 33.59
N GLN M 53 3.54 -9.79 34.62
CA GLN M 53 3.39 -8.34 34.68
C GLN M 53 3.73 -7.87 36.09
N LEU M 54 4.01 -6.57 36.20
CA LEU M 54 4.40 -5.97 37.47
C LEU M 54 3.29 -5.05 37.96
N MET M 55 2.97 -5.15 39.24
CA MET M 55 1.98 -4.28 39.87
C MET M 55 2.73 -3.29 40.77
N VAL M 56 2.55 -2.01 40.50
CA VAL M 56 3.19 -0.95 41.29
C VAL M 56 2.10 -0.01 41.82
N ARG M 57 2.47 0.74 42.85
CA ARG M 57 1.60 1.75 43.44
C ARG M 57 2.34 3.09 43.40
N GLY M 58 1.75 4.06 42.71
CA GLY M 58 2.36 5.37 42.57
C GLY M 58 2.74 5.70 41.13
N ALA M 59 2.64 6.97 40.76
CA ALA M 59 2.98 7.36 39.39
C ALA M 59 4.49 7.34 39.15
N GLU M 60 5.29 7.58 40.20
CA GLU M 60 6.73 7.59 40.03
C GLU M 60 7.31 6.18 39.96
N ASN M 61 6.77 5.25 40.76
CA ASN M 61 7.24 3.87 40.71
C ASN M 61 6.96 3.25 39.35
N GLU M 62 5.79 3.56 38.77
CA GLU M 62 5.49 3.07 37.42
C GLU M 62 6.52 3.58 36.42
N GLU M 63 7.01 4.80 36.62
CA GLU M 63 8.04 5.35 35.73
C GLU M 63 9.35 4.57 35.85
N LEU M 64 9.77 4.27 37.09
CA LEU M 64 11.00 3.52 37.29
C LEU M 64 10.88 2.07 36.82
N ALA M 65 9.68 1.48 36.96
CA ALA M 65 9.51 0.08 36.59
C ALA M 65 9.74 -0.14 35.11
N ARG M 66 9.24 0.78 34.27
CA ARG M 66 9.45 0.64 32.83
C ARG M 66 10.90 0.91 32.45
N TYR M 67 11.52 1.91 33.07
CA TYR M 67 12.89 2.26 32.71
C TYR M 67 13.87 1.18 33.14
N HIS M 68 13.58 0.46 34.22
CA HIS M 68 14.45 -0.58 34.74
C HIS M 68 13.93 -1.98 34.42
N SER M 69 13.20 -2.11 33.32
CA SER M 69 12.73 -3.44 32.90
C SER M 69 13.86 -4.42 32.65
N PRO M 70 14.98 -4.07 31.99
CA PRO M 70 16.06 -5.05 31.83
C PRO M 70 16.58 -5.62 33.13
N LEU M 71 16.69 -4.79 34.18
CA LEU M 71 17.14 -5.29 35.47
C LEU M 71 16.07 -6.15 36.12
N ILE M 72 14.79 -5.76 35.99
CA ILE M 72 13.71 -6.56 36.53
C ILE M 72 13.58 -7.88 35.78
N GLU M 73 13.76 -7.84 34.45
CA GLU M 73 13.76 -9.07 33.68
C GLU M 73 14.92 -9.98 34.07
N SER M 74 16.04 -9.39 34.52
CA SER M 74 17.17 -10.19 34.97
C SER M 74 16.86 -10.88 36.29
N SER M 75 16.36 -10.12 37.27
CA SER M 75 16.07 -10.70 38.58
C SER M 75 14.97 -11.76 38.49
N LEU M 76 14.08 -11.66 37.50
CA LEU M 76 13.05 -12.67 37.34
C LEU M 76 13.63 -13.98 36.80
N LEU M 77 14.41 -13.89 35.73
CA LEU M 77 15.02 -15.10 35.16
C LEU M 77 16.01 -15.73 36.13
N SER M 78 16.72 -14.91 36.90
CA SER M 78 17.62 -15.45 37.93
C SER M 78 16.84 -16.19 39.01
N THR M 79 15.60 -15.77 39.28
CA THR M 79 14.78 -16.46 40.26
C THR M 79 14.13 -17.71 39.68
N PHE M 80 13.63 -17.62 38.45
CA PHE M 80 12.97 -18.76 37.83
C PHE M 80 13.92 -19.93 37.63
N ALA M 81 15.19 -19.65 37.38
CA ALA M 81 16.17 -20.72 37.20
C ALA M 81 16.42 -21.49 38.49
N SER M 82 16.18 -20.88 39.65
CA SER M 82 16.38 -21.52 40.94
C SER M 82 15.19 -22.37 41.37
N ALA M 83 14.19 -22.53 40.51
CA ALA M 83 12.99 -23.28 40.84
C ALA M 83 13.02 -24.65 40.17
N THR M 84 12.38 -25.63 40.81
CA THR M 84 12.33 -27.00 40.34
C THR M 84 10.89 -27.38 39.97
N VAL M 85 10.74 -28.60 39.45
CA VAL M 85 9.45 -29.03 38.92
C VAL M 85 8.44 -29.22 40.04
N ASP M 86 8.85 -29.87 41.14
CA ASP M 86 7.92 -30.15 42.23
C ASP M 86 7.39 -28.88 42.89
N GLN M 87 7.97 -27.72 42.59
CA GLN M 87 7.43 -26.45 43.06
C GLN M 87 6.50 -25.82 42.03
N LEU M 88 6.81 -25.97 40.74
CA LEU M 88 6.01 -25.32 39.70
C LEU M 88 4.68 -26.02 39.52
N ARG M 89 4.68 -27.36 39.50
CA ARG M 89 3.42 -28.09 39.43
C ARG M 89 2.63 -28.01 40.73
N SER M 90 3.26 -27.60 41.81
CA SER M 90 2.56 -27.43 43.08
C SER M 90 1.90 -26.05 43.13
N PRO M 91 0.58 -25.97 43.31
CA PRO M 91 -0.05 -24.64 43.38
C PRO M 91 0.49 -23.77 44.50
N THR M 92 0.63 -24.33 45.71
CA THR M 92 1.22 -23.57 46.81
C THR M 92 2.69 -23.26 46.56
N GLY M 93 3.37 -24.05 45.73
CA GLY M 93 4.75 -23.75 45.38
C GLY M 93 4.91 -22.61 44.40
N ARG M 94 3.84 -22.23 43.71
CA ARG M 94 3.86 -21.09 42.81
C ARG M 94 3.59 -19.78 43.52
N VAL M 95 2.84 -19.81 44.63
CA VAL M 95 2.61 -18.61 45.41
C VAL M 95 3.90 -18.16 46.08
N GLU M 96 4.63 -19.09 46.68
CA GLU M 96 5.93 -18.77 47.25
C GLU M 96 6.94 -18.39 46.17
N LEU M 97 6.74 -18.86 44.94
CA LEU M 97 7.59 -18.42 43.83
C LEU M 97 7.24 -16.99 43.41
N ARG M 98 5.94 -16.69 43.33
CA ARG M 98 5.52 -15.33 43.03
C ARG M 98 6.02 -14.34 44.08
N ASP M 99 6.00 -14.76 45.35
CA ASP M 99 6.50 -13.89 46.41
C ASP M 99 8.02 -13.86 46.46
N ARG M 100 8.68 -14.96 46.13
CA ARG M 100 10.14 -14.96 46.08
C ARG M 100 10.65 -14.10 44.92
N ALA M 101 10.00 -14.21 43.75
CA ALA M 101 10.37 -13.35 42.63
C ALA M 101 10.13 -11.89 42.94
N SER M 102 9.08 -11.58 43.69
CA SER M 102 8.78 -10.18 44.02
C SER M 102 9.81 -9.62 45.00
N GLU M 103 10.07 -10.35 46.10
CA GLU M 103 11.01 -9.85 47.09
C GLU M 103 12.44 -9.83 46.57
N ASP M 104 12.76 -10.70 45.60
CA ASP M 104 14.10 -10.67 45.01
C ASP M 104 14.29 -9.47 44.10
N ILE M 105 13.20 -8.98 43.48
CA ILE M 105 13.30 -7.77 42.66
C ILE M 105 13.54 -6.55 43.54
N LYS M 106 12.83 -6.46 44.66
CA LYS M 106 12.97 -5.30 45.54
C LYS M 106 14.39 -5.19 46.07
N ALA M 107 15.04 -6.33 46.33
CA ALA M 107 16.44 -6.30 46.77
C ALA M 107 17.35 -5.84 45.65
N ALA M 108 17.04 -6.19 44.40
CA ALA M 108 17.87 -5.75 43.27
C ALA M 108 17.73 -4.26 43.02
N LEU M 109 16.54 -3.70 43.24
CA LEU M 109 16.31 -2.28 43.02
C LEU M 109 16.67 -1.42 44.23
N ASN M 110 16.64 -1.99 45.44
CA ASN M 110 17.11 -1.26 46.61
C ASN M 110 18.61 -0.98 46.51
N ALA M 111 19.36 -1.87 45.85
CA ALA M 111 20.78 -1.64 45.62
C ALA M 111 21.04 -0.83 44.35
N ALA M 112 20.12 -0.88 43.38
CA ALA M 112 20.33 -0.16 42.13
C ALA M 112 19.91 1.29 42.23
N VAL M 113 18.64 1.53 42.58
CA VAL M 113 18.09 2.87 42.63
C VAL M 113 17.72 3.29 44.05
N GLY M 114 18.05 2.47 45.04
CA GLY M 114 17.78 2.82 46.42
C GLY M 114 16.32 2.82 46.81
N LYS M 115 15.46 2.21 46.00
CA LYS M 115 14.02 2.19 46.25
C LYS M 115 13.42 0.87 45.81
N PRO M 116 12.47 0.32 46.56
CA PRO M 116 11.71 -0.84 46.07
C PRO M 116 10.56 -0.36 45.17
N VAL M 117 10.68 -0.69 43.89
CA VAL M 117 9.79 -0.08 42.90
C VAL M 117 8.43 -0.77 42.88
N ILE M 118 8.41 -2.07 42.65
CA ILE M 118 7.17 -2.80 42.44
C ILE M 118 6.50 -3.11 43.76
N GLU M 119 5.23 -3.52 43.71
CA GLU M 119 4.51 -4.06 44.86
C GLU M 119 4.56 -5.59 44.89
N LYS M 120 4.22 -6.23 43.77
CA LYS M 120 4.34 -7.68 43.64
C LYS M 120 4.23 -8.03 42.17
N VAL M 121 4.75 -9.22 41.83
CA VAL M 121 4.75 -9.72 40.46
C VAL M 121 3.47 -10.51 40.22
N LEU M 122 2.97 -10.46 38.99
CA LEU M 122 1.75 -11.14 38.60
C LEU M 122 2.05 -12.15 37.49
N PHE M 123 1.43 -13.32 37.59
CA PHE M 123 1.51 -14.35 36.56
C PHE M 123 0.17 -14.40 35.83
N THR M 124 0.21 -14.26 34.51
CA THR M 124 -0.99 -14.33 33.68
C THR M 124 -1.08 -15.59 32.84
N ASP M 125 0.04 -16.13 32.38
CA ASP M 125 0.06 -17.39 31.65
C ASP M 125 1.21 -18.24 32.18
N PHE M 126 0.98 -19.56 32.23
CA PHE M 126 1.92 -20.46 32.88
C PHE M 126 1.71 -21.86 32.30
N VAL M 127 2.69 -22.35 31.54
CA VAL M 127 2.65 -23.70 30.99
C VAL M 127 3.98 -24.38 31.25
N ILE M 128 3.95 -25.71 31.27
CA ILE M 128 5.13 -26.54 31.42
C ILE M 128 5.11 -27.62 30.34
N GLN M 129 6.27 -27.86 29.73
CA GLN M 129 6.41 -28.86 28.67
C GLN M 129 5.47 -28.59 27.50
N SER N 24 -28.42 0.01 37.38
CA SER N 24 -27.14 -0.40 36.82
C SER N 24 -27.31 -1.53 35.81
N PRO N 25 -27.20 -1.20 34.52
CA PRO N 25 -27.37 -2.22 33.48
C PRO N 25 -26.17 -3.14 33.41
N ILE N 26 -26.31 -4.17 32.58
CA ILE N 26 -25.29 -5.20 32.42
C ILE N 26 -24.27 -4.77 31.37
N ALA N 27 -23.01 -5.05 31.64
CA ALA N 27 -21.92 -4.79 30.70
C ALA N 27 -20.94 -5.96 30.75
N TYR N 28 -20.23 -6.18 29.66
CA TYR N 28 -19.30 -7.29 29.53
C TYR N 28 -17.91 -6.77 29.20
N VAL N 29 -16.92 -7.17 30.01
CA VAL N 29 -15.52 -6.85 29.78
C VAL N 29 -14.85 -8.09 29.23
N ASN N 30 -14.16 -7.92 28.10
CA ASN N 30 -13.52 -9.04 27.42
C ASN N 30 -12.07 -9.20 27.88
N LEU N 31 -11.67 -10.46 28.07
CA LEU N 31 -10.27 -10.83 28.30
C LEU N 31 -9.81 -11.54 27.04
N PRO N 32 -9.17 -10.83 26.10
CA PRO N 32 -8.96 -11.42 24.76
C PRO N 32 -7.98 -12.57 24.74
N GLN N 33 -6.89 -12.47 25.49
CA GLN N 33 -5.89 -13.54 25.49
C GLN N 33 -6.44 -14.76 26.22
N ALA N 34 -6.56 -15.87 25.49
CA ALA N 34 -7.11 -17.09 26.06
C ALA N 34 -6.17 -17.66 27.12
N PHE N 35 -6.74 -18.41 28.05
CA PHE N 35 -5.98 -19.02 29.15
C PHE N 35 -5.56 -20.42 28.73
N VAL N 36 -4.27 -20.62 28.55
CA VAL N 36 -3.70 -21.92 28.20
C VAL N 36 -2.87 -22.41 29.39
N PHE N 37 -3.28 -23.52 29.98
CA PHE N 37 -2.58 -24.08 31.13
C PHE N 37 -2.65 -25.60 31.07
N ASN N 38 -1.90 -26.25 31.96
CA ASN N 38 -1.84 -27.70 32.03
C ASN N 38 -2.49 -28.19 33.31
N VAL N 39 -3.03 -29.41 33.24
CA VAL N 39 -3.58 -30.10 34.40
C VAL N 39 -2.94 -31.47 34.49
N THR N 40 -2.64 -31.91 35.72
CA THR N 40 -1.97 -33.19 35.95
C THR N 40 -2.99 -34.31 35.83
N GLY N 41 -3.34 -34.64 34.59
CA GLY N 41 -4.18 -35.79 34.32
C GLY N 41 -3.48 -37.06 34.75
N ASP N 42 -4.12 -37.88 35.59
CA ASP N 42 -3.39 -39.02 36.12
C ASP N 42 -3.33 -40.19 35.16
N SER N 43 -3.06 -39.90 33.88
CA SER N 43 -2.52 -40.86 32.92
C SER N 43 -1.50 -40.25 31.97
N ARG N 44 -1.43 -38.92 31.87
CA ARG N 44 -0.61 -38.21 30.89
C ARG N 44 -0.46 -36.78 31.40
N ASP N 45 -0.08 -35.86 30.51
CA ASP N 45 -0.13 -34.43 30.79
C ASP N 45 -1.08 -33.77 29.80
N ARG N 46 -2.08 -33.07 30.30
CA ARG N 46 -3.16 -32.53 29.48
C ARG N 46 -3.00 -31.03 29.29
N LEU N 47 -3.51 -30.54 28.17
CA LEU N 47 -3.49 -29.12 27.82
C LEU N 47 -4.91 -28.59 27.81
N VAL N 48 -5.13 -27.46 28.47
CA VAL N 48 -6.45 -26.84 28.58
C VAL N 48 -6.38 -25.43 28.00
N GLN N 49 -7.43 -25.06 27.27
CA GLN N 49 -7.56 -23.73 26.70
C GLN N 49 -8.95 -23.19 27.03
N ILE N 50 -9.00 -22.12 27.82
CA ILE N 50 -10.25 -21.52 28.27
C ILE N 50 -10.24 -20.04 27.89
N LYS N 51 -11.26 -19.61 27.16
CA LYS N 51 -11.47 -18.20 26.88
C LYS N 51 -12.59 -17.69 27.76
N ALA N 52 -12.36 -16.56 28.43
CA ALA N 52 -13.28 -16.03 29.42
C ALA N 52 -13.60 -14.58 29.14
N GLN N 53 -14.80 -14.17 29.57
CA GLN N 53 -15.23 -12.78 29.51
C GLN N 53 -15.93 -12.44 30.82
N LEU N 54 -15.64 -11.25 31.34
CA LEU N 54 -16.22 -10.84 32.61
C LEU N 54 -17.61 -10.24 32.41
N MET N 55 -18.44 -10.37 33.44
CA MET N 55 -19.78 -9.80 33.46
C MET N 55 -19.86 -8.85 34.64
N VAL N 56 -19.94 -7.55 34.34
CA VAL N 56 -19.98 -6.51 35.36
C VAL N 56 -21.32 -5.81 35.32
N ARG N 57 -21.61 -5.04 36.37
CA ARG N 57 -22.87 -4.31 36.49
C ARG N 57 -22.56 -2.90 36.97
N GLY N 58 -22.76 -1.93 36.08
CA GLY N 58 -22.46 -0.54 36.38
C GLY N 58 -21.32 -0.02 35.53
N ALA N 59 -21.24 1.33 35.46
CA ALA N 59 -20.22 1.96 34.65
C ALA N 59 -18.88 2.06 35.38
N GLU N 60 -18.90 2.25 36.70
CA GLU N 60 -17.65 2.31 37.45
C GLU N 60 -16.99 0.94 37.53
N ASN N 61 -17.79 -0.13 37.62
CA ASN N 61 -17.21 -1.47 37.63
C ASN N 61 -16.57 -1.81 36.30
N GLU N 62 -17.21 -1.44 35.19
CA GLU N 62 -16.62 -1.70 33.88
C GLU N 62 -15.28 -0.97 33.73
N GLU N 63 -15.19 0.25 34.25
CA GLU N 63 -13.91 0.96 34.23
C GLU N 63 -12.87 0.24 35.08
N LEU N 64 -13.29 -0.29 36.23
CA LEU N 64 -12.35 -1.00 37.09
C LEU N 64 -11.94 -2.34 36.49
N ALA N 65 -12.90 -3.06 35.90
CA ALA N 65 -12.60 -4.38 35.35
C ALA N 65 -11.63 -4.31 34.18
N ARG N 66 -11.70 -3.24 33.38
CA ARG N 66 -10.78 -3.10 32.26
C ARG N 66 -9.42 -2.63 32.72
N TYR N 67 -9.38 -1.70 33.68
CA TYR N 67 -8.09 -1.17 34.14
C TYR N 67 -7.34 -2.18 34.99
N HIS N 68 -8.06 -3.03 35.75
CA HIS N 68 -7.44 -4.00 36.64
C HIS N 68 -7.45 -5.41 36.06
N SER N 69 -7.56 -5.54 34.74
CA SER N 69 -7.60 -6.87 34.13
C SER N 69 -6.35 -7.69 34.38
N PRO N 70 -5.12 -7.14 34.40
CA PRO N 70 -3.97 -7.98 34.74
C PRO N 70 -4.09 -8.65 36.10
N LEU N 71 -4.61 -7.95 37.10
CA LEU N 71 -4.86 -8.57 38.40
C LEU N 71 -5.97 -9.62 38.29
N ILE N 72 -6.99 -9.35 37.49
CA ILE N 72 -8.07 -10.31 37.28
C ILE N 72 -7.57 -11.52 36.51
N GLU N 73 -6.76 -11.30 35.48
CA GLU N 73 -6.14 -12.41 34.76
C GLU N 73 -5.23 -13.22 35.67
N SER N 74 -4.65 -12.58 36.70
CA SER N 74 -3.79 -13.29 37.64
C SER N 74 -4.61 -14.24 38.51
N SER N 75 -5.72 -13.75 39.08
CA SER N 75 -6.52 -14.58 39.96
C SER N 75 -7.19 -15.73 39.21
N LEU N 76 -7.45 -15.55 37.91
CA LEU N 76 -8.07 -16.62 37.13
C LEU N 76 -7.11 -17.77 36.92
N LEU N 77 -5.86 -17.47 36.55
CA LEU N 77 -4.87 -18.52 36.35
C LEU N 77 -4.54 -19.23 37.65
N SER N 78 -4.44 -18.48 38.75
CA SER N 78 -4.23 -19.12 40.05
C SER N 78 -5.39 -20.00 40.44
N THR N 79 -6.59 -19.69 39.97
CA THR N 79 -7.75 -20.54 40.22
C THR N 79 -7.80 -21.71 39.25
N PHE N 80 -7.50 -21.45 37.97
CA PHE N 80 -7.53 -22.52 36.97
C PHE N 80 -6.46 -23.57 37.24
N ALA N 81 -5.28 -23.15 37.69
CA ALA N 81 -4.17 -24.08 37.89
C ALA N 81 -4.44 -25.05 39.03
N SER N 82 -5.25 -24.66 40.00
CA SER N 82 -5.56 -25.51 41.15
C SER N 82 -6.66 -26.52 40.87
N ALA N 83 -7.18 -26.56 39.64
CA ALA N 83 -8.27 -27.47 39.30
C ALA N 83 -7.72 -28.82 38.87
N THR N 84 -8.51 -29.86 39.12
CA THR N 84 -8.14 -31.23 38.76
C THR N 84 -8.96 -31.69 37.56
N VAL N 85 -8.39 -32.63 36.80
CA VAL N 85 -8.97 -33.04 35.53
C VAL N 85 -10.35 -33.67 35.72
N ASP N 86 -10.58 -34.31 36.87
CA ASP N 86 -11.91 -34.83 37.16
C ASP N 86 -12.95 -33.72 37.31
N GLN N 87 -12.50 -32.49 37.55
CA GLN N 87 -13.40 -31.35 37.65
C GLN N 87 -13.61 -30.66 36.30
N LEU N 88 -12.58 -30.60 35.46
CA LEU N 88 -12.72 -29.94 34.15
C LEU N 88 -13.68 -30.71 33.25
N ARG N 89 -13.63 -32.04 33.29
CA ARG N 89 -14.48 -32.87 32.45
C ARG N 89 -15.83 -33.17 33.09
N SER N 90 -16.14 -32.54 34.22
CA SER N 90 -17.42 -32.72 34.87
C SER N 90 -18.31 -31.54 34.53
N PRO N 91 -19.49 -31.75 33.92
CA PRO N 91 -20.37 -30.61 33.62
C PRO N 91 -20.73 -29.80 34.85
N THR N 92 -20.94 -30.44 36.00
CA THR N 92 -21.18 -29.70 37.23
C THR N 92 -19.89 -29.18 37.84
N GLY N 93 -18.77 -29.87 37.61
CA GLY N 93 -17.50 -29.40 38.14
C GLY N 93 -17.06 -28.08 37.53
N ARG N 94 -17.37 -27.87 36.25
CA ARG N 94 -17.06 -26.58 35.63
C ARG N 94 -17.91 -25.47 36.23
N VAL N 95 -19.16 -25.78 36.58
CA VAL N 95 -20.01 -24.77 37.23
C VAL N 95 -19.45 -24.42 38.60
N GLU N 96 -18.94 -25.40 39.33
CA GLU N 96 -18.31 -25.13 40.62
C GLU N 96 -17.01 -24.35 40.44
N LEU N 97 -16.32 -24.55 39.32
CA LEU N 97 -15.09 -23.80 39.04
C LEU N 97 -15.41 -22.39 38.57
N ARG N 98 -16.43 -22.24 37.72
CA ARG N 98 -16.83 -20.91 37.28
C ARG N 98 -17.27 -20.04 38.44
N ASP N 99 -17.96 -20.63 39.42
CA ASP N 99 -18.39 -19.89 40.59
C ASP N 99 -17.25 -19.65 41.57
N ARG N 100 -16.31 -20.59 41.67
CA ARG N 100 -15.16 -20.39 42.56
C ARG N 100 -14.22 -19.35 41.98
N ALA N 101 -14.06 -19.31 40.66
CA ALA N 101 -13.21 -18.31 40.03
C ALA N 101 -13.78 -16.91 40.20
N SER N 102 -15.11 -16.78 40.23
CA SER N 102 -15.72 -15.47 40.43
C SER N 102 -15.44 -14.95 41.84
N GLU N 103 -15.66 -15.80 42.85
CA GLU N 103 -15.39 -15.38 44.23
C GLU N 103 -13.91 -15.10 44.45
N ASP N 104 -13.02 -15.83 43.76
CA ASP N 104 -11.59 -15.60 43.92
C ASP N 104 -11.16 -14.26 43.36
N ILE N 105 -11.83 -13.79 42.30
CA ILE N 105 -11.53 -12.46 41.78
C ILE N 105 -12.08 -11.38 42.71
N LYS N 106 -13.31 -11.58 43.21
CA LYS N 106 -13.91 -10.60 44.10
C LYS N 106 -13.08 -10.43 45.38
N ALA N 107 -12.52 -11.52 45.90
CA ALA N 107 -11.66 -11.42 47.07
C ALA N 107 -10.35 -10.72 46.73
N ALA N 108 -9.83 -10.91 45.52
CA ALA N 108 -8.58 -10.27 45.12
C ALA N 108 -8.77 -8.76 44.97
N LEU N 109 -9.84 -8.35 44.27
CA LEU N 109 -10.08 -6.93 44.07
C LEU N 109 -10.57 -6.24 45.33
N ASN N 110 -11.19 -6.98 46.27
CA ASN N 110 -11.57 -6.37 47.54
C ASN N 110 -10.35 -6.00 48.36
N ALA N 111 -9.31 -6.84 48.34
CA ALA N 111 -8.08 -6.55 49.06
C ALA N 111 -7.18 -5.57 48.31
N ALA N 112 -7.57 -5.14 47.12
CA ALA N 112 -6.77 -4.21 46.32
C ALA N 112 -7.42 -2.84 46.15
N VAL N 113 -8.70 -2.79 45.81
CA VAL N 113 -9.42 -1.54 45.65
C VAL N 113 -10.66 -1.45 46.50
N GLY N 114 -10.94 -2.45 47.33
CA GLY N 114 -12.08 -2.39 48.22
C GLY N 114 -13.44 -2.51 47.57
N LYS N 115 -13.50 -3.04 46.35
CA LYS N 115 -14.77 -3.18 45.64
C LYS N 115 -14.84 -4.52 44.92
N PRO N 116 -15.93 -5.27 45.10
CA PRO N 116 -16.15 -6.49 44.30
C PRO N 116 -16.61 -6.15 42.89
N VAL N 117 -15.66 -5.91 41.99
CA VAL N 117 -15.96 -5.32 40.68
C VAL N 117 -16.95 -6.18 39.91
N ILE N 118 -16.59 -7.43 39.65
CA ILE N 118 -17.35 -8.24 38.72
C ILE N 118 -18.55 -8.87 39.42
N GLU N 119 -19.49 -9.36 38.61
CA GLU N 119 -20.62 -10.15 39.08
C GLU N 119 -20.35 -11.64 38.93
N LYS N 120 -20.02 -12.09 37.73
CA LYS N 120 -19.70 -13.48 37.47
C LYS N 120 -18.75 -13.56 36.28
N VAL N 121 -18.19 -14.75 36.08
CA VAL N 121 -17.28 -15.02 34.96
C VAL N 121 -18.03 -15.86 33.94
N LEU N 122 -17.78 -15.59 32.66
CA LEU N 122 -18.41 -16.31 31.57
C LEU N 122 -17.36 -17.07 30.77
N PHE N 123 -17.68 -18.31 30.40
CA PHE N 123 -16.80 -19.17 29.62
C PHE N 123 -17.36 -19.27 28.20
N THR N 124 -16.68 -18.63 27.25
CA THR N 124 -17.08 -18.69 25.85
C THR N 124 -16.46 -19.86 25.11
N ASP N 125 -15.31 -20.37 25.58
CA ASP N 125 -14.66 -21.51 24.96
C ASP N 125 -14.01 -22.37 26.04
N PHE N 126 -14.06 -23.68 25.84
CA PHE N 126 -13.49 -24.61 26.82
C PHE N 126 -13.13 -25.90 26.10
N VAL N 127 -11.83 -26.13 25.90
CA VAL N 127 -11.33 -27.37 25.33
C VAL N 127 -10.25 -27.91 26.25
N ILE N 128 -10.13 -29.24 26.27
CA ILE N 128 -9.12 -29.92 27.08
C ILE N 128 -8.55 -31.06 26.26
N GLN N 129 -7.23 -31.05 26.08
CA GLN N 129 -6.57 -32.05 25.24
C GLN N 129 -5.14 -32.33 25.74
N ALA O 23 -46.80 -11.52 13.84
CA ALA O 23 -45.84 -11.20 14.89
C ALA O 23 -44.74 -10.28 14.36
N SER O 24 -43.74 -10.02 15.19
CA SER O 24 -42.63 -9.16 14.82
C SER O 24 -41.82 -9.79 13.69
N PRO O 25 -41.12 -8.98 12.90
CA PRO O 25 -40.32 -9.54 11.81
C PRO O 25 -39.16 -10.39 12.32
N ILE O 26 -38.65 -11.23 11.44
CA ILE O 26 -37.60 -12.18 11.77
C ILE O 26 -36.25 -11.56 11.45
N ALA O 27 -35.28 -11.77 12.34
CA ALA O 27 -33.91 -11.33 12.12
C ALA O 27 -32.96 -12.42 12.63
N TYR O 28 -31.73 -12.40 12.12
CA TYR O 28 -30.73 -13.40 12.45
C TYR O 28 -29.50 -12.72 13.04
N VAL O 29 -29.15 -13.10 14.26
CA VAL O 29 -27.97 -12.58 14.94
C VAL O 29 -26.86 -13.62 14.81
N ASN O 30 -25.83 -13.29 14.04
CA ASN O 30 -24.75 -14.22 13.80
C ASN O 30 -23.85 -14.35 15.03
N LEU O 31 -23.33 -15.55 15.24
CA LEU O 31 -22.34 -15.82 16.28
C LEU O 31 -21.06 -16.27 15.61
N PRO O 32 -20.09 -15.37 15.41
CA PRO O 32 -18.89 -15.73 14.64
C PRO O 32 -17.99 -16.72 15.34
N GLN O 33 -18.07 -16.85 16.65
CA GLN O 33 -17.23 -17.80 17.39
C GLN O 33 -17.76 -19.21 17.14
N ALA O 34 -17.04 -19.98 16.31
CA ALA O 34 -17.36 -21.38 16.13
C ALA O 34 -17.07 -22.14 17.42
N PHE O 35 -18.02 -22.97 17.83
CA PHE O 35 -17.96 -23.64 19.13
C PHE O 35 -17.14 -24.92 18.98
N VAL O 36 -15.97 -24.94 19.62
CA VAL O 36 -15.09 -26.11 19.65
C VAL O 36 -15.06 -26.67 21.07
N PHE O 37 -15.34 -27.96 21.21
CA PHE O 37 -15.36 -28.61 22.50
C PHE O 37 -15.19 -30.11 22.29
N ASN O 38 -15.13 -30.85 23.40
CA ASN O 38 -14.89 -32.28 23.37
C ASN O 38 -16.03 -33.04 24.01
N VAL O 39 -16.29 -34.24 23.51
CA VAL O 39 -17.23 -35.19 24.10
C VAL O 39 -16.52 -36.53 24.27
N THR O 40 -16.90 -37.24 25.32
CA THR O 40 -16.19 -38.45 25.74
C THR O 40 -16.76 -39.66 24.99
N GLY O 41 -16.02 -40.12 23.98
CA GLY O 41 -16.37 -41.35 23.29
C GLY O 41 -15.86 -42.58 24.02
N ASP O 42 -16.25 -43.75 23.51
CA ASP O 42 -15.87 -44.99 24.18
C ASP O 42 -14.38 -45.29 24.03
N SER O 43 -13.78 -44.93 22.89
CA SER O 43 -12.38 -45.23 22.64
C SER O 43 -11.47 -44.03 22.80
N ARG O 44 -11.96 -42.82 22.53
CA ARG O 44 -11.13 -41.62 22.61
C ARG O 44 -12.04 -40.42 22.86
N ASP O 45 -11.45 -39.23 22.87
CA ASP O 45 -12.19 -37.98 22.97
C ASP O 45 -12.30 -37.37 21.57
N ARG O 46 -13.53 -37.22 21.10
CA ARG O 46 -13.80 -36.70 19.76
C ARG O 46 -14.11 -35.21 19.85
N LEU O 47 -13.51 -34.43 18.96
CA LEU O 47 -13.82 -33.01 18.88
C LEU O 47 -15.24 -32.80 18.37
N VAL O 48 -15.74 -31.58 18.56
CA VAL O 48 -17.02 -31.17 18.00
C VAL O 48 -16.89 -29.71 17.58
N GLN O 49 -17.32 -29.39 16.36
CA GLN O 49 -17.31 -28.02 15.86
C GLN O 49 -18.73 -27.67 15.41
N ILE O 50 -19.35 -26.73 16.12
CA ILE O 50 -20.71 -26.30 15.85
C ILE O 50 -20.68 -24.82 15.50
N LYS O 51 -21.15 -24.48 14.31
CA LYS O 51 -21.34 -23.10 13.89
C LYS O 51 -22.80 -22.74 14.08
N ALA O 52 -23.08 -21.80 14.97
CA ALA O 52 -24.44 -21.49 15.39
C ALA O 52 -24.79 -20.04 15.08
N GLN O 53 -26.09 -19.80 14.94
CA GLN O 53 -26.63 -18.45 14.77
C GLN O 53 -27.92 -18.35 15.58
N LEU O 54 -28.31 -17.11 15.87
CA LEU O 54 -29.49 -16.82 16.66
C LEU O 54 -30.59 -16.29 15.75
N MET O 55 -31.80 -16.83 15.93
CA MET O 55 -32.97 -16.42 15.17
C MET O 55 -33.92 -15.69 16.13
N VAL O 56 -33.93 -14.37 16.06
CA VAL O 56 -34.75 -13.55 16.94
C VAL O 56 -35.90 -12.96 16.15
N ARG O 57 -36.94 -12.56 16.88
CA ARG O 57 -38.13 -11.93 16.30
C ARG O 57 -38.35 -10.60 17.02
N GLY O 58 -38.13 -9.50 16.31
CA GLY O 58 -38.28 -8.19 16.91
C GLY O 58 -37.01 -7.37 16.84
N ALA O 59 -37.15 -6.08 16.49
CA ALA O 59 -35.98 -5.22 16.36
C ALA O 59 -35.30 -4.98 17.70
N GLU O 60 -36.06 -5.03 18.79
CA GLU O 60 -35.44 -4.85 20.11
C GLU O 60 -34.70 -6.12 20.54
N ASN O 61 -35.26 -7.29 20.24
CA ASN O 61 -34.59 -8.54 20.58
C ASN O 61 -33.25 -8.66 19.85
N GLU O 62 -33.16 -8.13 18.63
CA GLU O 62 -31.89 -8.16 17.90
C GLU O 62 -30.81 -7.40 18.65
N GLU O 63 -31.14 -6.20 19.14
CA GLU O 63 -30.18 -5.44 19.92
C GLU O 63 -29.78 -6.18 21.19
N LEU O 64 -30.76 -6.78 21.87
CA LEU O 64 -30.46 -7.53 23.09
C LEU O 64 -29.62 -8.77 22.77
N ALA O 65 -29.93 -9.47 21.69
CA ALA O 65 -29.18 -10.67 21.35
C ALA O 65 -27.74 -10.33 20.97
N ARG O 66 -27.52 -9.21 20.27
CA ARG O 66 -26.17 -8.81 19.93
C ARG O 66 -25.41 -8.33 21.15
N TYR O 67 -26.05 -7.54 22.00
CA TYR O 67 -25.36 -6.98 23.16
C TYR O 67 -25.04 -8.04 24.20
N HIS O 68 -25.87 -9.07 24.32
CA HIS O 68 -25.68 -10.13 25.30
C HIS O 68 -25.07 -11.39 24.70
N SER O 69 -24.31 -11.23 23.62
CA SER O 69 -23.63 -12.39 23.03
C SER O 69 -22.67 -13.08 23.99
N PRO O 70 -21.85 -12.38 24.79
CA PRO O 70 -21.00 -13.11 25.75
C PRO O 70 -21.78 -14.01 26.70
N LEU O 71 -22.95 -13.56 27.16
CA LEU O 71 -23.78 -14.42 28.01
C LEU O 71 -24.40 -15.54 27.18
N ILE O 72 -24.79 -15.25 25.94
CA ILE O 72 -25.39 -16.26 25.09
C ILE O 72 -24.37 -17.32 24.70
N GLU O 73 -23.16 -16.90 24.32
CA GLU O 73 -22.10 -17.86 24.03
C GLU O 73 -21.74 -18.69 25.26
N SER O 74 -21.92 -18.13 26.46
CA SER O 74 -21.66 -18.89 27.67
C SER O 74 -22.71 -19.97 27.87
N SER O 75 -23.99 -19.62 27.69
CA SER O 75 -25.07 -20.59 27.89
C SER O 75 -25.04 -21.71 26.86
N LEU O 76 -24.55 -21.42 25.64
CA LEU O 76 -24.48 -22.45 24.62
C LEU O 76 -23.40 -23.48 24.95
N LEU O 77 -22.22 -23.01 25.36
CA LEU O 77 -21.14 -23.93 25.69
C LEU O 77 -21.48 -24.78 26.92
N SER O 78 -22.20 -24.21 27.89
CA SER O 78 -22.63 -25.00 29.04
C SER O 78 -23.58 -26.12 28.63
N THR O 79 -24.30 -25.94 27.53
CA THR O 79 -25.19 -26.98 27.01
C THR O 79 -24.45 -27.94 26.08
N PHE O 80 -23.55 -27.42 25.25
CA PHE O 80 -22.82 -28.28 24.31
C PHE O 80 -21.89 -29.22 25.04
N ALA O 81 -21.10 -28.70 25.98
CA ALA O 81 -20.13 -29.51 26.72
C ALA O 81 -20.76 -30.47 27.70
N SER O 82 -22.10 -30.58 27.73
CA SER O 82 -22.78 -31.54 28.59
C SER O 82 -23.46 -32.66 27.82
N ALA O 83 -23.53 -32.58 26.50
CA ALA O 83 -24.17 -33.60 25.69
C ALA O 83 -23.22 -34.77 25.43
N THR O 84 -23.81 -35.93 25.15
CA THR O 84 -23.04 -37.14 24.94
C THR O 84 -22.80 -37.35 23.44
N VAL O 85 -22.07 -38.43 23.12
CA VAL O 85 -21.72 -38.70 21.73
C VAL O 85 -22.88 -39.33 20.99
N ASP O 86 -23.65 -40.21 21.66
CA ASP O 86 -24.80 -40.83 21.01
C ASP O 86 -25.91 -39.82 20.72
N GLN O 87 -25.88 -38.65 21.35
CA GLN O 87 -26.81 -37.58 21.03
C GLN O 87 -26.33 -36.71 19.89
N LEU O 88 -25.02 -36.45 19.82
CA LEU O 88 -24.49 -35.61 18.76
C LEU O 88 -24.48 -36.32 17.42
N ARG O 89 -24.39 -37.64 17.42
CA ARG O 89 -24.44 -38.42 16.18
C ARG O 89 -25.84 -38.84 15.80
N SER O 90 -26.83 -38.64 16.67
CA SER O 90 -28.21 -38.99 16.37
C SER O 90 -28.90 -37.82 15.68
N PRO O 91 -29.47 -38.02 14.49
CA PRO O 91 -30.25 -36.91 13.88
C PRO O 91 -31.37 -36.41 14.76
N THR O 92 -32.14 -37.32 15.38
CA THR O 92 -33.16 -36.88 16.32
C THR O 92 -32.54 -36.36 17.61
N GLY O 93 -31.38 -36.88 17.99
CA GLY O 93 -30.71 -36.37 19.18
C GLY O 93 -30.19 -34.96 19.02
N ARG O 94 -29.82 -34.58 17.80
CA ARG O 94 -29.39 -33.21 17.55
C ARG O 94 -30.56 -32.24 17.56
N VAL O 95 -31.75 -32.69 17.14
CA VAL O 95 -32.92 -31.83 17.13
C VAL O 95 -33.29 -31.42 18.55
N GLU O 96 -33.26 -32.37 19.49
CA GLU O 96 -33.57 -32.05 20.87
C GLU O 96 -32.41 -31.34 21.57
N LEU O 97 -31.20 -31.41 21.01
CA LEU O 97 -30.10 -30.58 21.51
C LEU O 97 -30.29 -29.13 21.09
N ARG O 98 -30.69 -28.90 19.85
CA ARG O 98 -31.01 -27.55 19.39
C ARG O 98 -32.15 -26.95 20.18
N ASP O 99 -33.17 -27.75 20.50
CA ASP O 99 -34.31 -27.25 21.26
C ASP O 99 -33.98 -27.09 22.74
N ARG O 100 -33.02 -27.86 23.26
CA ARG O 100 -32.62 -27.69 24.65
C ARG O 100 -31.68 -26.51 24.81
N ALA O 101 -30.76 -26.32 23.87
CA ALA O 101 -29.87 -25.16 23.92
C ALA O 101 -30.65 -23.86 23.72
N SER O 102 -31.76 -23.90 23.00
CA SER O 102 -32.60 -22.72 22.84
C SER O 102 -33.27 -22.34 24.16
N GLU O 103 -33.86 -23.33 24.84
CA GLU O 103 -34.52 -23.05 26.12
C GLU O 103 -33.50 -22.68 27.20
N ASP O 104 -32.25 -23.12 27.05
CA ASP O 104 -31.23 -22.74 28.01
C ASP O 104 -30.88 -21.26 27.92
N ILE O 105 -30.87 -20.72 26.70
CA ILE O 105 -30.59 -19.30 26.52
C ILE O 105 -31.74 -18.46 27.06
N LYS O 106 -32.98 -18.85 26.76
CA LYS O 106 -34.13 -18.12 27.25
C LYS O 106 -34.18 -18.10 28.76
N ALA O 107 -33.79 -19.21 29.40
CA ALA O 107 -33.76 -19.27 30.86
C ALA O 107 -32.69 -18.35 31.42
N ALA O 108 -31.53 -18.29 30.76
CA ALA O 108 -30.44 -17.44 31.25
C ALA O 108 -30.76 -15.97 31.05
N LEU O 109 -31.31 -15.61 29.88
CA LEU O 109 -31.61 -14.21 29.61
C LEU O 109 -32.81 -13.72 30.41
N ASN O 110 -33.77 -14.61 30.70
CA ASN O 110 -34.86 -14.24 31.61
C ASN O 110 -34.34 -13.91 33.00
N ALA O 111 -33.27 -14.59 33.43
CA ALA O 111 -32.71 -14.34 34.75
C ALA O 111 -31.84 -13.08 34.79
N ALA O 112 -31.35 -12.61 33.64
CA ALA O 112 -30.47 -11.46 33.59
C ALA O 112 -31.17 -10.18 33.19
N VAL O 113 -31.99 -10.22 32.14
CA VAL O 113 -32.67 -9.03 31.63
C VAL O 113 -34.19 -9.18 31.65
N GLY O 114 -34.71 -10.31 32.10
CA GLY O 114 -36.15 -10.47 32.17
C GLY O 114 -36.85 -10.63 30.85
N LYS O 115 -36.16 -11.13 29.83
CA LYS O 115 -36.74 -11.35 28.52
C LYS O 115 -36.20 -12.64 27.91
N PRO O 116 -37.04 -13.44 27.25
CA PRO O 116 -36.57 -14.59 26.46
C PRO O 116 -36.20 -14.14 25.05
N VAL O 117 -35.03 -13.49 24.96
CA VAL O 117 -34.70 -12.67 23.79
C VAL O 117 -34.78 -13.49 22.50
N ILE O 118 -34.11 -14.64 22.47
CA ILE O 118 -34.06 -15.43 21.25
C ILE O 118 -35.34 -16.26 21.11
N GLU O 119 -35.55 -16.76 19.90
CA GLU O 119 -36.65 -17.68 19.61
C GLU O 119 -36.19 -19.12 19.46
N LYS O 120 -35.05 -19.33 18.80
CA LYS O 120 -34.44 -20.64 18.67
C LYS O 120 -33.02 -20.47 18.12
N VAL O 121 -32.19 -21.47 18.36
CA VAL O 121 -30.82 -21.48 17.86
C VAL O 121 -30.80 -22.25 16.55
N LEU O 122 -29.89 -21.86 15.65
CA LEU O 122 -29.74 -22.48 14.35
C LEU O 122 -28.31 -22.99 14.18
N PHE O 123 -28.18 -24.26 13.83
CA PHE O 123 -26.88 -24.85 13.52
C PHE O 123 -26.68 -24.81 12.00
N THR O 124 -25.64 -24.10 11.56
CA THR O 124 -25.32 -23.98 10.14
C THR O 124 -24.27 -24.99 9.69
N ASP O 125 -23.28 -25.29 10.51
CA ASP O 125 -22.29 -26.31 10.20
C ASP O 125 -22.01 -27.13 11.45
N PHE O 126 -21.89 -28.44 11.27
CA PHE O 126 -21.81 -29.38 12.39
C PHE O 126 -20.94 -30.55 11.96
N VAL O 127 -19.67 -30.53 12.38
CA VAL O 127 -18.75 -31.64 12.14
C VAL O 127 -18.31 -32.19 13.48
N ILE O 128 -17.98 -33.48 13.50
CA ILE O 128 -17.53 -34.17 14.70
C ILE O 128 -16.12 -34.72 14.55
N GLN O 129 -15.81 -35.33 13.42
CA GLN O 129 -14.45 -35.79 13.13
C GLN O 129 -13.89 -36.72 14.22
N ASP P 22 -44.07 -18.55 -18.07
CA ASP P 22 -44.57 -17.21 -17.75
C ASP P 22 -44.79 -17.05 -16.25
N ALA P 23 -44.33 -18.03 -15.47
CA ALA P 23 -44.47 -17.95 -14.02
C ALA P 23 -43.69 -16.77 -13.46
N SER P 24 -42.35 -16.81 -13.59
CA SER P 24 -41.45 -15.77 -13.12
C SER P 24 -40.05 -16.05 -13.63
N PRO P 25 -39.21 -15.03 -13.78
CA PRO P 25 -37.84 -15.26 -14.25
C PRO P 25 -37.02 -16.01 -13.20
N ILE P 26 -36.15 -16.89 -13.68
CA ILE P 26 -35.33 -17.69 -12.79
C ILE P 26 -34.21 -16.83 -12.20
N ALA P 27 -33.90 -17.06 -10.92
CA ALA P 27 -32.80 -16.38 -10.27
C ALA P 27 -32.09 -17.38 -9.36
N TYR P 28 -30.78 -17.21 -9.22
CA TYR P 28 -29.95 -18.11 -8.44
C TYR P 28 -29.38 -17.38 -7.22
N VAL P 29 -29.60 -17.96 -6.05
CA VAL P 29 -29.08 -17.44 -4.80
C VAL P 29 -27.94 -18.35 -4.36
N ASN P 30 -26.74 -17.78 -4.26
CA ASN P 30 -25.56 -18.56 -3.92
C ASN P 30 -25.45 -18.77 -2.41
N LEU P 31 -25.18 -20.00 -2.01
CA LEU P 31 -24.81 -20.30 -0.63
C LEU P 31 -23.30 -20.52 -0.61
N PRO P 32 -22.51 -19.47 -0.41
CA PRO P 32 -21.07 -19.56 -0.65
C PRO P 32 -20.33 -20.43 0.35
N GLN P 33 -20.92 -20.72 1.52
CA GLN P 33 -20.27 -21.54 2.52
C GLN P 33 -20.58 -23.01 2.23
N ALA P 34 -19.54 -23.78 1.93
CA ALA P 34 -19.72 -25.20 1.63
C ALA P 34 -20.17 -25.95 2.87
N PHE P 35 -20.86 -27.08 2.66
CA PHE P 35 -21.40 -27.89 3.74
C PHE P 35 -20.48 -29.08 3.97
N VAL P 36 -19.93 -29.16 5.17
CA VAL P 36 -19.02 -30.24 5.56
C VAL P 36 -19.68 -31.02 6.69
N PHE P 37 -19.69 -32.35 6.56
CA PHE P 37 -20.30 -33.22 7.56
C PHE P 37 -19.79 -34.63 7.38
N ASN P 38 -19.97 -35.44 8.42
CA ASN P 38 -19.53 -36.82 8.44
C ASN P 38 -20.72 -37.76 8.30
N VAL P 39 -20.46 -38.94 7.75
CA VAL P 39 -21.44 -40.02 7.68
C VAL P 39 -20.75 -41.32 8.07
N THR P 40 -21.46 -42.17 8.81
CA THR P 40 -20.87 -43.39 9.36
C THR P 40 -20.88 -44.47 8.28
N GLY P 41 -19.71 -44.73 7.69
CA GLY P 41 -19.55 -45.84 6.78
C GLY P 41 -19.29 -47.14 7.51
N ASP P 42 -19.34 -48.24 6.76
CA ASP P 42 -19.14 -49.55 7.38
C ASP P 42 -17.72 -49.74 7.89
N SER P 43 -16.77 -48.94 7.42
CA SER P 43 -15.38 -49.04 7.83
C SER P 43 -14.89 -47.83 8.61
N ARG P 44 -15.21 -46.62 8.12
CA ARG P 44 -14.71 -45.40 8.75
C ARG P 44 -15.83 -44.38 8.89
N ASP P 45 -15.47 -43.14 9.23
CA ASP P 45 -16.40 -42.01 9.27
C ASP P 45 -16.04 -41.11 8.09
N ARG P 46 -16.65 -41.37 6.94
CA ARG P 46 -16.30 -40.68 5.71
C ARG P 46 -16.85 -39.25 5.73
N LEU P 47 -16.02 -38.31 5.31
CA LEU P 47 -16.37 -36.89 5.34
C LEU P 47 -16.94 -36.47 3.99
N VAL P 48 -18.07 -35.75 4.02
CA VAL P 48 -18.74 -35.27 2.82
C VAL P 48 -18.57 -33.76 2.75
N GLN P 49 -18.56 -33.25 1.52
CA GLN P 49 -18.37 -31.82 1.26
C GLN P 49 -19.28 -31.42 0.11
N ILE P 50 -20.27 -30.59 0.40
CA ILE P 50 -21.29 -30.18 -0.59
C ILE P 50 -21.30 -28.67 -0.69
N LYS P 51 -21.24 -28.17 -1.93
CA LYS P 51 -21.40 -26.75 -2.23
C LYS P 51 -22.71 -26.59 -2.99
N ALA P 52 -23.66 -25.86 -2.39
CA ALA P 52 -25.02 -25.79 -2.91
C ALA P 52 -25.40 -24.36 -3.27
N GLN P 53 -26.39 -24.25 -4.15
CA GLN P 53 -27.01 -23.00 -4.52
C GLN P 53 -28.52 -23.18 -4.55
N LEU P 54 -29.24 -22.08 -4.69
CA LEU P 54 -30.70 -22.08 -4.70
C LEU P 54 -31.22 -21.53 -6.01
N MET P 55 -32.26 -22.16 -6.55
CA MET P 55 -32.97 -21.67 -7.73
C MET P 55 -34.33 -21.17 -7.30
N VAL P 56 -34.59 -19.88 -7.52
CA VAL P 56 -35.86 -19.27 -7.18
C VAL P 56 -36.45 -18.60 -8.42
N ARG P 57 -37.75 -18.35 -8.37
CA ARG P 57 -38.45 -17.67 -9.45
C ARG P 57 -39.21 -16.48 -8.87
N GLY P 58 -38.92 -15.30 -9.37
CA GLY P 58 -39.51 -14.07 -8.85
C GLY P 58 -38.49 -13.27 -8.06
N ALA P 59 -38.65 -11.95 -8.11
CA ALA P 59 -37.71 -11.07 -7.43
C ALA P 59 -37.91 -11.06 -5.93
N GLU P 60 -39.12 -11.33 -5.44
CA GLU P 60 -39.34 -11.38 -4.01
C GLU P 60 -38.76 -12.66 -3.40
N ASN P 61 -38.91 -13.79 -4.09
CA ASN P 61 -38.33 -15.03 -3.59
C ASN P 61 -36.81 -14.96 -3.57
N GLU P 62 -36.21 -14.25 -4.54
CA GLU P 62 -34.77 -14.00 -4.48
C GLU P 62 -34.42 -13.13 -3.28
N GLU P 63 -35.30 -12.20 -2.92
CA GLU P 63 -35.03 -11.33 -1.78
C GLU P 63 -35.20 -12.10 -0.46
N LEU P 64 -36.21 -12.96 -0.38
CA LEU P 64 -36.45 -13.72 0.85
C LEU P 64 -35.38 -14.79 1.07
N ALA P 65 -34.99 -15.49 -0.01
CA ALA P 65 -33.99 -16.55 0.15
C ALA P 65 -32.65 -16.01 0.61
N ARG P 66 -32.30 -14.79 0.20
CA ARG P 66 -31.05 -14.19 0.68
C ARG P 66 -31.14 -13.77 2.14
N TYR P 67 -32.28 -13.19 2.53
CA TYR P 67 -32.41 -12.71 3.91
C TYR P 67 -32.50 -13.87 4.89
N HIS P 68 -33.19 -14.95 4.52
CA HIS P 68 -33.38 -16.11 5.39
C HIS P 68 -32.36 -17.21 5.11
N SER P 69 -31.19 -16.85 4.62
CA SER P 69 -30.16 -17.85 4.38
C SER P 69 -29.66 -18.55 5.64
N PRO P 70 -29.56 -17.91 6.82
CA PRO P 70 -29.20 -18.69 8.02
C PRO P 70 -30.20 -19.78 8.34
N LEU P 71 -31.47 -19.60 8.00
CA LEU P 71 -32.47 -20.64 8.21
C LEU P 71 -32.38 -21.70 7.11
N ILE P 72 -32.10 -21.30 5.88
CA ILE P 72 -32.01 -22.25 4.78
C ILE P 72 -30.77 -23.12 4.93
N GLU P 73 -29.65 -22.54 5.39
CA GLU P 73 -28.46 -23.33 5.65
C GLU P 73 -28.69 -24.33 6.78
N SER P 74 -29.60 -24.02 7.71
CA SER P 74 -29.92 -24.95 8.78
C SER P 74 -30.74 -26.13 8.26
N SER P 75 -31.72 -25.85 7.40
CA SER P 75 -32.57 -26.91 6.86
C SER P 75 -31.81 -27.87 5.94
N LEU P 76 -30.67 -27.44 5.39
CA LEU P 76 -29.86 -28.34 4.59
C LEU P 76 -28.99 -29.23 5.46
N LEU P 77 -28.41 -28.67 6.53
CA LEU P 77 -27.57 -29.46 7.43
C LEU P 77 -28.38 -30.53 8.12
N SER P 78 -29.60 -30.20 8.55
CA SER P 78 -30.47 -31.20 9.17
C SER P 78 -30.83 -32.30 8.19
N THR P 79 -31.01 -31.94 6.92
CA THR P 79 -31.34 -32.93 5.90
C THR P 79 -30.12 -33.75 5.48
N PHE P 80 -28.98 -33.09 5.27
CA PHE P 80 -27.78 -33.79 4.83
C PHE P 80 -27.30 -34.77 5.89
N ALA P 81 -27.34 -34.37 7.17
CA ALA P 81 -26.84 -35.22 8.23
C ALA P 81 -27.68 -36.50 8.41
N SER P 82 -28.92 -36.49 7.95
CA SER P 82 -29.77 -37.68 8.05
C SER P 82 -29.54 -38.67 6.91
N ALA P 83 -28.83 -38.26 5.86
CA ALA P 83 -28.61 -39.13 4.71
C ALA P 83 -27.55 -40.18 5.02
N THR P 84 -27.73 -41.37 4.46
CA THR P 84 -26.82 -42.48 4.68
C THR P 84 -25.59 -42.33 3.79
N VAL P 85 -24.72 -43.33 3.79
CA VAL P 85 -23.54 -43.33 2.93
C VAL P 85 -23.88 -43.90 1.56
N ASP P 86 -24.62 -45.01 1.51
CA ASP P 86 -25.03 -45.58 0.24
C ASP P 86 -26.02 -44.69 -0.51
N GLN P 87 -26.76 -43.84 0.20
CA GLN P 87 -27.64 -42.89 -0.48
C GLN P 87 -26.86 -41.80 -1.20
N LEU P 88 -25.62 -41.55 -0.80
CA LEU P 88 -24.80 -40.51 -1.42
C LEU P 88 -24.05 -41.02 -2.64
N ARG P 89 -23.56 -42.27 -2.60
CA ARG P 89 -22.81 -42.80 -3.73
C ARG P 89 -23.72 -43.14 -4.90
N SER P 90 -24.95 -43.55 -4.64
CA SER P 90 -25.88 -43.87 -5.70
C SER P 90 -26.41 -42.58 -6.33
N PRO P 91 -26.21 -42.37 -7.64
CA PRO P 91 -26.76 -41.16 -8.27
C PRO P 91 -28.28 -41.06 -8.17
N THR P 92 -28.98 -42.19 -8.20
CA THR P 92 -30.42 -42.16 -8.00
C THR P 92 -30.78 -41.72 -6.59
N GLY P 93 -29.87 -41.93 -5.62
CA GLY P 93 -30.13 -41.48 -4.27
C GLY P 93 -29.84 -40.01 -4.05
N ARG P 94 -28.89 -39.45 -4.81
CA ARG P 94 -28.61 -38.02 -4.68
C ARG P 94 -29.74 -37.19 -5.25
N VAL P 95 -30.36 -37.65 -6.34
CA VAL P 95 -31.54 -36.97 -6.87
C VAL P 95 -32.68 -37.04 -5.85
N GLU P 96 -32.76 -38.14 -5.11
CA GLU P 96 -33.73 -38.22 -4.02
C GLU P 96 -33.36 -37.30 -2.87
N LEU P 97 -32.05 -37.23 -2.55
CA LEU P 97 -31.60 -36.30 -1.51
C LEU P 97 -31.79 -34.85 -1.94
N ARG P 98 -31.62 -34.55 -3.22
CA ARG P 98 -31.80 -33.19 -3.71
C ARG P 98 -33.27 -32.76 -3.60
N ASP P 99 -34.18 -33.58 -4.13
CA ASP P 99 -35.60 -33.26 -4.05
C ASP P 99 -36.14 -33.34 -2.63
N ARG P 100 -35.44 -34.03 -1.72
CA ARG P 100 -35.87 -34.07 -0.33
C ARG P 100 -35.41 -32.82 0.42
N ALA P 101 -34.18 -32.39 0.18
CA ALA P 101 -33.67 -31.18 0.83
C ALA P 101 -34.46 -29.95 0.40
N SER P 102 -35.08 -29.98 -0.78
CA SER P 102 -35.88 -28.86 -1.23
C SER P 102 -37.19 -28.77 -0.46
N GLU P 103 -37.84 -29.92 -0.24
CA GLU P 103 -39.11 -29.92 0.49
C GLU P 103 -38.91 -29.58 1.96
N ASP P 104 -37.77 -29.94 2.54
CA ASP P 104 -37.51 -29.59 3.93
C ASP P 104 -37.33 -28.08 4.09
N ILE P 105 -36.84 -27.40 3.06
CA ILE P 105 -36.74 -25.94 3.12
C ILE P 105 -38.11 -25.30 2.95
N LYS P 106 -38.90 -25.81 2.01
CA LYS P 106 -40.24 -25.25 1.79
C LYS P 106 -41.11 -25.39 3.03
N ALA P 107 -41.02 -26.53 3.71
CA ALA P 107 -41.77 -26.70 4.95
C ALA P 107 -41.25 -25.79 6.06
N ALA P 108 -39.95 -25.50 6.05
CA ALA P 108 -39.39 -24.62 7.07
C ALA P 108 -39.82 -23.18 6.85
N LEU P 109 -39.86 -22.73 5.59
CA LEU P 109 -40.22 -21.35 5.31
C LEU P 109 -41.73 -21.13 5.31
N ASN P 110 -42.51 -22.16 4.98
CA ASN P 110 -43.96 -22.06 5.14
C ASN P 110 -44.34 -21.84 6.60
N ALA P 111 -43.57 -22.40 7.53
CA ALA P 111 -43.81 -22.16 8.95
C ALA P 111 -43.15 -20.88 9.44
N ALA P 112 -42.10 -20.42 8.76
CA ALA P 112 -41.38 -19.23 9.18
C ALA P 112 -41.97 -17.95 8.57
N VAL P 113 -42.15 -17.93 7.26
CA VAL P 113 -42.67 -16.75 6.57
C VAL P 113 -43.97 -17.02 5.82
N GLY P 114 -44.28 -18.27 5.49
CA GLY P 114 -45.53 -18.60 4.83
C GLY P 114 -45.42 -18.86 3.34
N LYS P 115 -44.22 -18.85 2.77
CA LYS P 115 -44.04 -19.08 1.35
C LYS P 115 -43.04 -20.18 1.09
N PRO P 116 -43.32 -21.09 0.16
CA PRO P 116 -42.27 -21.98 -0.35
C PRO P 116 -41.33 -21.21 -1.25
N VAL P 117 -40.37 -20.50 -0.64
CA VAL P 117 -39.60 -19.49 -1.35
C VAL P 117 -38.83 -20.10 -2.52
N ILE P 118 -38.00 -21.11 -2.23
CA ILE P 118 -37.15 -21.69 -3.26
C ILE P 118 -37.96 -22.57 -4.19
N GLU P 119 -37.38 -22.93 -5.33
CA GLU P 119 -37.97 -23.90 -6.24
C GLU P 119 -37.31 -25.27 -6.13
N LYS P 120 -35.98 -25.31 -6.13
CA LYS P 120 -35.23 -26.53 -5.85
C LYS P 120 -33.79 -26.16 -5.55
N VAL P 121 -33.08 -27.09 -4.91
CA VAL P 121 -31.69 -26.88 -4.53
C VAL P 121 -30.79 -27.43 -5.62
N LEU P 122 -29.64 -26.78 -5.81
CA LEU P 122 -28.67 -27.17 -6.82
C LEU P 122 -27.37 -27.60 -6.15
N PHE P 123 -26.71 -28.60 -6.73
CA PHE P 123 -25.43 -29.09 -6.26
C PHE P 123 -24.37 -28.81 -7.33
N THR P 124 -23.38 -27.98 -7.00
CA THR P 124 -22.29 -27.67 -7.90
C THR P 124 -21.01 -28.42 -7.57
N ASP P 125 -20.91 -29.00 -6.38
CA ASP P 125 -19.72 -29.76 -5.99
C ASP P 125 -20.13 -30.81 -4.98
N PHE P 126 -19.58 -32.01 -5.12
CA PHE P 126 -19.95 -33.13 -4.27
C PHE P 126 -18.80 -34.12 -4.23
N VAL P 127 -18.10 -34.18 -3.09
CA VAL P 127 -17.00 -35.12 -2.90
C VAL P 127 -17.22 -35.85 -1.57
N ILE P 128 -16.60 -37.03 -1.47
CA ILE P 128 -16.62 -37.83 -0.25
C ILE P 128 -15.19 -38.25 0.08
N GLN P 129 -14.84 -38.18 1.36
CA GLN P 129 -13.52 -38.59 1.81
C GLN P 129 -13.60 -39.42 3.09
N ALA Q 23 -25.02 -19.97 -39.04
CA ALA Q 23 -24.05 -18.94 -39.40
C ALA Q 23 -23.96 -17.87 -38.31
N SER Q 24 -24.16 -18.29 -37.07
CA SER Q 24 -24.09 -17.40 -35.92
C SER Q 24 -22.70 -17.45 -35.30
N PRO Q 25 -22.19 -16.31 -34.82
CA PRO Q 25 -20.82 -16.28 -34.28
C PRO Q 25 -20.67 -17.18 -33.06
N ILE Q 26 -19.50 -17.81 -32.96
CA ILE Q 26 -19.18 -18.74 -31.88
C ILE Q 26 -18.63 -17.96 -30.69
N ALA Q 27 -19.08 -18.33 -29.48
CA ALA Q 27 -18.59 -17.71 -28.26
C ALA Q 27 -18.34 -18.81 -27.23
N TYR Q 28 -17.36 -18.56 -26.36
CA TYR Q 28 -16.98 -19.52 -25.33
C TYR Q 28 -17.28 -18.93 -23.95
N VAL Q 29 -18.09 -19.65 -23.18
CA VAL Q 29 -18.42 -19.27 -21.80
C VAL Q 29 -17.63 -20.16 -20.87
N ASN Q 30 -16.73 -19.56 -20.10
CA ASN Q 30 -15.85 -20.31 -19.23
C ASN Q 30 -16.53 -20.60 -17.89
N LEU Q 31 -16.28 -21.79 -17.34
CA LEU Q 31 -16.72 -22.17 -16.01
C LEU Q 31 -15.49 -22.27 -15.12
N PRO Q 32 -15.21 -21.27 -14.28
CA PRO Q 32 -13.89 -21.23 -13.63
C PRO Q 32 -13.65 -22.34 -12.63
N GLN Q 33 -14.63 -22.64 -11.77
CA GLN Q 33 -14.44 -23.66 -10.75
C GLN Q 33 -14.37 -25.04 -11.39
N ALA Q 34 -13.22 -25.69 -11.29
CA ALA Q 34 -13.06 -27.04 -11.84
C ALA Q 34 -13.93 -28.02 -11.07
N PHE Q 35 -14.37 -29.06 -11.77
CA PHE Q 35 -15.25 -30.07 -11.20
C PHE Q 35 -14.41 -31.15 -10.51
N VAL Q 36 -14.53 -31.25 -9.20
CA VAL Q 36 -13.87 -32.29 -8.41
C VAL Q 36 -14.94 -33.24 -7.90
N PHE Q 37 -14.82 -34.51 -8.26
CA PHE Q 37 -15.78 -35.52 -7.84
C PHE Q 37 -15.06 -36.86 -7.70
N ASN Q 38 -15.79 -37.86 -7.21
CA ASN Q 38 -15.23 -39.16 -6.91
C ASN Q 38 -15.98 -40.25 -7.68
N VAL Q 39 -15.22 -41.24 -8.16
CA VAL Q 39 -15.79 -42.43 -8.77
C VAL Q 39 -15.17 -43.65 -8.10
N THR Q 40 -15.97 -44.70 -7.96
CA THR Q 40 -15.54 -45.91 -7.25
C THR Q 40 -14.83 -46.84 -8.23
N GLY Q 41 -13.58 -47.17 -7.92
CA GLY Q 41 -12.78 -48.07 -8.72
C GLY Q 41 -12.63 -49.44 -8.07
N ASP Q 42 -11.85 -50.28 -8.75
CA ASP Q 42 -11.64 -51.65 -8.26
C ASP Q 42 -10.83 -51.66 -6.97
N SER Q 43 -9.79 -50.84 -6.89
CA SER Q 43 -8.90 -50.86 -5.73
C SER Q 43 -9.30 -49.82 -4.67
N ARG Q 44 -9.81 -48.67 -5.09
CA ARG Q 44 -10.13 -47.58 -4.18
C ARG Q 44 -11.04 -46.59 -4.91
N ASP Q 45 -11.31 -45.47 -4.27
CA ASP Q 45 -11.96 -44.34 -4.93
C ASP Q 45 -10.92 -43.49 -5.64
N ARG Q 46 -11.33 -42.88 -6.75
CA ARG Q 46 -10.44 -42.08 -7.58
C ARG Q 46 -11.02 -40.68 -7.72
N LEU Q 47 -10.19 -39.67 -7.40
CA LEU Q 47 -10.60 -38.27 -7.46
C LEU Q 47 -10.39 -37.75 -8.88
N VAL Q 48 -11.49 -37.50 -9.58
CA VAL Q 48 -11.45 -36.99 -10.95
C VAL Q 48 -11.62 -35.48 -10.91
N GLN Q 49 -10.79 -34.78 -11.68
CA GLN Q 49 -10.79 -33.31 -11.71
C GLN Q 49 -10.93 -32.88 -13.17
N ILE Q 50 -12.07 -32.29 -13.51
CA ILE Q 50 -12.38 -31.88 -14.87
C ILE Q 50 -12.61 -30.37 -14.88
N LYS Q 51 -11.96 -29.69 -15.81
CA LYS Q 51 -12.16 -28.27 -16.06
C LYS Q 51 -12.84 -28.13 -17.42
N ALA Q 52 -13.99 -27.46 -17.44
CA ALA Q 52 -14.84 -27.43 -18.63
C ALA Q 52 -15.15 -26.00 -19.05
N GLN Q 53 -15.41 -25.83 -20.33
CA GLN Q 53 -15.88 -24.58 -20.92
C GLN Q 53 -17.09 -24.87 -21.79
N LEU Q 54 -17.86 -23.82 -22.06
CA LEU Q 54 -19.10 -23.93 -22.83
C LEU Q 54 -18.92 -23.26 -24.18
N MET Q 55 -19.32 -23.96 -25.24
CA MET Q 55 -19.26 -23.44 -26.61
C MET Q 55 -20.69 -23.17 -27.09
N VAL Q 56 -20.97 -21.91 -27.39
CA VAL Q 56 -22.30 -21.47 -27.82
C VAL Q 56 -22.17 -20.68 -29.11
N ARG Q 57 -23.32 -20.49 -29.77
CA ARG Q 57 -23.41 -19.67 -30.98
C ARG Q 57 -24.51 -18.65 -30.79
N GLY Q 58 -24.17 -17.38 -30.93
CA GLY Q 58 -25.15 -16.31 -30.80
C GLY Q 58 -24.96 -15.55 -29.51
N ALA Q 59 -25.08 -14.21 -29.60
CA ALA Q 59 -24.93 -13.38 -28.40
C ALA Q 59 -26.05 -13.64 -27.41
N GLU Q 60 -27.23 -14.04 -27.88
CA GLU Q 60 -28.33 -14.34 -26.98
C GLU Q 60 -28.05 -15.59 -26.17
N ASN Q 61 -27.58 -16.66 -26.83
CA ASN Q 61 -27.27 -17.89 -26.11
C ASN Q 61 -26.08 -17.73 -25.18
N GLU Q 62 -25.13 -16.86 -25.51
CA GLU Q 62 -24.03 -16.58 -24.60
C GLU Q 62 -24.54 -15.94 -23.31
N GLU Q 63 -25.56 -15.08 -23.42
CA GLU Q 63 -26.12 -14.44 -22.24
C GLU Q 63 -26.77 -15.46 -21.31
N LEU Q 64 -27.58 -16.36 -21.87
CA LEU Q 64 -28.28 -17.34 -21.05
C LEU Q 64 -27.31 -18.36 -20.45
N ALA Q 65 -26.24 -18.71 -21.18
CA ALA Q 65 -25.27 -19.67 -20.64
C ALA Q 65 -24.56 -19.14 -19.41
N ARG Q 66 -24.31 -17.83 -19.36
CA ARG Q 66 -23.67 -17.24 -18.19
C ARG Q 66 -24.65 -17.11 -17.03
N TYR Q 67 -25.86 -16.64 -17.31
CA TYR Q 67 -26.84 -16.42 -16.25
C TYR Q 67 -27.27 -17.74 -15.61
N HIS Q 68 -27.42 -18.79 -16.42
CA HIS Q 68 -27.85 -20.09 -15.95
C HIS Q 68 -26.68 -21.05 -15.70
N SER Q 69 -25.50 -20.50 -15.41
CA SER Q 69 -24.32 -21.33 -15.16
C SER Q 69 -24.43 -22.14 -13.87
N PRO Q 70 -25.10 -21.66 -12.81
CA PRO Q 70 -25.34 -22.55 -11.66
C PRO Q 70 -26.14 -23.79 -12.03
N LEU Q 71 -27.11 -23.66 -12.95
CA LEU Q 71 -27.83 -24.83 -13.42
C LEU Q 71 -26.97 -25.69 -14.33
N ILE Q 72 -26.10 -25.06 -15.12
CA ILE Q 72 -25.24 -25.82 -16.03
C ILE Q 72 -24.15 -26.55 -15.24
N GLU Q 73 -23.58 -25.89 -14.22
CA GLU Q 73 -22.65 -26.58 -13.34
C GLU Q 73 -23.30 -27.74 -12.60
N SER Q 74 -24.63 -27.70 -12.44
CA SER Q 74 -25.33 -28.80 -11.77
C SER Q 74 -25.53 -29.98 -12.70
N SER Q 75 -25.98 -29.72 -13.93
CA SER Q 75 -26.22 -30.81 -14.88
C SER Q 75 -24.93 -31.52 -15.26
N LEU Q 76 -23.79 -30.82 -15.21
CA LEU Q 76 -22.52 -31.46 -15.48
C LEU Q 76 -22.12 -32.42 -14.37
N LEU Q 77 -22.23 -31.96 -13.12
CA LEU Q 77 -21.92 -32.85 -11.99
C LEU Q 77 -22.92 -33.99 -11.89
N SER Q 78 -24.20 -33.72 -12.19
CA SER Q 78 -25.19 -34.79 -12.21
C SER Q 78 -24.89 -35.81 -13.30
N THR Q 79 -24.05 -35.46 -14.28
CA THR Q 79 -23.60 -36.39 -15.30
C THR Q 79 -22.23 -36.96 -15.01
N PHE Q 80 -21.28 -36.14 -14.53
CA PHE Q 80 -19.94 -36.62 -14.24
C PHE Q 80 -19.96 -37.64 -13.11
N ALA Q 81 -20.60 -37.32 -11.99
CA ALA Q 81 -20.64 -38.21 -10.85
C ALA Q 81 -21.38 -39.51 -11.11
N SER Q 82 -22.05 -39.63 -12.26
CA SER Q 82 -22.76 -40.84 -12.65
C SER Q 82 -22.02 -41.61 -13.74
N ALA Q 83 -20.70 -41.46 -13.81
CA ALA Q 83 -19.87 -42.13 -14.79
C ALA Q 83 -18.95 -43.13 -14.12
N THR Q 84 -18.44 -44.07 -14.92
CA THR Q 84 -17.60 -45.14 -14.42
C THR Q 84 -16.13 -44.85 -14.72
N VAL Q 85 -15.25 -45.62 -14.05
CA VAL Q 85 -13.82 -45.44 -14.24
C VAL Q 85 -13.37 -46.00 -15.58
N ASP Q 86 -14.05 -47.06 -16.06
CA ASP Q 86 -13.72 -47.59 -17.38
C ASP Q 86 -14.06 -46.60 -18.49
N GLN Q 87 -15.02 -45.70 -18.25
CA GLN Q 87 -15.33 -44.66 -19.21
C GLN Q 87 -14.28 -43.56 -19.19
N LEU Q 88 -13.93 -43.07 -18.00
CA LEU Q 88 -13.01 -41.95 -17.89
C LEU Q 88 -11.60 -42.31 -18.29
N ARG Q 89 -11.23 -43.58 -18.28
CA ARG Q 89 -9.95 -44.03 -18.79
C ARG Q 89 -9.98 -44.37 -20.27
N SER Q 90 -11.17 -44.42 -20.88
CA SER Q 90 -11.32 -44.76 -22.29
C SER Q 90 -11.35 -43.49 -23.13
N PRO Q 91 -10.49 -43.38 -24.15
CA PRO Q 91 -10.59 -42.22 -25.05
C PRO Q 91 -11.92 -42.13 -25.76
N THR Q 92 -12.53 -43.28 -26.10
CA THR Q 92 -13.84 -43.26 -26.73
C THR Q 92 -14.94 -42.92 -25.73
N GLY Q 93 -14.88 -43.53 -24.54
CA GLY Q 93 -15.87 -43.24 -23.52
C GLY Q 93 -15.81 -41.81 -23.02
N ARG Q 94 -14.62 -41.19 -23.09
CA ARG Q 94 -14.51 -39.78 -22.72
C ARG Q 94 -15.24 -38.89 -23.72
N VAL Q 95 -15.29 -39.29 -24.98
CA VAL Q 95 -16.07 -38.54 -25.97
C VAL Q 95 -17.56 -38.74 -25.72
N GLU Q 96 -17.96 -40.00 -25.47
CA GLU Q 96 -19.37 -40.28 -25.18
C GLU Q 96 -19.83 -39.60 -23.91
N LEU Q 97 -18.91 -39.33 -22.98
CA LEU Q 97 -19.26 -38.54 -21.80
C LEU Q 97 -19.42 -37.07 -22.16
N ARG Q 98 -18.51 -36.53 -22.97
CA ARG Q 98 -18.61 -35.14 -23.39
C ARG Q 98 -19.90 -34.89 -24.17
N ASP Q 99 -20.35 -35.88 -24.95
CA ASP Q 99 -21.63 -35.75 -25.64
C ASP Q 99 -22.81 -36.00 -24.72
N ARG Q 100 -22.65 -36.87 -23.72
CA ARG Q 100 -23.72 -37.08 -22.75
C ARG Q 100 -23.94 -35.84 -21.89
N ALA Q 101 -22.86 -35.16 -21.51
CA ALA Q 101 -22.98 -33.95 -20.72
C ALA Q 101 -23.56 -32.80 -21.56
N SER Q 102 -23.22 -32.76 -22.85
CA SER Q 102 -23.74 -31.68 -23.70
C SER Q 102 -25.25 -31.81 -23.90
N GLU Q 103 -25.73 -33.02 -24.16
CA GLU Q 103 -27.16 -33.22 -24.36
C GLU Q 103 -27.94 -33.18 -23.04
N ASP Q 104 -27.28 -33.42 -21.90
CA ASP Q 104 -27.97 -33.33 -20.63
C ASP Q 104 -28.23 -31.89 -20.23
N ILE Q 105 -27.33 -30.97 -20.60
CA ILE Q 105 -27.56 -29.55 -20.32
C ILE Q 105 -28.71 -29.02 -21.17
N LYS Q 106 -28.77 -29.44 -22.44
CA LYS Q 106 -29.88 -29.04 -23.30
C LYS Q 106 -31.21 -29.54 -22.75
N ALA Q 107 -31.21 -30.70 -22.08
CA ALA Q 107 -32.44 -31.23 -21.52
C ALA Q 107 -32.93 -30.39 -20.35
N ALA Q 108 -32.01 -29.83 -19.55
CA ALA Q 108 -32.41 -29.02 -18.42
C ALA Q 108 -32.82 -27.61 -18.84
N LEU Q 109 -32.09 -27.00 -19.77
CA LEU Q 109 -32.42 -25.65 -20.22
C LEU Q 109 -33.62 -25.62 -21.15
N ASN Q 110 -33.96 -26.75 -21.78
CA ASN Q 110 -35.22 -26.83 -22.51
C ASN Q 110 -36.41 -26.95 -21.58
N ALA Q 111 -36.18 -27.30 -20.31
CA ALA Q 111 -37.23 -27.33 -19.31
C ALA Q 111 -37.30 -26.07 -18.48
N ALA Q 112 -36.20 -25.33 -18.34
CA ALA Q 112 -36.16 -24.10 -17.56
C ALA Q 112 -36.53 -22.89 -18.39
N VAL Q 113 -35.95 -22.76 -19.59
CA VAL Q 113 -36.23 -21.64 -20.48
C VAL Q 113 -36.62 -22.09 -21.88
N GLY Q 114 -36.76 -23.39 -22.12
CA GLY Q 114 -37.22 -23.87 -23.41
C GLY Q 114 -36.28 -23.63 -24.56
N LYS Q 115 -34.97 -23.60 -24.31
CA LYS Q 115 -33.97 -23.37 -25.34
C LYS Q 115 -32.74 -24.23 -25.09
N PRO Q 116 -32.20 -24.87 -26.13
CA PRO Q 116 -30.89 -25.56 -26.02
C PRO Q 116 -29.76 -24.54 -26.13
N VAL Q 117 -29.45 -23.91 -24.99
CA VAL Q 117 -28.61 -22.73 -24.96
C VAL Q 117 -27.22 -23.02 -25.51
N ILE Q 118 -26.65 -24.17 -25.17
CA ILE Q 118 -25.29 -24.49 -25.54
C ILE Q 118 -25.29 -25.34 -26.80
N GLU Q 119 -24.13 -25.46 -27.43
CA GLU Q 119 -23.92 -26.34 -28.57
C GLU Q 119 -23.14 -27.60 -28.20
N LYS Q 120 -22.13 -27.47 -27.34
CA LYS Q 120 -21.35 -28.61 -26.87
C LYS Q 120 -20.54 -28.15 -25.66
N VAL Q 121 -19.97 -29.14 -24.97
CA VAL Q 121 -19.11 -28.89 -23.82
C VAL Q 121 -17.66 -29.19 -24.22
N LEU Q 122 -16.73 -28.41 -23.69
CA LEU Q 122 -15.32 -28.57 -23.97
C LEU Q 122 -14.57 -28.93 -22.69
N PHE Q 123 -13.62 -29.86 -22.82
CA PHE Q 123 -12.75 -30.25 -21.72
C PHE Q 123 -11.36 -29.66 -21.97
N THR Q 124 -10.89 -28.85 -21.02
CA THR Q 124 -9.57 -28.24 -21.12
C THR Q 124 -8.54 -28.88 -20.19
N ASP Q 125 -8.98 -29.73 -19.26
CA ASP Q 125 -8.07 -30.44 -18.37
C ASP Q 125 -8.79 -31.65 -17.81
N PHE Q 126 -8.07 -32.78 -17.72
CA PHE Q 126 -8.70 -34.04 -17.33
C PHE Q 126 -7.63 -34.90 -16.65
N VAL Q 127 -7.70 -34.99 -15.32
CA VAL Q 127 -6.79 -35.80 -14.54
C VAL Q 127 -7.59 -36.74 -13.64
N ILE Q 128 -6.94 -37.80 -13.20
CA ILE Q 128 -7.50 -38.74 -12.23
C ILE Q 128 -6.48 -38.92 -11.11
N GLN Q 129 -6.79 -38.41 -9.93
CA GLN Q 129 -5.88 -38.49 -8.79
C GLN Q 129 -6.27 -39.64 -7.86
N ALA R 23 -0.96 -14.84 -44.35
CA ALA R 23 0.10 -13.84 -44.52
C ALA R 23 1.46 -14.40 -44.09
N SER R 24 2.51 -13.73 -44.53
CA SER R 24 3.88 -14.18 -44.30
C SER R 24 4.37 -14.06 -42.85
N PRO R 25 4.12 -12.95 -42.14
CA PRO R 25 4.76 -12.79 -40.82
C PRO R 25 4.29 -13.85 -39.83
N ILE R 26 5.27 -14.41 -39.11
CA ILE R 26 5.02 -15.47 -38.13
C ILE R 26 4.65 -14.83 -36.79
N ALA R 27 3.63 -15.38 -36.14
CA ALA R 27 3.21 -14.95 -34.82
C ALA R 27 3.04 -16.16 -33.92
N TYR R 28 3.27 -15.96 -32.63
CA TYR R 28 3.20 -17.04 -31.64
C TYR R 28 2.10 -16.72 -30.63
N VAL R 29 1.09 -17.58 -30.58
CA VAL R 29 0.01 -17.47 -29.60
C VAL R 29 0.36 -18.39 -28.44
N ASN R 30 0.39 -17.82 -27.23
CA ASN R 30 0.81 -18.57 -26.05
C ASN R 30 -0.38 -19.18 -25.34
N LEU R 31 -0.23 -20.44 -24.92
CA LEU R 31 -1.21 -21.11 -24.08
C LEU R 31 -0.62 -21.25 -22.68
N PRO R 32 -0.98 -20.37 -21.74
CA PRO R 32 -0.31 -20.38 -20.43
C PRO R 32 -0.75 -21.51 -19.51
N GLN R 33 -1.84 -22.21 -19.83
CA GLN R 33 -2.27 -23.33 -18.99
C GLN R 33 -1.32 -24.51 -19.14
N ALA R 34 -0.96 -25.13 -18.03
CA ALA R 34 -0.20 -26.36 -18.06
C ALA R 34 -1.10 -27.53 -18.38
N PHE R 35 -0.65 -28.40 -19.29
CA PHE R 35 -1.43 -29.57 -19.71
C PHE R 35 -1.03 -30.74 -18.82
N VAL R 36 -1.79 -30.92 -17.73
CA VAL R 36 -1.58 -32.02 -16.80
C VAL R 36 -2.59 -33.11 -17.12
N PHE R 37 -2.09 -34.33 -17.33
CA PHE R 37 -2.95 -35.47 -17.62
C PHE R 37 -2.19 -36.75 -17.32
N ASN R 38 -2.93 -37.84 -17.24
CA ASN R 38 -2.38 -39.14 -16.87
C ASN R 38 -2.41 -40.11 -18.04
N VAL R 39 -1.45 -41.03 -18.04
CA VAL R 39 -1.41 -42.14 -18.99
C VAL R 39 -1.03 -43.40 -18.21
N THR R 40 -1.67 -44.52 -18.55
CA THR R 40 -1.41 -45.78 -17.87
C THR R 40 -0.17 -46.44 -18.45
N GLY R 41 0.78 -46.79 -17.59
CA GLY R 41 2.03 -47.37 -17.99
C GLY R 41 2.14 -48.84 -17.63
N ASP R 42 3.29 -49.41 -17.99
CA ASP R 42 3.56 -50.82 -17.73
C ASP R 42 3.69 -51.15 -16.24
N SER R 43 3.76 -50.13 -15.38
CA SER R 43 3.95 -50.38 -13.96
C SER R 43 2.97 -49.60 -13.11
N ARG R 44 2.51 -48.45 -13.60
CA ARG R 44 1.77 -47.49 -12.78
C ARG R 44 1.29 -46.36 -13.67
N ASP R 45 0.26 -45.65 -13.19
CA ASP R 45 -0.18 -44.44 -13.87
C ASP R 45 0.95 -43.41 -13.89
N ARG R 46 0.97 -42.59 -14.94
CA ARG R 46 2.04 -41.63 -15.17
C ARG R 46 1.45 -40.26 -15.43
N LEU R 47 1.87 -39.27 -14.64
CA LEU R 47 1.53 -37.90 -14.95
C LEU R 47 2.23 -37.46 -16.23
N VAL R 48 1.71 -36.38 -16.83
CA VAL R 48 2.37 -35.70 -17.94
C VAL R 48 2.12 -34.21 -17.79
N GLN R 49 3.16 -33.41 -17.98
CA GLN R 49 3.05 -31.95 -17.98
C GLN R 49 3.63 -31.42 -19.28
N ILE R 50 2.78 -30.82 -20.11
CA ILE R 50 3.17 -30.28 -21.40
C ILE R 50 2.80 -28.79 -21.43
N LYS R 51 3.80 -27.95 -21.72
CA LYS R 51 3.58 -26.53 -21.92
C LYS R 51 3.67 -26.25 -23.41
N ALA R 52 2.57 -25.82 -24.01
CA ALA R 52 2.45 -25.70 -25.46
C ALA R 52 2.19 -24.26 -25.87
N GLN R 53 2.61 -23.94 -27.09
CA GLN R 53 2.31 -22.66 -27.72
C GLN R 53 1.91 -22.92 -29.17
N LEU R 54 1.21 -21.95 -29.75
CA LEU R 54 0.71 -22.05 -31.11
C LEU R 54 1.53 -21.16 -32.04
N MET R 55 1.96 -21.72 -33.16
CA MET R 55 2.72 -20.99 -34.17
C MET R 55 1.80 -20.76 -35.36
N VAL R 56 1.37 -19.51 -35.54
CA VAL R 56 0.47 -19.14 -36.61
C VAL R 56 1.21 -18.24 -37.59
N ARG R 57 0.61 -18.04 -38.76
CA ARG R 57 1.17 -17.21 -39.81
C ARG R 57 0.09 -16.24 -40.29
N GLY R 58 0.29 -14.96 -40.04
CA GLY R 58 -0.68 -13.96 -40.44
C GLY R 58 -1.38 -13.33 -39.25
N ALA R 59 -1.79 -12.08 -39.42
CA ALA R 59 -2.47 -11.37 -38.35
C ALA R 59 -3.88 -11.88 -38.13
N GLU R 60 -4.57 -12.29 -39.20
CA GLU R 60 -5.94 -12.78 -39.06
C GLU R 60 -5.99 -14.13 -38.38
N ASN R 61 -5.02 -15.01 -38.68
CA ASN R 61 -4.95 -16.30 -38.00
C ASN R 61 -4.63 -16.12 -36.52
N GLU R 62 -3.73 -15.20 -36.19
CA GLU R 62 -3.43 -14.94 -34.79
C GLU R 62 -4.66 -14.50 -34.02
N GLU R 63 -5.57 -13.77 -34.68
CA GLU R 63 -6.80 -13.35 -34.02
C GLU R 63 -7.72 -14.53 -33.75
N LEU R 64 -7.82 -15.46 -34.70
CA LEU R 64 -8.66 -16.64 -34.49
C LEU R 64 -8.04 -17.59 -33.47
N ALA R 65 -6.72 -17.71 -33.47
CA ALA R 65 -6.05 -18.61 -32.54
C ALA R 65 -6.28 -18.20 -31.10
N ARG R 66 -6.18 -16.90 -30.81
CA ARG R 66 -6.43 -16.41 -29.46
C ARG R 66 -7.91 -16.53 -29.09
N TYR R 67 -8.80 -16.18 -30.02
CA TYR R 67 -10.23 -16.21 -29.72
C TYR R 67 -10.73 -17.63 -29.51
N HIS R 68 -10.24 -18.58 -30.30
CA HIS R 68 -10.68 -19.96 -30.23
C HIS R 68 -9.74 -20.84 -29.42
N SER R 69 -9.02 -20.25 -28.47
CA SER R 69 -8.18 -21.05 -27.57
C SER R 69 -8.95 -22.09 -26.78
N PRO R 70 -10.16 -21.83 -26.25
CA PRO R 70 -10.90 -22.91 -25.57
C PRO R 70 -11.12 -24.13 -26.45
N LEU R 71 -11.52 -23.94 -27.70
CA LEU R 71 -11.68 -25.07 -28.61
C LEU R 71 -10.34 -25.71 -28.93
N ILE R 72 -9.30 -24.89 -29.07
CA ILE R 72 -7.98 -25.42 -29.40
C ILE R 72 -7.40 -26.19 -28.21
N GLU R 73 -7.60 -25.67 -26.99
CA GLU R 73 -7.16 -26.40 -25.81
C GLU R 73 -7.87 -27.74 -25.67
N SER R 74 -9.11 -27.84 -26.18
CA SER R 74 -9.83 -29.10 -26.13
C SER R 74 -9.25 -30.10 -27.12
N SER R 75 -8.88 -29.64 -28.32
CA SER R 75 -8.31 -30.53 -29.31
C SER R 75 -6.96 -31.08 -28.88
N LEU R 76 -6.24 -30.34 -28.04
CA LEU R 76 -4.96 -30.82 -27.53
C LEU R 76 -5.14 -31.89 -26.47
N LEU R 77 -6.07 -31.69 -25.54
CA LEU R 77 -6.33 -32.70 -24.52
C LEU R 77 -6.92 -33.96 -25.13
N SER R 78 -7.79 -33.81 -26.13
CA SER R 78 -8.33 -34.97 -26.82
C SER R 78 -7.26 -35.74 -27.58
N THR R 79 -6.15 -35.09 -27.92
CA THR R 79 -5.04 -35.74 -28.59
C THR R 79 -4.05 -36.35 -27.59
N PHE R 80 -3.71 -35.60 -26.54
CA PHE R 80 -2.77 -36.11 -25.54
C PHE R 80 -3.35 -37.27 -24.75
N ALA R 81 -4.68 -37.36 -24.63
CA ALA R 81 -5.30 -38.43 -23.87
C ALA R 81 -5.09 -39.78 -24.54
N SER R 82 -4.98 -39.81 -25.85
CA SER R 82 -4.80 -41.06 -26.60
C SER R 82 -3.34 -41.45 -26.76
N ALA R 83 -2.42 -40.69 -26.16
CA ALA R 83 -1.00 -40.99 -26.29
C ALA R 83 -0.59 -42.12 -25.35
N THR R 84 0.26 -43.00 -25.85
CA THR R 84 0.81 -44.08 -25.04
C THR R 84 2.13 -43.65 -24.40
N VAL R 85 2.51 -44.38 -23.36
CA VAL R 85 3.73 -44.03 -22.63
C VAL R 85 4.96 -44.22 -23.50
N ASP R 86 4.93 -45.18 -24.43
CA ASP R 86 6.07 -45.39 -25.31
C ASP R 86 6.19 -44.29 -26.36
N GLN R 87 5.13 -43.54 -26.62
CA GLN R 87 5.21 -42.42 -27.55
C GLN R 87 5.81 -41.18 -26.91
N LEU R 88 5.41 -40.88 -25.67
CA LEU R 88 5.94 -39.71 -24.98
C LEU R 88 7.43 -39.83 -24.69
N ARG R 89 7.93 -41.05 -24.55
CA ARG R 89 9.34 -41.28 -24.25
C ARG R 89 10.20 -41.42 -25.49
N SER R 90 9.59 -41.75 -26.63
CA SER R 90 10.34 -41.87 -27.87
C SER R 90 10.48 -40.51 -28.53
N PRO R 91 11.69 -40.04 -28.83
CA PRO R 91 11.82 -38.77 -29.58
C PRO R 91 11.08 -38.79 -30.90
N THR R 92 11.07 -39.94 -31.59
CA THR R 92 10.28 -40.06 -32.81
C THR R 92 8.79 -40.03 -32.51
N GLY R 93 8.39 -40.46 -31.32
CA GLY R 93 6.99 -40.48 -30.94
C GLY R 93 6.44 -39.10 -30.62
N ARG R 94 7.22 -38.29 -29.90
CA ARG R 94 6.79 -36.92 -29.60
C ARG R 94 6.65 -36.10 -30.87
N VAL R 95 7.55 -36.29 -31.83
CA VAL R 95 7.43 -35.60 -33.12
C VAL R 95 6.15 -36.00 -33.82
N GLU R 96 5.82 -37.30 -33.81
CA GLU R 96 4.56 -37.76 -34.38
C GLU R 96 3.38 -37.22 -33.59
N LEU R 97 3.49 -37.21 -32.26
CA LEU R 97 2.43 -36.64 -31.43
C LEU R 97 2.27 -35.16 -31.69
N ARG R 98 3.39 -34.44 -31.82
CA ARG R 98 3.33 -33.01 -32.12
C ARG R 98 2.70 -32.76 -33.49
N ASP R 99 2.98 -33.63 -34.46
CA ASP R 99 2.37 -33.51 -35.78
C ASP R 99 0.91 -33.95 -35.77
N ARG R 100 0.54 -34.88 -34.88
CA ARG R 100 -0.85 -35.30 -34.80
C ARG R 100 -1.69 -34.27 -34.04
N ALA R 101 -1.12 -33.63 -33.02
CA ALA R 101 -1.84 -32.60 -32.28
C ALA R 101 -2.14 -31.40 -33.15
N SER R 102 -1.28 -31.11 -34.14
CA SER R 102 -1.51 -29.99 -35.03
C SER R 102 -2.60 -30.30 -36.05
N GLU R 103 -2.53 -31.49 -36.66
CA GLU R 103 -3.55 -31.89 -37.62
C GLU R 103 -4.92 -32.01 -36.96
N ASP R 104 -4.97 -32.43 -35.70
CA ASP R 104 -6.25 -32.50 -34.99
C ASP R 104 -6.82 -31.11 -34.75
N ILE R 105 -5.96 -30.13 -34.48
CA ILE R 105 -6.43 -28.77 -34.26
C ILE R 105 -6.98 -28.18 -35.56
N LYS R 106 -6.24 -28.33 -36.65
CA LYS R 106 -6.72 -27.85 -37.94
C LYS R 106 -8.03 -28.51 -38.34
N ALA R 107 -8.22 -29.78 -37.97
CA ALA R 107 -9.48 -30.45 -38.26
C ALA R 107 -10.63 -29.84 -37.47
N ALA R 108 -10.39 -29.49 -36.21
CA ALA R 108 -11.45 -28.91 -35.38
C ALA R 108 -11.82 -27.51 -35.85
N LEU R 109 -10.81 -26.68 -36.17
CA LEU R 109 -11.08 -25.32 -36.60
C LEU R 109 -11.68 -25.29 -38.01
N ASN R 110 -11.40 -26.29 -38.84
CA ASN R 110 -12.04 -26.38 -40.14
C ASN R 110 -13.54 -26.63 -39.99
N ALA R 111 -13.94 -27.38 -38.97
CA ALA R 111 -15.36 -27.63 -38.73
C ALA R 111 -16.04 -26.47 -38.02
N ALA R 112 -15.28 -25.61 -37.33
CA ALA R 112 -15.87 -24.52 -36.57
C ALA R 112 -15.92 -23.22 -37.38
N VAL R 113 -14.76 -22.74 -37.82
CA VAL R 113 -14.66 -21.48 -38.56
C VAL R 113 -14.35 -21.68 -40.03
N GLY R 114 -14.13 -22.92 -40.47
CA GLY R 114 -13.85 -23.15 -41.87
C GLY R 114 -12.46 -22.74 -42.31
N LYS R 115 -11.52 -22.57 -41.37
CA LYS R 115 -10.16 -22.16 -41.68
C LYS R 115 -9.20 -22.95 -40.82
N PRO R 116 -8.13 -23.51 -41.39
CA PRO R 116 -7.04 -24.05 -40.57
C PRO R 116 -6.16 -22.93 -40.07
N VAL R 117 -6.28 -22.62 -38.78
CA VAL R 117 -5.74 -21.37 -38.26
C VAL R 117 -4.24 -21.46 -38.02
N ILE R 118 -3.78 -22.56 -37.43
CA ILE R 118 -2.40 -22.66 -36.97
C ILE R 118 -1.56 -23.34 -38.03
N GLU R 119 -0.24 -23.21 -37.88
CA GLU R 119 0.73 -23.90 -38.73
C GLU R 119 1.29 -25.14 -38.05
N LYS R 120 1.74 -25.02 -36.80
CA LYS R 120 2.22 -26.15 -36.03
C LYS R 120 2.09 -25.83 -34.55
N VAL R 121 2.20 -26.86 -33.73
CA VAL R 121 2.16 -26.74 -32.27
C VAL R 121 3.57 -26.89 -31.74
N LEU R 122 3.94 -26.00 -30.81
CA LEU R 122 5.28 -25.98 -30.23
C LEU R 122 5.23 -26.40 -28.77
N PHE R 123 6.11 -27.30 -28.38
CA PHE R 123 6.26 -27.73 -26.99
C PHE R 123 7.50 -27.08 -26.41
N THR R 124 7.30 -26.19 -25.44
CA THR R 124 8.42 -25.50 -24.80
C THR R 124 8.88 -26.19 -23.52
N ASP R 125 7.98 -26.86 -22.82
CA ASP R 125 8.33 -27.59 -21.61
C ASP R 125 7.62 -28.94 -21.63
N PHE R 126 8.34 -29.99 -21.26
CA PHE R 126 7.81 -31.35 -21.34
C PHE R 126 8.49 -32.19 -20.27
N VAL R 127 7.74 -32.57 -19.24
CA VAL R 127 8.21 -33.44 -18.18
C VAL R 127 7.13 -34.49 -17.91
N ILE R 128 7.47 -35.76 -18.08
CA ILE R 128 6.49 -36.82 -17.89
C ILE R 128 6.41 -37.20 -16.42
N GLN R 129 7.50 -37.72 -15.85
CA GLN R 129 7.54 -38.13 -14.45
C GLN R 129 6.41 -39.11 -14.12
N ALA S 23 31.38 -9.54 -37.15
CA ALA S 23 32.05 -8.39 -36.57
C ALA S 23 31.06 -7.47 -35.86
N SER S 24 29.78 -7.86 -35.89
CA SER S 24 28.76 -7.09 -35.20
C SER S 24 28.90 -7.25 -33.69
N PRO S 25 28.47 -6.26 -32.91
CA PRO S 25 28.60 -6.36 -31.46
C PRO S 25 27.83 -7.55 -30.89
N ILE S 26 28.36 -8.09 -29.80
CA ILE S 26 27.78 -9.28 -29.18
C ILE S 26 26.63 -8.86 -28.27
N ALA S 27 25.53 -9.59 -28.36
CA ALA S 27 24.38 -9.39 -27.49
C ALA S 27 23.91 -10.73 -26.94
N TYR S 28 23.26 -10.69 -25.79
CA TYR S 28 22.80 -11.89 -25.10
C TYR S 28 21.30 -11.82 -24.88
N VAL S 29 20.61 -12.89 -25.29
CA VAL S 29 19.16 -13.01 -25.12
C VAL S 29 18.90 -14.01 -24.01
N ASN S 30 18.12 -13.61 -23.02
CA ASN S 30 17.85 -14.45 -21.86
C ASN S 30 16.57 -15.25 -22.08
N LEU S 31 16.65 -16.56 -21.83
CA LEU S 31 15.48 -17.43 -21.82
C LEU S 31 15.08 -17.68 -20.38
N PRO S 32 14.08 -16.96 -19.85
CA PRO S 32 13.80 -17.00 -18.41
C PRO S 32 13.32 -18.36 -17.91
N GLN S 33 12.31 -18.93 -18.57
CA GLN S 33 11.75 -20.19 -18.13
C GLN S 33 12.77 -21.31 -18.32
N ALA S 34 13.22 -21.89 -17.22
CA ALA S 34 14.20 -22.96 -17.29
C ALA S 34 13.60 -24.22 -17.92
N PHE S 35 14.48 -25.06 -18.46
CA PHE S 35 14.07 -26.28 -19.14
C PHE S 35 14.19 -27.44 -18.16
N VAL S 36 13.06 -28.03 -17.80
CA VAL S 36 13.00 -29.19 -16.91
C VAL S 36 12.44 -30.35 -17.73
N PHE S 37 13.27 -31.37 -17.95
CA PHE S 37 12.90 -32.52 -18.77
C PHE S 37 13.40 -33.78 -18.09
N ASN S 38 13.15 -34.92 -18.74
CA ASN S 38 13.49 -36.23 -18.20
C ASN S 38 14.43 -36.97 -19.14
N VAL S 39 15.39 -37.68 -18.56
CA VAL S 39 16.18 -38.68 -19.26
C VAL S 39 16.14 -39.96 -18.41
N THR S 40 16.13 -41.11 -19.08
CA THR S 40 15.93 -42.39 -18.42
C THR S 40 17.27 -43.14 -18.39
N GLY S 41 17.82 -43.32 -17.19
CA GLY S 41 18.96 -44.15 -16.96
C GLY S 41 18.60 -45.41 -16.20
N ASP S 42 19.63 -46.09 -15.71
CA ASP S 42 19.43 -47.29 -14.93
C ASP S 42 19.01 -46.94 -13.51
N SER S 43 18.19 -47.81 -12.92
CA SER S 43 17.80 -47.80 -11.51
C SER S 43 16.82 -46.68 -11.16
N ARG S 44 16.56 -45.77 -12.09
CA ARG S 44 15.67 -44.64 -11.82
C ARG S 44 15.50 -43.82 -13.10
N ASP S 45 14.48 -42.96 -13.09
CA ASP S 45 14.42 -41.85 -14.02
C ASP S 45 15.39 -40.77 -13.57
N ARG S 46 15.47 -39.67 -14.33
CA ARG S 46 16.38 -38.59 -14.00
C ARG S 46 15.71 -37.26 -14.28
N LEU S 47 15.75 -36.36 -13.30
CA LEU S 47 15.19 -35.03 -13.42
C LEU S 47 16.32 -34.06 -13.74
N VAL S 48 16.32 -33.53 -14.96
CA VAL S 48 17.36 -32.63 -15.43
C VAL S 48 16.78 -31.24 -15.57
N GLN S 49 17.56 -30.23 -15.19
CA GLN S 49 17.11 -28.84 -15.20
C GLN S 49 18.23 -27.98 -15.77
N ILE S 50 17.98 -27.34 -16.90
CA ILE S 50 18.98 -26.55 -17.61
C ILE S 50 18.47 -25.12 -17.74
N LYS S 51 19.33 -24.15 -17.42
CA LYS S 51 19.05 -22.74 -17.60
C LYS S 51 20.01 -22.19 -18.65
N ALA S 52 19.47 -21.58 -19.70
CA ALA S 52 20.25 -21.24 -20.88
C ALA S 52 20.01 -19.80 -21.31
N GLN S 53 20.99 -19.25 -22.02
CA GLN S 53 20.88 -17.95 -22.67
C GLN S 53 21.46 -18.05 -24.07
N LEU S 54 21.04 -17.13 -24.94
CA LEU S 54 21.49 -17.09 -26.31
C LEU S 54 22.59 -16.05 -26.49
N MET S 55 23.47 -16.31 -27.46
CA MET S 55 24.56 -15.40 -27.80
C MET S 55 24.42 -15.03 -29.28
N VAL S 56 24.07 -13.78 -29.54
CA VAL S 56 23.82 -13.30 -30.89
C VAL S 56 24.78 -12.16 -31.22
N ARG S 57 24.86 -11.83 -32.50
CA ARG S 57 25.69 -10.73 -32.99
C ARG S 57 24.84 -9.84 -33.90
N GLY S 58 24.67 -8.59 -33.50
CA GLY S 58 23.89 -7.66 -34.30
C GLY S 58 22.53 -7.39 -33.69
N ALA S 59 22.02 -6.19 -33.93
CA ALA S 59 20.71 -5.82 -33.39
C ALA S 59 19.58 -6.57 -34.08
N GLU S 60 19.73 -6.87 -35.37
CA GLU S 60 18.69 -7.60 -36.09
C GLU S 60 18.53 -9.02 -35.55
N ASN S 61 19.65 -9.71 -35.30
CA ASN S 61 19.58 -11.03 -34.69
C ASN S 61 19.02 -10.96 -33.28
N GLU S 62 19.44 -9.96 -32.50
CA GLU S 62 18.90 -9.79 -31.16
C GLU S 62 17.39 -9.57 -31.20
N GLU S 63 16.92 -8.79 -32.18
CA GLU S 63 15.48 -8.58 -32.32
C GLU S 63 14.78 -9.86 -32.75
N LEU S 64 15.42 -10.65 -33.62
CA LEU S 64 14.81 -11.88 -34.10
C LEU S 64 14.85 -12.98 -33.05
N ALA S 65 15.93 -13.05 -32.27
CA ALA S 65 16.06 -14.10 -31.26
C ALA S 65 14.99 -13.96 -30.18
N ARG S 66 14.71 -12.72 -29.75
CA ARG S 66 13.69 -12.50 -28.74
C ARG S 66 12.31 -12.85 -29.26
N TYR S 67 12.00 -12.46 -30.50
CA TYR S 67 10.66 -12.67 -31.03
C TYR S 67 10.37 -14.15 -31.28
N HIS S 68 11.36 -14.88 -31.79
CA HIS S 68 11.19 -16.29 -32.12
C HIS S 68 11.62 -17.22 -30.98
N SER S 69 11.58 -16.73 -29.74
CA SER S 69 11.97 -17.58 -28.62
C SER S 69 11.08 -18.82 -28.45
N PRO S 70 9.75 -18.74 -28.56
CA PRO S 70 8.94 -19.97 -28.48
C PRO S 70 9.39 -21.05 -29.45
N LEU S 71 9.76 -20.68 -30.67
CA LEU S 71 10.33 -21.67 -31.59
C LEU S 71 11.71 -22.11 -31.14
N ILE S 72 12.48 -21.20 -30.53
CA ILE S 72 13.82 -21.55 -30.06
C ILE S 72 13.74 -22.45 -28.83
N GLU S 73 12.82 -22.16 -27.91
CA GLU S 73 12.65 -23.02 -26.75
C GLU S 73 12.25 -24.43 -27.15
N SER S 74 11.43 -24.56 -28.20
CA SER S 74 11.04 -25.88 -28.68
C SER S 74 12.24 -26.64 -29.25
N SER S 75 13.09 -25.96 -30.02
CA SER S 75 14.26 -26.62 -30.60
C SER S 75 15.22 -27.08 -29.53
N LEU S 76 15.34 -26.34 -28.43
CA LEU S 76 16.20 -26.77 -27.33
C LEU S 76 15.62 -27.98 -26.61
N LEU S 77 14.32 -27.95 -26.30
CA LEU S 77 13.67 -29.08 -25.66
C LEU S 77 13.73 -30.32 -26.55
N SER S 78 13.57 -30.14 -27.87
CA SER S 78 13.68 -31.27 -28.78
C SER S 78 15.09 -31.85 -28.81
N THR S 79 16.09 -31.01 -28.56
CA THR S 79 17.48 -31.47 -28.54
C THR S 79 17.89 -31.96 -27.15
N PHE S 80 17.37 -31.34 -26.09
CA PHE S 80 17.72 -31.75 -24.74
C PHE S 80 17.17 -33.13 -24.42
N ALA S 81 15.88 -33.35 -24.68
CA ALA S 81 15.22 -34.59 -24.31
C ALA S 81 15.66 -35.78 -25.15
N SER S 82 16.58 -35.60 -26.09
CA SER S 82 17.08 -36.70 -26.92
C SER S 82 18.51 -37.10 -26.55
N ALA S 83 19.02 -36.65 -25.41
CA ALA S 83 20.37 -36.96 -24.98
C ALA S 83 20.34 -37.99 -23.86
N THR S 84 21.37 -38.84 -23.82
CA THR S 84 21.48 -39.87 -22.81
C THR S 84 22.20 -39.36 -21.58
N VAL S 85 22.01 -40.06 -20.46
CA VAL S 85 22.57 -39.63 -19.18
C VAL S 85 24.09 -39.61 -19.23
N ASP S 86 24.69 -40.46 -20.05
CA ASP S 86 26.14 -40.46 -20.18
C ASP S 86 26.66 -39.20 -20.84
N GLN S 87 25.81 -38.44 -21.52
CA GLN S 87 26.20 -37.16 -22.10
C GLN S 87 26.08 -36.02 -21.10
N LEU S 88 25.02 -36.02 -20.27
CA LEU S 88 24.86 -34.96 -19.28
C LEU S 88 25.89 -35.07 -18.18
N ARG S 89 26.37 -36.28 -17.87
CA ARG S 89 27.35 -36.48 -16.82
C ARG S 89 28.79 -36.30 -17.29
N SER S 90 29.04 -36.43 -18.59
CA SER S 90 30.40 -36.28 -19.11
C SER S 90 30.69 -34.81 -19.40
N PRO S 91 31.83 -34.29 -18.93
CA PRO S 91 32.17 -32.89 -19.27
C PRO S 91 32.25 -32.64 -20.77
N THR S 92 32.92 -33.52 -21.52
CA THR S 92 32.95 -33.39 -22.97
C THR S 92 31.58 -33.63 -23.59
N GLY S 93 30.74 -34.41 -22.93
CA GLY S 93 29.40 -34.65 -23.44
C GLY S 93 28.52 -33.41 -23.42
N ARG S 94 28.71 -32.55 -22.42
CA ARG S 94 27.95 -31.31 -22.36
C ARG S 94 28.38 -30.34 -23.45
N VAL S 95 29.69 -30.29 -23.72
CA VAL S 95 30.21 -29.35 -24.72
C VAL S 95 29.66 -29.68 -26.11
N GLU S 96 29.59 -30.97 -26.44
CA GLU S 96 29.02 -31.36 -27.72
C GLU S 96 27.51 -31.21 -27.76
N LEU S 97 26.86 -31.15 -26.58
CA LEU S 97 25.42 -30.91 -26.56
C LEU S 97 25.11 -29.45 -26.91
N ARG S 98 25.94 -28.51 -26.42
CA ARG S 98 25.76 -27.12 -26.78
C ARG S 98 25.92 -26.91 -28.28
N ASP S 99 27.01 -27.44 -28.85
CA ASP S 99 27.22 -27.35 -30.29
C ASP S 99 26.16 -28.09 -31.08
N ARG S 100 25.49 -29.07 -30.47
CA ARG S 100 24.38 -29.74 -31.14
C ARG S 100 23.08 -28.96 -30.96
N ALA S 101 22.82 -28.46 -29.76
CA ALA S 101 21.62 -27.65 -29.54
C ALA S 101 21.68 -26.33 -30.30
N SER S 102 22.89 -25.78 -30.51
CA SER S 102 23.02 -24.54 -31.25
C SER S 102 22.69 -24.75 -32.73
N GLU S 103 23.29 -25.79 -33.33
CA GLU S 103 23.06 -26.03 -34.75
C GLU S 103 21.62 -26.44 -35.03
N ASP S 104 20.94 -27.05 -34.05
CA ASP S 104 19.55 -27.40 -34.23
C ASP S 104 18.65 -26.16 -34.25
N ILE S 105 19.04 -25.12 -33.51
CA ILE S 105 18.28 -23.86 -33.57
C ILE S 105 18.49 -23.17 -34.90
N LYS S 106 19.75 -23.12 -35.37
CA LYS S 106 20.03 -22.46 -36.64
C LYS S 106 19.30 -23.13 -37.79
N ALA S 107 19.27 -24.46 -37.81
CA ALA S 107 18.53 -25.18 -38.85
C ALA S 107 17.04 -24.90 -38.75
N ALA S 108 16.51 -24.81 -37.52
CA ALA S 108 15.09 -24.52 -37.35
C ALA S 108 14.75 -23.10 -37.81
N LEU S 109 15.58 -22.12 -37.45
CA LEU S 109 15.35 -20.74 -37.84
C LEU S 109 15.72 -20.48 -39.30
N ASN S 110 16.44 -21.39 -39.95
CA ASN S 110 16.70 -21.23 -41.38
C ASN S 110 15.46 -21.51 -42.22
N ALA S 111 14.61 -22.44 -41.76
CA ALA S 111 13.35 -22.69 -42.44
C ALA S 111 12.27 -21.69 -42.06
N ALA S 112 12.43 -21.01 -40.92
CA ALA S 112 11.41 -20.08 -40.44
C ALA S 112 11.55 -18.72 -41.09
N VAL S 113 12.73 -18.10 -40.99
CA VAL S 113 12.93 -16.74 -41.49
C VAL S 113 14.16 -16.68 -42.39
N GLY S 114 14.66 -17.84 -42.80
CA GLY S 114 15.77 -17.88 -43.74
C GLY S 114 17.10 -17.39 -43.22
N LYS S 115 17.24 -17.21 -41.91
CA LYS S 115 18.49 -16.71 -41.33
C LYS S 115 18.84 -17.51 -40.09
N PRO S 116 20.08 -17.97 -39.96
CA PRO S 116 20.55 -18.48 -38.65
C PRO S 116 20.75 -17.32 -37.68
N VAL S 117 19.90 -17.24 -36.66
CA VAL S 117 19.84 -16.03 -35.85
C VAL S 117 20.95 -15.99 -34.82
N ILE S 118 21.24 -17.12 -34.18
CA ILE S 118 22.13 -17.14 -33.04
C ILE S 118 23.53 -17.54 -33.51
N GLU S 119 24.52 -17.29 -32.64
CA GLU S 119 25.89 -17.75 -32.84
C GLU S 119 26.17 -19.03 -32.07
N LYS S 120 25.75 -19.09 -30.80
CA LYS S 120 25.86 -20.29 -29.99
C LYS S 120 24.93 -20.16 -28.79
N VAL S 121 24.62 -21.29 -28.18
CA VAL S 121 23.80 -21.33 -26.98
C VAL S 121 24.73 -21.46 -25.78
N LEU S 122 24.31 -20.93 -24.65
CA LEU S 122 25.11 -20.92 -23.43
C LEU S 122 24.34 -21.60 -22.30
N PHE S 123 25.08 -22.30 -21.44
CA PHE S 123 24.51 -22.93 -20.25
C PHE S 123 25.05 -22.21 -19.01
N THR S 124 24.14 -21.62 -18.24
CA THR S 124 24.51 -20.89 -17.03
C THR S 124 24.18 -21.63 -15.74
N ASP S 125 23.37 -22.68 -15.80
CA ASP S 125 23.08 -23.50 -14.63
C ASP S 125 22.69 -24.89 -15.11
N PHE S 126 23.26 -25.91 -14.47
CA PHE S 126 23.13 -27.28 -14.96
C PHE S 126 23.16 -28.23 -13.75
N VAL S 127 21.98 -28.66 -13.32
CA VAL S 127 21.85 -29.64 -12.25
C VAL S 127 21.19 -30.89 -12.82
N ILE S 128 21.51 -32.03 -12.23
CA ILE S 128 20.95 -33.31 -12.64
C ILE S 128 20.64 -34.13 -11.39
N GLN S 129 19.37 -34.46 -11.19
CA GLN S 129 18.94 -35.16 -9.98
C GLN S 129 18.37 -36.53 -10.31
N ALA T 23 47.62 -1.37 -11.47
CA ALA T 23 47.67 -0.13 -12.24
C ALA T 23 46.38 0.66 -12.07
N SER T 24 45.31 0.13 -12.66
CA SER T 24 44.00 0.77 -12.59
C SER T 24 43.31 0.43 -11.27
N PRO T 25 42.33 1.25 -10.86
CA PRO T 25 41.62 0.96 -9.60
C PRO T 25 40.90 -0.38 -9.66
N ILE T 26 40.87 -1.05 -8.50
CA ILE T 26 40.21 -2.35 -8.38
C ILE T 26 38.71 -2.14 -8.30
N ALA T 27 37.96 -3.00 -9.00
CA ALA T 27 36.50 -2.98 -8.94
C ALA T 27 35.99 -4.41 -8.90
N TYR T 28 34.91 -4.64 -8.18
CA TYR T 28 34.35 -5.97 -7.99
C TYR T 28 32.99 -6.06 -8.66
N VAL T 29 32.87 -6.97 -9.62
CA VAL T 29 31.61 -7.21 -10.33
C VAL T 29 30.97 -8.46 -9.72
N ASN T 30 29.80 -8.27 -9.10
CA ASN T 30 29.14 -9.35 -8.38
C ASN T 30 28.31 -10.20 -9.32
N LEU T 31 28.36 -11.52 -9.11
CA LEU T 31 27.49 -12.47 -9.80
C LEU T 31 26.39 -12.89 -8.83
N PRO T 32 25.17 -12.35 -8.95
CA PRO T 32 24.16 -12.62 -7.91
C PRO T 32 23.63 -14.04 -7.92
N GLN T 33 23.45 -14.63 -9.11
CA GLN T 33 22.91 -15.98 -9.22
C GLN T 33 24.01 -16.98 -8.85
N ALA T 34 23.83 -17.67 -7.72
CA ALA T 34 24.81 -18.63 -7.27
C ALA T 34 24.82 -19.86 -8.18
N PHE T 35 25.93 -20.59 -8.13
CA PHE T 35 26.14 -21.77 -8.97
C PHE T 35 25.83 -23.03 -8.17
N VAL T 36 24.85 -23.79 -8.63
CA VAL T 36 24.49 -25.08 -8.05
C VAL T 36 24.72 -26.14 -9.12
N PHE T 37 25.45 -27.19 -8.75
CA PHE T 37 25.77 -28.27 -9.69
C PHE T 37 26.03 -29.54 -8.90
N ASN T 38 26.40 -30.60 -9.63
CA ASN T 38 26.60 -31.92 -9.04
C ASN T 38 27.97 -32.47 -9.40
N VAL T 39 28.61 -33.10 -8.42
CA VAL T 39 29.85 -33.84 -8.62
C VAL T 39 29.67 -35.22 -8.00
N THR T 40 30.28 -36.22 -8.63
CA THR T 40 30.11 -37.61 -8.21
C THR T 40 31.22 -38.00 -7.24
N GLY T 41 30.82 -38.39 -6.02
CA GLY T 41 31.77 -38.87 -5.04
C GLY T 41 32.02 -40.36 -5.20
N ASP T 42 31.90 -41.11 -4.09
CA ASP T 42 32.06 -42.56 -4.12
C ASP T 42 30.72 -43.29 -4.16
N SER T 43 29.78 -42.91 -3.28
CA SER T 43 28.48 -43.56 -3.20
C SER T 43 27.36 -42.69 -3.76
N ARG T 44 27.23 -41.46 -3.27
CA ARG T 44 26.14 -40.57 -3.67
C ARG T 44 26.61 -39.59 -4.73
N ASP T 45 25.63 -38.84 -5.26
CA ASP T 45 25.90 -37.70 -6.13
C ASP T 45 25.81 -36.43 -5.29
N ARG T 46 26.88 -35.64 -5.29
CA ARG T 46 26.98 -34.51 -4.39
C ARG T 46 26.33 -33.27 -4.98
N LEU T 47 25.99 -32.33 -4.11
CA LEU T 47 25.40 -31.05 -4.49
C LEU T 47 26.30 -29.93 -3.99
N VAL T 48 26.85 -29.15 -4.92
CA VAL T 48 27.79 -28.09 -4.60
C VAL T 48 27.12 -26.74 -4.85
N GLN T 49 27.42 -25.77 -3.99
CA GLN T 49 26.87 -24.42 -4.09
C GLN T 49 28.01 -23.42 -3.94
N ILE T 50 28.27 -22.66 -5.00
CA ILE T 50 29.36 -21.69 -5.02
C ILE T 50 28.80 -20.31 -5.33
N LYS T 51 29.15 -19.34 -4.50
CA LYS T 51 28.80 -17.94 -4.73
C LYS T 51 30.07 -17.20 -5.12
N ALA T 52 30.05 -16.57 -6.29
CA ALA T 52 31.26 -16.02 -6.90
C ALA T 52 31.12 -14.53 -7.17
N GLN T 53 32.27 -13.85 -7.18
CA GLN T 53 32.36 -12.45 -7.57
C GLN T 53 33.62 -12.27 -8.42
N LEU T 54 33.57 -11.32 -9.34
CA LEU T 54 34.68 -11.02 -10.23
C LEU T 54 35.47 -9.83 -9.70
N MET T 55 36.78 -9.89 -9.85
CA MET T 55 37.68 -8.80 -9.46
C MET T 55 38.40 -8.32 -10.71
N VAL T 56 38.20 -7.04 -11.05
CA VAL T 56 38.73 -6.45 -12.27
C VAL T 56 39.48 -5.17 -11.92
N ARG T 57 40.24 -4.67 -12.90
CA ARG T 57 41.00 -3.44 -12.76
C ARG T 57 40.69 -2.55 -13.96
N GLY T 58 40.10 -1.39 -13.71
CA GLY T 58 39.80 -0.46 -14.78
C GLY T 58 38.31 -0.37 -15.04
N ALA T 59 37.86 0.84 -15.39
CA ALA T 59 36.44 1.05 -15.70
C ALA T 59 36.05 0.36 -17.00
N GLU T 60 37.00 0.21 -17.93
CA GLU T 60 36.69 -0.49 -19.19
C GLU T 60 36.38 -1.96 -18.94
N ASN T 61 37.18 -2.63 -18.11
CA ASN T 61 36.96 -4.06 -17.86
C ASN T 61 35.73 -4.29 -17.00
N GLU T 62 35.48 -3.41 -16.02
CA GLU T 62 34.26 -3.51 -15.24
C GLU T 62 33.03 -3.38 -16.12
N GLU T 63 33.10 -2.53 -17.15
CA GLU T 63 31.99 -2.39 -18.09
C GLU T 63 31.80 -3.68 -18.90
N LEU T 64 32.91 -4.31 -19.32
CA LEU T 64 32.80 -5.52 -20.12
C LEU T 64 32.36 -6.70 -19.28
N ALA T 65 32.88 -6.82 -18.06
CA ALA T 65 32.54 -7.96 -17.21
C ALA T 65 31.05 -7.98 -16.88
N ARG T 66 30.44 -6.80 -16.73
CA ARG T 66 29.00 -6.74 -16.49
C ARG T 66 28.23 -7.11 -17.75
N TYR T 67 28.59 -6.51 -18.89
CA TYR T 67 27.83 -6.73 -20.11
C TYR T 67 28.00 -8.16 -20.63
N HIS T 68 29.22 -8.70 -20.56
CA HIS T 68 29.49 -10.07 -20.98
C HIS T 68 29.36 -11.07 -19.84
N SER T 69 28.53 -10.76 -18.84
CA SER T 69 28.36 -11.68 -17.72
C SER T 69 27.75 -13.02 -18.10
N PRO T 70 26.72 -13.10 -18.96
CA PRO T 70 26.22 -14.44 -19.32
C PRO T 70 27.29 -15.36 -19.90
N LEU T 71 28.21 -14.82 -20.70
CA LEU T 71 29.32 -15.63 -21.18
C LEU T 71 30.25 -16.02 -20.03
N ILE T 72 30.44 -15.12 -19.07
CA ILE T 72 31.30 -15.41 -17.93
C ILE T 72 30.64 -16.45 -17.03
N GLU T 73 29.32 -16.33 -16.81
CA GLU T 73 28.61 -17.32 -16.03
C GLU T 73 28.62 -18.70 -16.70
N SER T 74 28.82 -18.75 -18.01
CA SER T 74 28.89 -20.03 -18.70
C SER T 74 30.25 -20.68 -18.53
N SER T 75 31.32 -19.88 -18.53
CA SER T 75 32.66 -20.43 -18.37
C SER T 75 32.87 -21.02 -16.98
N LEU T 76 32.24 -20.44 -15.96
CA LEU T 76 32.37 -20.97 -14.60
C LEU T 76 31.66 -22.31 -14.47
N LEU T 77 30.44 -22.43 -15.00
CA LEU T 77 29.72 -23.69 -14.94
C LEU T 77 30.42 -24.76 -15.76
N SER T 78 31.08 -24.37 -16.87
CA SER T 78 31.82 -25.33 -17.66
C SER T 78 33.07 -25.84 -16.94
N THR T 79 33.57 -25.09 -15.97
CA THR T 79 34.77 -25.48 -15.22
C THR T 79 34.41 -26.21 -13.93
N PHE T 80 33.33 -25.79 -13.27
CA PHE T 80 32.95 -26.40 -11.99
C PHE T 80 32.52 -27.85 -12.17
N ALA T 81 31.64 -28.12 -13.13
CA ALA T 81 31.15 -29.47 -13.34
C ALA T 81 32.23 -30.43 -13.81
N SER T 82 33.41 -29.93 -14.19
CA SER T 82 34.52 -30.76 -14.60
C SER T 82 35.52 -31.00 -13.48
N ALA T 83 35.24 -30.52 -12.27
CA ALA T 83 36.10 -30.72 -11.12
C ALA T 83 35.56 -31.84 -10.25
N THR T 84 36.47 -32.62 -9.68
CA THR T 84 36.10 -33.77 -8.87
C THR T 84 35.96 -33.36 -7.40
N VAL T 85 35.42 -34.29 -6.61
CA VAL T 85 35.15 -34.00 -5.20
C VAL T 85 36.44 -33.85 -4.42
N ASP T 86 37.46 -34.65 -4.76
CA ASP T 86 38.75 -34.54 -4.09
C ASP T 86 39.41 -33.19 -4.32
N GLN T 87 39.07 -32.51 -5.42
CA GLN T 87 39.58 -31.17 -5.65
C GLN T 87 38.78 -30.12 -4.91
N LEU T 88 37.45 -30.28 -4.86
CA LEU T 88 36.61 -29.33 -4.15
C LEU T 88 36.83 -29.40 -2.64
N ARG T 89 37.26 -30.56 -2.14
CA ARG T 89 37.46 -30.74 -0.72
C ARG T 89 38.84 -30.29 -0.24
N SER T 90 39.86 -30.46 -1.07
CA SER T 90 41.22 -30.10 -0.67
C SER T 90 41.41 -28.60 -0.80
N PRO T 91 41.70 -27.88 0.30
CA PRO T 91 41.94 -26.43 0.17
C PRO T 91 43.14 -26.11 -0.71
N THR T 92 44.18 -26.96 -0.66
CA THR T 92 45.31 -26.77 -1.55
C THR T 92 44.91 -26.96 -3.01
N GLY T 93 43.92 -27.82 -3.26
CA GLY T 93 43.42 -28.04 -4.60
C GLY T 93 42.25 -27.14 -4.93
N ARG T 94 41.58 -26.61 -3.90
CA ARG T 94 40.48 -25.69 -4.14
C ARG T 94 40.98 -24.35 -4.69
N VAL T 95 42.19 -23.95 -4.30
CA VAL T 95 42.80 -22.76 -4.89
C VAL T 95 43.11 -23.01 -6.36
N GLU T 96 43.49 -24.24 -6.71
CA GLU T 96 43.72 -24.58 -8.12
C GLU T 96 42.46 -24.36 -8.95
N LEU T 97 41.28 -24.61 -8.37
CA LEU T 97 40.04 -24.40 -9.11
C LEU T 97 39.78 -22.93 -9.34
N ARG T 98 40.08 -22.08 -8.35
CA ARG T 98 39.95 -20.63 -8.53
C ARG T 98 40.79 -20.14 -9.69
N ASP T 99 42.06 -20.52 -9.72
CA ASP T 99 42.94 -20.09 -10.81
C ASP T 99 42.61 -20.80 -12.12
N ARG T 100 42.02 -21.99 -12.05
CA ARG T 100 41.59 -22.67 -13.27
C ARG T 100 40.37 -21.98 -13.87
N ALA T 101 39.41 -21.59 -13.03
CA ALA T 101 38.23 -20.88 -13.54
C ALA T 101 38.58 -19.50 -14.08
N SER T 102 39.58 -18.84 -13.49
CA SER T 102 39.97 -17.52 -13.98
C SER T 102 40.60 -17.61 -15.36
N GLU T 103 41.53 -18.55 -15.56
CA GLU T 103 42.17 -18.70 -16.85
C GLU T 103 41.16 -19.13 -17.92
N ASP T 104 40.14 -19.88 -17.55
CA ASP T 104 39.12 -20.27 -18.52
C ASP T 104 38.26 -19.08 -18.93
N ILE T 105 38.00 -18.15 -18.03
CA ILE T 105 37.26 -16.95 -18.39
C ILE T 105 38.10 -16.04 -19.27
N LYS T 106 39.37 -15.84 -18.90
CA LYS T 106 40.26 -15.01 -19.70
C LYS T 106 40.42 -15.57 -21.10
N ALA T 107 40.57 -16.90 -21.22
CA ALA T 107 40.66 -17.52 -22.53
C ALA T 107 39.37 -17.37 -23.32
N ALA T 108 38.22 -17.37 -22.64
CA ALA T 108 36.95 -17.21 -23.32
C ALA T 108 36.77 -15.79 -23.83
N LEU T 109 37.00 -14.80 -22.95
CA LEU T 109 36.82 -13.41 -23.35
C LEU T 109 37.89 -12.95 -24.33
N ASN T 110 39.06 -13.59 -24.32
CA ASN T 110 40.06 -13.30 -25.34
C ASN T 110 39.61 -13.73 -26.73
N ALA T 111 38.66 -14.67 -26.82
CA ALA T 111 38.14 -15.12 -28.09
C ALA T 111 36.86 -14.39 -28.49
N ALA T 112 36.18 -13.74 -27.55
CA ALA T 112 34.94 -13.02 -27.82
C ALA T 112 35.16 -11.53 -28.06
N VAL T 113 36.02 -10.89 -27.27
CA VAL T 113 36.32 -9.47 -27.43
C VAL T 113 37.81 -9.20 -27.51
N GLY T 114 38.65 -10.22 -27.46
CA GLY T 114 40.08 -10.02 -27.56
C GLY T 114 40.72 -9.38 -26.35
N LYS T 115 40.09 -9.50 -25.17
CA LYS T 115 40.60 -8.87 -23.96
C LYS T 115 40.48 -9.82 -22.78
N PRO T 116 41.52 -9.91 -21.94
CA PRO T 116 41.44 -10.64 -20.66
C PRO T 116 40.80 -9.75 -19.59
N VAL T 117 39.46 -9.73 -19.60
CA VAL T 117 38.72 -8.71 -18.87
C VAL T 117 38.97 -8.81 -17.37
N ILE T 118 38.79 -10.00 -16.80
CA ILE T 118 38.85 -10.16 -15.35
C ILE T 118 40.30 -10.37 -14.92
N GLU T 119 40.53 -10.21 -13.61
CA GLU T 119 41.81 -10.54 -12.99
C GLU T 119 41.80 -11.91 -12.32
N LYS T 120 40.77 -12.20 -11.52
CA LYS T 120 40.63 -13.50 -10.90
C LYS T 120 39.19 -13.66 -10.40
N VAL T 121 38.80 -14.91 -10.21
CA VAL T 121 37.48 -15.26 -9.68
C VAL T 121 37.60 -15.36 -8.16
N LEU T 122 36.56 -14.91 -7.47
CA LEU T 122 36.53 -14.91 -6.01
C LEU T 122 35.38 -15.78 -5.52
N PHE T 123 35.64 -16.58 -4.49
CA PHE T 123 34.64 -17.41 -3.85
C PHE T 123 34.29 -16.82 -2.49
N THR T 124 33.03 -16.42 -2.32
CA THR T 124 32.57 -15.85 -1.06
C THR T 124 31.73 -16.80 -0.23
N ASP T 125 31.25 -17.90 -0.81
CA ASP T 125 30.50 -18.91 -0.08
C ASP T 125 30.70 -20.24 -0.78
N PHE T 126 30.84 -21.32 0.02
CA PHE T 126 31.21 -22.62 -0.52
C PHE T 126 30.70 -23.70 0.42
N VAL T 127 29.67 -24.44 -0.01
CA VAL T 127 29.16 -25.57 0.73
C VAL T 127 29.16 -26.80 -0.18
N ILE T 128 29.30 -27.97 0.42
CA ILE T 128 29.30 -29.24 -0.29
C ILE T 128 28.27 -30.12 0.39
N GLN T 129 27.04 -30.12 -0.12
CA GLN T 129 25.95 -30.88 0.48
C GLN T 129 25.99 -32.33 0.04
#